data_1Q3U
#
_entry.id   1Q3U
#
_cell.length_a   107.991
_cell.length_b   161.064
_cell.length_c   196.003
_cell.angle_alpha   90.00
_cell.angle_beta   90.00
_cell.angle_gamma   90.00
#
_symmetry.space_group_name_H-M   'P 21 21 21'
#
loop_
_entity.id
_entity.type
_entity.pdbx_description
1 polymer 'loxP DNA'
2 polymer 'loxP DNA'
3 polymer 'Cre recombinase'
4 non-polymer 'IODIDE ION'
5 non-polymer 'MAGNESIUM ION'
6 water water
#
loop_
_entity_poly.entity_id
_entity_poly.type
_entity_poly.pdbx_seq_one_letter_code
_entity_poly.pdbx_strand_id
1 'polydeoxyribonucleotide'
;(DC)(DG)(DA)(DT)(DA)(DA)(DC)(UMP)(DT)(DC)(DG)(DT)(DA)(DT)(DA)(DA)(DT)(DG)(DT)
(DA)(DT)(DG)(DC)(DT)(DA)(DT)(DA)(DC)(DG)(DA)(DA)(DG)(DT)(DT)(DA)(DT)(DC)
;
C,G
2 'polydeoxyribonucleotide'
;(DG)(DG)(DA)(DT)(DA)(DA)(DC)(DT)(DT)(DC)(DG)(DT)(DA)(DT)(DA)(DG)(DC)(DA)(DT)(DA)
(DC)(DA)(DT)(DT)(DA)(DT)(DA)(DC)(DG)(DA)(DA)(DG)(DT)(DT)(DA)(DT)(DC)
;
D,H
3 'polypeptide(L)'
;FQVPMSNLLTVHQNLPALPVDATSDEVRKNLMDMFRDRQAFSEHTWKMLLSVCRSWAAWCKLNNRKWFPAEPEDVRDYLL
YLQARGLAVKTIQQHLGQLNMLHRRSGLPRPSDSNAVSLVMRRIRKENVDAGERAKQALAFERTDFDQVRSLMENSDRCQ
DIRNLAFLGIAYNTLLRIAEIARIRVKDISRTDGGRMLIHIGRTKTLVSTAGVEKALSLGVTKLVERWISVSGVADDPNN
YLFCRVRKNGVAAPSATSQLSTRALEGIFEATHRLIYGAKDDSGQRYLAWSGHSARVGAARDMARAGVSIPEIMQAGGWT
NVNIVMNYIRNLDSETGAMVRLLEDGD
;
A,B,E,F
#
loop_
_chem_comp.id
_chem_comp.type
_chem_comp.name
_chem_comp.formula
DA DNA linking 2'-DEOXYADENOSINE-5'-MONOPHOSPHATE 'C10 H14 N5 O6 P'
DC DNA linking 2'-DEOXYCYTIDINE-5'-MONOPHOSPHATE 'C9 H14 N3 O7 P'
DG DNA linking 2'-DEOXYGUANOSINE-5'-MONOPHOSPHATE 'C10 H14 N5 O7 P'
DT DNA linking THYMIDINE-5'-MONOPHOSPHATE 'C10 H15 N2 O8 P'
IOD non-polymer 'IODIDE ION' 'I -1'
MG non-polymer 'MAGNESIUM ION' 'Mg 2'
UMP non-polymer '2'-DEOXYURIDINE 5'-MONOPHOSPHATE' 'C9 H13 N2 O8 P'
#
# COMPACT_ATOMS: atom_id res chain seq x y z
N1 UMP A 8 -7.50 -37.20 17.76
C2 UMP A 8 -8.77 -37.25 18.29
N3 UMP A 8 -8.94 -36.59 19.47
C4 UMP A 8 -7.99 -35.89 20.18
C5 UMP A 8 -6.69 -35.85 19.57
C6 UMP A 8 -6.50 -36.51 18.41
O2 UMP A 8 -9.67 -37.82 17.74
O4 UMP A 8 -8.31 -35.34 21.24
C1' UMP A 8 -7.24 -37.92 16.51
C2' UMP A 8 -7.53 -37.09 15.27
C3' UMP A 8 -6.35 -37.34 14.34
C4' UMP A 8 -5.24 -37.83 15.24
O3' UMP A 8 -6.62 -38.26 13.29
O4' UMP A 8 -5.85 -38.24 16.48
C5' UMP A 8 -4.26 -36.72 15.52
O5' UMP A 8 -3.27 -37.17 16.40
P UMP A 8 -1.92 -36.34 16.57
OP1 UMP A 8 -1.00 -36.70 15.47
OP2 UMP A 8 -2.33 -34.93 16.76
N1 UMP C 8 3.48 35.93 -21.17
C2 UMP C 8 3.52 35.86 -22.54
N3 UMP C 8 4.75 35.50 -23.07
C4 UMP C 8 5.89 35.22 -22.37
C5 UMP C 8 5.76 35.30 -20.94
C6 UMP C 8 4.58 35.65 -20.41
O2 UMP C 8 2.58 36.09 -23.26
O4 UMP C 8 6.93 35.00 -22.98
C1' UMP C 8 2.21 36.33 -20.55
C2' UMP C 8 1.71 35.38 -19.46
C3' UMP C 8 1.13 36.31 -18.39
C4' UMP C 8 1.94 37.58 -18.56
O3' UMP C 8 -0.25 36.63 -18.58
O4' UMP C 8 2.46 37.57 -19.91
C5' UMP C 8 3.05 37.79 -17.57
O5' UMP C 8 3.60 36.54 -17.19
P UMP C 8 4.32 36.43 -15.78
OP1 UMP C 8 3.35 36.84 -14.74
OP2 UMP C 8 4.96 35.10 -15.70
N ASN E 14 -41.41 11.49 10.73
CA ASN E 14 -40.05 11.29 10.14
C ASN E 14 -39.76 12.06 8.83
N LEU E 15 -39.68 11.33 7.72
CA LEU E 15 -39.39 11.86 6.37
C LEU E 15 -40.39 12.89 5.81
N PRO E 16 -39.91 13.84 4.98
CA PRO E 16 -40.72 14.91 4.35
C PRO E 16 -42.15 14.50 4.02
N ALA E 17 -42.31 13.56 3.09
CA ALA E 17 -43.65 13.08 2.70
C ALA E 17 -43.63 12.25 1.42
N LEU E 18 -43.43 10.94 1.54
CA LEU E 18 -43.43 10.09 0.36
C LEU E 18 -44.73 10.33 -0.42
N PRO E 19 -44.66 11.14 -1.51
CA PRO E 19 -45.82 11.47 -2.33
C PRO E 19 -46.67 10.26 -2.73
N VAL E 20 -47.93 10.35 -2.33
CA VAL E 20 -48.95 9.33 -2.57
C VAL E 20 -48.80 8.75 -3.99
N ASP E 21 -48.54 9.65 -4.94
CA ASP E 21 -48.35 9.28 -6.33
C ASP E 21 -46.92 8.78 -6.48
N ALA E 22 -45.99 9.74 -6.41
CA ALA E 22 -44.54 9.53 -6.55
C ALA E 22 -44.09 8.22 -5.92
N THR E 23 -44.19 8.20 -4.58
CA THR E 23 -43.81 7.03 -3.80
C THR E 23 -44.73 5.93 -4.28
N SER E 24 -44.17 4.77 -4.59
CA SER E 24 -45.04 3.70 -5.07
C SER E 24 -44.43 2.34 -5.44
N ASP E 25 -45.06 1.29 -4.89
CA ASP E 25 -44.70 -0.11 -5.11
C ASP E 25 -43.74 -0.64 -4.07
N GLU E 26 -42.63 -1.17 -4.54
CA GLU E 26 -41.62 -1.72 -3.66
C GLU E 26 -40.90 -0.62 -2.89
N VAL E 27 -41.16 0.63 -3.24
CA VAL E 27 -40.52 1.75 -2.54
C VAL E 27 -41.22 1.97 -1.20
N ARG E 28 -42.55 1.91 -1.18
CA ARG E 28 -43.28 2.08 0.07
C ARG E 28 -42.94 0.86 0.89
N LYS E 29 -42.74 -0.25 0.18
CA LYS E 29 -42.39 -1.52 0.80
C LYS E 29 -41.00 -1.38 1.41
N ASN E 30 -40.01 -1.17 0.55
CA ASN E 30 -38.63 -1.00 0.98
C ASN E 30 -38.49 0.06 2.06
N LEU E 31 -39.18 1.17 1.89
CA LEU E 31 -39.11 2.25 2.86
C LEU E 31 -39.56 1.74 4.22
N MET E 32 -40.62 0.94 4.22
CA MET E 32 -41.15 0.38 5.44
C MET E 32 -40.15 -0.55 6.10
N ASP E 33 -39.55 -1.43 5.29
CA ASP E 33 -38.55 -2.35 5.83
C ASP E 33 -37.47 -1.56 6.56
N MET E 34 -37.07 -0.44 5.97
CA MET E 34 -36.05 0.37 6.57
C MET E 34 -36.44 0.92 7.92
N PHE E 35 -37.70 1.25 8.13
CA PHE E 35 -38.11 1.74 9.44
C PHE E 35 -38.30 0.58 10.41
N ARG E 36 -38.58 -0.58 9.86
CA ARG E 36 -38.76 -1.76 10.67
C ARG E 36 -37.44 -2.02 11.36
N ASP E 37 -36.35 -1.95 10.60
CA ASP E 37 -35.02 -2.17 11.17
C ASP E 37 -34.24 -0.90 11.37
N ARG E 38 -34.94 0.18 11.73
CA ARG E 38 -34.27 1.45 11.93
C ARG E 38 -33.10 1.34 12.89
N GLN E 39 -33.11 0.32 13.73
CA GLN E 39 -32.02 0.11 14.67
C GLN E 39 -30.73 -0.31 13.93
N ALA E 40 -30.80 -0.38 12.61
CA ALA E 40 -29.62 -0.76 11.83
C ALA E 40 -28.69 0.44 11.64
N PHE E 41 -29.11 1.60 12.12
CA PHE E 41 -28.29 2.79 12.00
C PHE E 41 -28.30 3.60 13.26
N SER E 42 -27.18 4.25 13.53
CA SER E 42 -27.03 5.09 14.70
C SER E 42 -28.07 6.22 14.67
N GLU E 43 -28.45 6.70 15.84
CA GLU E 43 -29.42 7.78 15.88
C GLU E 43 -28.82 9.02 15.23
N HIS E 44 -27.52 9.24 15.38
CA HIS E 44 -26.88 10.40 14.75
C HIS E 44 -26.98 10.27 13.24
N THR E 45 -26.91 9.03 12.76
CA THR E 45 -27.02 8.80 11.34
C THR E 45 -28.44 9.20 10.95
N TRP E 46 -29.41 8.79 11.75
CA TRP E 46 -30.78 9.18 11.45
C TRP E 46 -30.93 10.69 11.53
N LYS E 47 -30.24 11.35 12.44
CA LYS E 47 -30.36 12.80 12.57
C LYS E 47 -29.95 13.51 11.28
N MET E 48 -28.81 13.10 10.72
CA MET E 48 -28.30 13.70 9.48
C MET E 48 -29.12 13.35 8.25
N LEU E 49 -29.63 12.13 8.17
CA LEU E 49 -30.47 11.72 7.05
C LEU E 49 -31.67 12.66 7.01
N LEU E 50 -32.34 12.77 8.15
CA LEU E 50 -33.50 13.63 8.27
C LEU E 50 -33.19 15.09 8.00
N SER E 51 -32.03 15.56 8.43
CA SER E 51 -31.65 16.94 8.20
C SER E 51 -31.49 17.20 6.71
N VAL E 52 -30.72 16.34 6.04
CA VAL E 52 -30.51 16.49 4.61
C VAL E 52 -31.82 16.48 3.84
N CYS E 53 -32.68 15.50 4.10
CA CYS E 53 -33.96 15.46 3.40
C CYS E 53 -34.69 16.79 3.58
N ARG E 54 -34.78 17.25 4.82
CA ARG E 54 -35.41 18.54 5.11
C ARG E 54 -34.81 19.59 4.19
N SER E 55 -33.49 19.73 4.28
CA SER E 55 -32.73 20.69 3.49
C SER E 55 -33.01 20.62 2.00
N TRP E 56 -33.06 19.39 1.48
CA TRP E 56 -33.31 19.15 0.08
C TRP E 56 -34.79 19.42 -0.28
N ALA E 57 -35.68 18.99 0.61
CA ALA E 57 -37.12 19.21 0.39
C ALA E 57 -37.41 20.71 0.40
N ALA E 58 -36.71 21.46 1.23
CA ALA E 58 -36.95 22.88 1.31
C ALA E 58 -36.44 23.54 0.05
N TRP E 59 -35.28 23.13 -0.42
CA TRP E 59 -34.73 23.72 -1.64
C TRP E 59 -35.68 23.42 -2.78
N CYS E 60 -36.16 22.18 -2.80
CA CYS E 60 -37.11 21.72 -3.82
C CYS E 60 -38.37 22.57 -3.88
N LYS E 61 -39.00 22.80 -2.75
CA LYS E 61 -40.21 23.60 -2.76
C LYS E 61 -39.90 24.97 -3.31
N LEU E 62 -38.89 25.60 -2.73
CA LEU E 62 -38.50 26.92 -3.15
C LEU E 62 -38.15 27.03 -4.63
N ASN E 63 -37.69 25.93 -5.22
CA ASN E 63 -37.29 25.92 -6.62
C ASN E 63 -38.20 25.10 -7.50
N ASN E 64 -39.36 24.73 -6.97
CA ASN E 64 -40.34 23.98 -7.72
C ASN E 64 -39.82 22.70 -8.32
N ARG E 65 -39.24 21.83 -7.51
CA ARG E 65 -38.72 20.58 -8.03
C ARG E 65 -39.33 19.43 -7.26
N LYS E 66 -39.43 18.26 -7.90
CA LYS E 66 -39.99 17.10 -7.24
C LYS E 66 -38.88 16.54 -6.34
N TRP E 67 -39.16 16.38 -5.05
CA TRP E 67 -38.13 15.90 -4.15
C TRP E 67 -37.92 14.41 -4.08
N PHE E 68 -38.81 13.61 -4.67
CA PHE E 68 -38.60 12.18 -4.59
C PHE E 68 -39.41 11.36 -5.57
N PRO E 69 -38.76 10.52 -6.38
CA PRO E 69 -37.32 10.28 -6.46
C PRO E 69 -36.67 11.53 -7.00
N ALA E 70 -35.37 11.67 -6.78
CA ALA E 70 -34.67 12.85 -7.23
C ALA E 70 -34.12 12.72 -8.66
N GLU E 71 -34.43 13.69 -9.51
CA GLU E 71 -33.95 13.68 -10.88
C GLU E 71 -32.49 14.10 -10.82
N PRO E 72 -31.63 13.48 -11.63
CA PRO E 72 -30.22 13.86 -11.58
C PRO E 72 -29.97 15.35 -11.84
N GLU E 73 -30.64 15.90 -12.83
CA GLU E 73 -30.48 17.30 -13.18
C GLU E 73 -30.83 18.25 -12.01
N ASP E 74 -31.75 17.86 -11.14
CA ASP E 74 -32.12 18.69 -10.00
C ASP E 74 -31.12 18.53 -8.89
N VAL E 75 -30.65 17.30 -8.69
CA VAL E 75 -29.66 17.04 -7.65
C VAL E 75 -28.38 17.78 -8.00
N ARG E 76 -28.16 17.96 -9.30
CA ARG E 76 -26.99 18.67 -9.73
C ARG E 76 -27.18 20.14 -9.40
N ASP E 77 -28.37 20.67 -9.69
CA ASP E 77 -28.62 22.06 -9.41
C ASP E 77 -28.46 22.32 -7.92
N TYR E 78 -28.98 21.39 -7.13
CA TYR E 78 -28.92 21.50 -5.69
C TYR E 78 -27.48 21.43 -5.20
N LEU E 79 -26.69 20.57 -5.81
CA LEU E 79 -25.30 20.46 -5.40
C LEU E 79 -24.55 21.77 -5.70
N LEU E 80 -24.79 22.37 -6.86
CA LEU E 80 -24.13 23.63 -7.18
C LEU E 80 -24.71 24.70 -6.25
N TYR E 81 -25.94 24.49 -5.82
CA TYR E 81 -26.57 25.43 -4.90
C TYR E 81 -25.84 25.45 -3.54
N LEU E 82 -25.52 24.25 -3.02
CA LEU E 82 -24.81 24.11 -1.75
C LEU E 82 -23.42 24.73 -1.87
N GLN E 83 -22.80 24.58 -3.03
CA GLN E 83 -21.49 25.14 -3.24
C GLN E 83 -21.57 26.66 -3.18
N ALA E 84 -22.55 27.25 -3.84
CA ALA E 84 -22.68 28.70 -3.82
C ALA E 84 -22.97 29.22 -2.41
N ARG E 85 -23.58 28.39 -1.58
CA ARG E 85 -23.88 28.80 -0.22
C ARG E 85 -22.60 28.84 0.59
N GLY E 86 -21.50 28.45 -0.02
CA GLY E 86 -20.24 28.47 0.69
C GLY E 86 -19.95 27.26 1.56
N LEU E 87 -20.75 26.21 1.47
CA LEU E 87 -20.49 25.02 2.27
C LEU E 87 -19.25 24.28 1.79
N ALA E 88 -18.74 23.44 2.67
CA ALA E 88 -17.55 22.66 2.41
C ALA E 88 -17.81 21.42 1.56
N VAL E 89 -16.77 20.97 0.86
CA VAL E 89 -16.89 19.77 0.03
C VAL E 89 -17.35 18.56 0.85
N LYS E 90 -16.84 18.43 2.09
CA LYS E 90 -17.21 17.32 2.97
C LYS E 90 -18.71 17.38 3.31
N THR E 91 -19.23 18.59 3.42
CA THR E 91 -20.63 18.80 3.76
C THR E 91 -21.48 18.42 2.55
N ILE E 92 -21.09 18.96 1.39
CA ILE E 92 -21.78 18.68 0.16
C ILE E 92 -21.82 17.18 -0.07
N GLN E 93 -20.73 16.52 0.27
CA GLN E 93 -20.64 15.08 0.11
C GLN E 93 -21.64 14.35 0.99
N GLN E 94 -21.88 14.90 2.19
CA GLN E 94 -22.83 14.31 3.13
C GLN E 94 -24.23 14.34 2.55
N HIS E 95 -24.62 15.50 2.02
CA HIS E 95 -25.94 15.66 1.43
C HIS E 95 -26.17 14.68 0.28
N LEU E 96 -25.16 14.50 -0.56
CA LEU E 96 -25.31 13.57 -1.66
C LEU E 96 -25.40 12.17 -1.07
N GLY E 97 -24.55 11.92 -0.09
CA GLY E 97 -24.52 10.62 0.55
C GLY E 97 -25.85 10.23 1.13
N GLN E 98 -26.47 11.13 1.89
CA GLN E 98 -27.77 10.84 2.51
C GLN E 98 -28.85 10.64 1.43
N LEU E 99 -28.75 11.40 0.35
CA LEU E 99 -29.69 11.27 -0.75
C LEU E 99 -29.48 9.90 -1.41
N ASN E 100 -28.23 9.44 -1.48
CA ASN E 100 -27.95 8.14 -2.08
C ASN E 100 -28.47 7.01 -1.21
N MET E 101 -28.40 7.21 0.10
CA MET E 101 -28.87 6.19 1.03
C MET E 101 -30.39 6.10 0.95
N LEU E 102 -31.03 7.25 1.05
CA LEU E 102 -32.47 7.32 1.01
C LEU E 102 -32.95 6.59 -0.24
N HIS E 103 -32.27 6.82 -1.35
CA HIS E 103 -32.67 6.17 -2.59
C HIS E 103 -32.33 4.68 -2.63
N ARG E 104 -31.06 4.33 -2.50
CA ARG E 104 -30.67 2.93 -2.54
C ARG E 104 -31.53 2.10 -1.59
N ARG E 105 -31.75 2.60 -0.38
CA ARG E 105 -32.53 1.88 0.61
C ARG E 105 -34.04 1.89 0.36
N SER E 106 -34.47 2.48 -0.74
CA SER E 106 -35.88 2.49 -1.04
C SER E 106 -36.03 1.78 -2.38
N GLY E 107 -34.92 1.18 -2.82
CA GLY E 107 -34.89 0.43 -4.05
C GLY E 107 -34.63 1.17 -5.33
N LEU E 108 -34.32 2.46 -5.26
CA LEU E 108 -34.10 3.20 -6.49
C LEU E 108 -32.65 3.51 -6.77
N PRO E 109 -32.34 3.84 -8.03
CA PRO E 109 -30.98 4.19 -8.45
C PRO E 109 -30.53 5.36 -7.57
N ARG E 110 -29.23 5.58 -7.46
CA ARG E 110 -28.77 6.67 -6.61
C ARG E 110 -28.24 7.81 -7.43
N PRO E 111 -28.37 9.06 -6.92
CA PRO E 111 -27.80 10.10 -7.78
C PRO E 111 -26.32 9.70 -7.73
N SER E 112 -25.43 10.56 -8.19
CA SER E 112 -24.00 10.18 -8.15
C SER E 112 -23.77 8.86 -8.89
N ASP E 113 -24.86 8.24 -9.34
CA ASP E 113 -24.79 7.01 -10.11
C ASP E 113 -25.14 7.48 -11.52
N SER E 114 -25.56 8.74 -11.59
CA SER E 114 -25.91 9.39 -12.85
C SER E 114 -24.68 10.15 -13.31
N ASN E 115 -24.42 10.13 -14.61
CA ASN E 115 -23.25 10.81 -15.14
C ASN E 115 -23.12 12.28 -14.70
N ALA E 116 -24.18 13.06 -14.87
CA ALA E 116 -24.14 14.46 -14.49
C ALA E 116 -23.72 14.69 -13.03
N VAL E 117 -24.40 14.05 -12.09
CA VAL E 117 -24.05 14.22 -10.69
C VAL E 117 -22.60 13.85 -10.37
N SER E 118 -22.11 12.78 -10.95
CA SER E 118 -20.73 12.43 -10.71
C SER E 118 -19.82 13.54 -11.19
N LEU E 119 -19.98 13.98 -12.44
CA LEU E 119 -19.14 15.02 -12.98
C LEU E 119 -19.19 16.35 -12.23
N VAL E 120 -20.34 16.71 -11.68
CA VAL E 120 -20.45 17.96 -10.97
C VAL E 120 -19.79 17.86 -9.61
N MET E 121 -19.88 16.69 -8.99
CA MET E 121 -19.26 16.51 -7.68
C MET E 121 -17.76 16.64 -7.85
N ARG E 122 -17.23 16.06 -8.92
CA ARG E 122 -15.80 16.12 -9.19
C ARG E 122 -15.41 17.58 -9.47
N ARG E 123 -16.19 18.27 -10.29
CA ARG E 123 -15.90 19.65 -10.61
C ARG E 123 -15.94 20.50 -9.34
N ILE E 124 -17.03 20.38 -8.59
CA ILE E 124 -17.18 21.14 -7.34
C ILE E 124 -15.98 20.88 -6.43
N ARG E 125 -15.57 19.62 -6.33
CA ARG E 125 -14.42 19.34 -5.48
C ARG E 125 -13.18 20.05 -6.00
N LYS E 126 -12.93 19.97 -7.30
CA LYS E 126 -11.72 20.61 -7.82
C LYS E 126 -11.78 22.11 -7.68
N GLU E 127 -12.86 22.72 -8.13
CA GLU E 127 -12.98 24.16 -8.03
C GLU E 127 -12.76 24.62 -6.58
N ASN E 128 -13.42 23.95 -5.64
CA ASN E 128 -13.30 24.29 -4.22
C ASN E 128 -11.91 24.17 -3.64
N VAL E 129 -11.22 23.08 -3.96
CA VAL E 129 -9.87 22.89 -3.47
C VAL E 129 -9.04 24.00 -4.05
N ASP E 130 -9.27 24.28 -5.34
CA ASP E 130 -8.55 25.34 -6.02
C ASP E 130 -8.87 26.71 -5.52
N ALA E 131 -9.81 26.82 -4.60
CA ALA E 131 -10.16 28.13 -4.06
C ALA E 131 -9.52 28.26 -2.68
N GLY E 132 -8.79 27.23 -2.28
CA GLY E 132 -8.12 27.30 -1.00
C GLY E 132 -8.83 26.65 0.16
N GLU E 133 -9.98 26.02 -0.08
CA GLU E 133 -10.70 25.37 1.01
C GLU E 133 -9.89 24.22 1.56
N ARG E 134 -9.80 24.12 2.89
CA ARG E 134 -9.06 23.04 3.52
C ARG E 134 -9.67 22.59 4.83
N ALA E 135 -9.59 21.29 5.06
CA ALA E 135 -10.13 20.68 6.26
C ALA E 135 -9.48 21.25 7.52
N LYS E 136 -10.21 21.22 8.63
CA LYS E 136 -9.70 21.74 9.88
C LYS E 136 -9.61 20.66 10.94
N GLN E 137 -9.06 21.01 12.09
CA GLN E 137 -8.99 20.08 13.20
C GLN E 137 -8.96 20.89 14.48
N ALA E 138 -9.37 20.27 15.56
CA ALA E 138 -9.42 20.93 16.85
C ALA E 138 -8.12 21.63 17.21
N LEU E 139 -8.27 22.74 17.93
CA LEU E 139 -7.15 23.52 18.42
C LEU E 139 -6.61 22.61 19.53
N ALA E 140 -5.31 22.34 19.52
CA ALA E 140 -4.76 21.42 20.51
C ALA E 140 -4.75 21.97 21.90
N PHE E 141 -4.91 21.07 22.84
CA PHE E 141 -4.91 21.36 24.27
C PHE E 141 -3.79 20.41 24.68
N GLU E 142 -2.56 20.91 24.63
CA GLU E 142 -1.41 20.09 24.95
C GLU E 142 -1.02 20.18 26.42
N ARG E 143 -0.03 19.38 26.80
CA ARG E 143 0.47 19.33 28.17
C ARG E 143 0.69 20.71 28.77
N THR E 144 1.30 21.59 28.01
CA THR E 144 1.61 22.91 28.51
C THR E 144 0.36 23.76 28.75
N ASP E 145 -0.78 23.33 28.25
CA ASP E 145 -2.03 24.05 28.49
C ASP E 145 -2.66 23.53 29.78
N PHE E 146 -2.60 22.22 29.95
CA PHE E 146 -3.12 21.57 31.14
C PHE E 146 -2.41 22.13 32.37
N ASP E 147 -1.10 22.32 32.26
CA ASP E 147 -0.36 22.86 33.38
C ASP E 147 -0.79 24.29 33.69
N GLN E 148 -0.85 25.15 32.70
CA GLN E 148 -1.25 26.50 32.98
C GLN E 148 -2.69 26.52 33.54
N VAL E 149 -3.61 25.87 32.83
CA VAL E 149 -4.98 25.82 33.29
C VAL E 149 -5.09 25.27 34.72
N ARG E 150 -4.24 24.29 35.04
CA ARG E 150 -4.23 23.69 36.37
C ARG E 150 -3.71 24.64 37.43
N SER E 151 -2.60 25.31 37.13
CA SER E 151 -2.00 26.23 38.09
C SER E 151 -2.98 27.31 38.51
N LEU E 152 -4.03 27.50 37.72
CA LEU E 152 -5.01 28.51 38.02
C LEU E 152 -6.23 27.95 38.75
N MET E 153 -6.76 26.84 38.26
CA MET E 153 -7.97 26.25 38.85
C MET E 153 -7.80 25.38 40.07
N GLU E 154 -6.62 24.81 40.27
CA GLU E 154 -6.41 23.96 41.42
C GLU E 154 -6.69 24.68 42.73
N ASN E 155 -6.59 26.01 42.74
CA ASN E 155 -6.82 26.80 43.95
C ASN E 155 -8.27 27.17 44.20
N SER E 156 -9.15 26.81 43.28
CA SER E 156 -10.56 27.15 43.43
C SER E 156 -11.33 26.09 44.22
N ASP E 157 -12.30 26.54 44.98
CA ASP E 157 -13.13 25.65 45.78
C ASP E 157 -14.46 25.44 45.11
N ARG E 158 -14.77 26.31 44.16
CA ARG E 158 -16.01 26.24 43.41
C ARG E 158 -16.17 24.80 42.96
N CYS E 159 -17.33 24.22 43.21
CA CYS E 159 -17.56 22.85 42.83
C CYS E 159 -17.35 22.68 41.33
N GLN E 160 -17.79 23.69 40.58
CA GLN E 160 -17.66 23.71 39.13
C GLN E 160 -16.19 23.63 38.69
N ASP E 161 -15.35 24.48 39.26
CA ASP E 161 -13.94 24.46 38.91
C ASP E 161 -13.30 23.13 39.31
N ILE E 162 -13.72 22.56 40.43
CA ILE E 162 -13.13 21.28 40.80
C ILE E 162 -13.56 20.22 39.83
N ARG E 163 -14.82 20.28 39.38
CA ARG E 163 -15.30 19.31 38.42
C ARG E 163 -14.64 19.47 37.07
N ASN E 164 -14.63 20.69 36.57
CA ASN E 164 -14.05 21.02 35.27
C ASN E 164 -12.56 20.72 35.15
N LEU E 165 -11.82 20.82 36.25
CA LEU E 165 -10.39 20.54 36.20
C LEU E 165 -10.17 19.04 36.17
N ALA E 166 -11.08 18.28 36.78
CA ALA E 166 -10.95 16.82 36.79
C ALA E 166 -11.26 16.30 35.41
N PHE E 167 -12.24 16.92 34.76
CA PHE E 167 -12.63 16.53 33.42
C PHE E 167 -11.46 16.72 32.46
N LEU E 168 -10.79 17.87 32.57
CA LEU E 168 -9.66 18.18 31.71
C LEU E 168 -8.54 17.18 31.95
N GLY E 169 -8.20 16.93 33.21
CA GLY E 169 -7.17 15.95 33.50
C GLY E 169 -7.53 14.62 32.85
N ILE E 170 -8.72 14.10 33.14
CA ILE E 170 -9.14 12.83 32.56
C ILE E 170 -9.18 12.85 31.02
N ALA E 171 -9.65 13.97 30.46
CA ALA E 171 -9.73 14.08 28.99
C ALA E 171 -8.35 13.98 28.35
N TYR E 172 -7.39 14.68 28.95
CA TYR E 172 -6.03 14.70 28.45
C TYR E 172 -5.26 13.42 28.75
N ASN E 173 -5.49 12.88 29.93
CA ASN E 173 -4.80 11.68 30.36
C ASN E 173 -5.23 10.43 29.59
N THR E 174 -6.52 10.24 29.42
CA THR E 174 -7.04 9.06 28.75
C THR E 174 -7.31 9.11 27.24
N LEU E 175 -7.33 10.33 26.69
CA LEU E 175 -7.62 10.55 25.27
C LEU E 175 -9.02 10.05 24.85
N LEU E 176 -9.93 9.87 25.81
CA LEU E 176 -11.29 9.40 25.52
C LEU E 176 -12.15 10.46 24.81
N ARG E 177 -13.12 10.01 24.02
CA ARG E 177 -14.01 10.93 23.33
C ARG E 177 -15.02 11.43 24.38
N ILE E 178 -15.64 12.59 24.17
CA ILE E 178 -16.56 13.09 25.18
C ILE E 178 -17.73 12.16 25.45
N ALA E 179 -18.30 11.61 24.38
CA ALA E 179 -19.42 10.70 24.49
C ALA E 179 -19.08 9.62 25.51
N GLU E 180 -17.82 9.21 25.50
CA GLU E 180 -17.29 8.19 26.39
C GLU E 180 -17.10 8.70 27.80
N ILE E 181 -16.64 9.94 27.96
CA ILE E 181 -16.45 10.46 29.31
C ILE E 181 -17.81 10.63 29.97
N ALA E 182 -18.78 11.12 29.20
CA ALA E 182 -20.11 11.32 29.74
C ALA E 182 -20.76 10.03 30.21
N ARG E 183 -20.28 8.89 29.71
CA ARG E 183 -20.84 7.59 30.09
C ARG E 183 -20.18 6.93 31.30
N ILE E 184 -19.05 7.47 31.73
CA ILE E 184 -18.37 6.87 32.87
C ILE E 184 -19.20 6.96 34.16
N ARG E 185 -19.45 5.82 34.81
CA ARG E 185 -20.17 5.89 36.07
C ARG E 185 -19.24 5.42 37.19
N VAL E 186 -19.41 6.03 38.37
CA VAL E 186 -18.56 5.76 39.53
C VAL E 186 -18.02 4.34 39.66
N LYS E 187 -18.88 3.34 39.51
CA LYS E 187 -18.46 1.96 39.66
C LYS E 187 -17.44 1.50 38.62
N ASP E 188 -17.22 2.30 37.59
CA ASP E 188 -16.28 1.96 36.53
C ASP E 188 -14.89 2.38 36.92
N ILE E 189 -14.74 2.87 38.14
CA ILE E 189 -13.44 3.32 38.62
C ILE E 189 -12.94 2.32 39.65
N SER E 190 -11.63 2.17 39.74
CA SER E 190 -11.02 1.23 40.70
C SER E 190 -9.60 1.69 40.99
N ARG E 191 -8.98 1.17 42.04
CA ARG E 191 -7.62 1.60 42.36
C ARG E 191 -6.58 0.59 41.93
N THR E 192 -5.35 1.06 41.73
CA THR E 192 -4.23 0.22 41.31
C THR E 192 -3.19 0.16 42.42
N ASP E 193 -2.32 -0.84 42.36
CA ASP E 193 -1.27 -1.00 43.36
C ASP E 193 -0.63 0.35 43.70
N GLY E 194 -0.34 1.14 42.66
CA GLY E 194 0.28 2.43 42.85
C GLY E 194 -0.59 3.46 43.55
N GLY E 195 -1.87 3.14 43.73
CA GLY E 195 -2.78 4.06 44.38
C GLY E 195 -3.38 5.03 43.39
N ARG E 196 -3.28 4.68 42.11
CA ARG E 196 -3.83 5.53 41.07
C ARG E 196 -5.09 4.91 40.46
N MET E 197 -5.98 5.75 39.98
CA MET E 197 -7.23 5.27 39.41
C MET E 197 -7.14 4.55 38.06
N LEU E 198 -8.08 3.64 37.86
CA LEU E 198 -8.18 2.88 36.63
C LEU E 198 -9.63 3.00 36.20
N ILE E 199 -9.87 3.61 35.04
CA ILE E 199 -11.22 3.80 34.54
C ILE E 199 -11.50 2.73 33.51
N HIS E 200 -12.64 2.05 33.66
CA HIS E 200 -13.01 0.99 32.74
C HIS E 200 -14.11 1.49 31.83
N ILE E 201 -13.91 1.36 30.53
CA ILE E 201 -14.92 1.81 29.59
C ILE E 201 -15.63 0.65 28.90
N GLY E 202 -16.88 0.44 29.28
CA GLY E 202 -17.67 -0.63 28.70
C GLY E 202 -18.66 -0.08 27.69
N ARG E 203 -19.19 -0.95 26.85
CA ARG E 203 -20.14 -0.54 25.80
C ARG E 203 -19.54 0.54 24.91
N THR E 204 -19.18 0.16 23.69
CA THR E 204 -18.61 1.10 22.73
C THR E 204 -19.59 1.31 21.57
N LYS E 205 -19.26 0.71 20.44
CA LYS E 205 -20.06 0.81 19.24
C LYS E 205 -19.40 -0.15 18.25
N THR E 206 -18.22 -0.62 18.64
CA THR E 206 -17.43 -1.54 17.84
C THR E 206 -17.18 -2.83 18.61
N LEU E 207 -17.08 -3.95 17.91
CA LEU E 207 -16.79 -5.23 18.56
C LEU E 207 -15.30 -5.25 18.89
N VAL E 208 -14.51 -4.58 18.05
CA VAL E 208 -13.07 -4.48 18.22
C VAL E 208 -12.74 -3.05 18.72
N SER E 209 -13.04 -2.80 19.99
CA SER E 209 -12.81 -1.50 20.60
C SER E 209 -11.34 -1.25 20.97
N THR E 210 -10.55 -0.88 19.98
CA THR E 210 -9.13 -0.60 20.15
C THR E 210 -8.84 0.46 21.23
N ALA E 211 -9.82 1.32 21.52
CA ALA E 211 -9.66 2.38 22.51
C ALA E 211 -8.88 1.87 23.71
N GLY E 212 -9.42 0.81 24.31
CA GLY E 212 -8.80 0.22 25.48
C GLY E 212 -9.86 0.06 26.56
N VAL E 213 -10.19 -1.17 26.91
CA VAL E 213 -11.20 -1.42 27.92
C VAL E 213 -10.90 -0.56 29.15
N GLU E 214 -9.63 -0.47 29.53
CA GLU E 214 -9.24 0.33 30.69
C GLU E 214 -8.17 1.39 30.44
N LYS E 215 -8.29 2.51 31.16
CA LYS E 215 -7.38 3.63 31.07
C LYS E 215 -6.90 3.99 32.46
N ALA E 216 -5.59 4.14 32.65
CA ALA E 216 -5.08 4.51 33.95
C ALA E 216 -4.84 6.00 34.04
N LEU E 217 -5.21 6.58 35.18
CA LEU E 217 -4.97 8.00 35.39
C LEU E 217 -3.64 8.15 36.14
N SER E 218 -2.95 9.26 35.93
CA SER E 218 -1.69 9.50 36.62
C SER E 218 -2.01 9.79 38.08
N LEU E 219 -0.98 9.93 38.91
CA LEU E 219 -1.21 10.23 40.31
C LEU E 219 -1.81 11.63 40.44
N GLY E 220 -1.28 12.57 39.69
CA GLY E 220 -1.78 13.93 39.74
C GLY E 220 -3.24 14.05 39.33
N VAL E 221 -3.59 13.44 38.20
CA VAL E 221 -4.95 13.50 37.70
C VAL E 221 -5.85 12.79 38.69
N THR E 222 -5.36 11.68 39.25
CA THR E 222 -6.14 10.92 40.23
C THR E 222 -6.58 11.84 41.37
N LYS E 223 -5.65 12.59 41.93
CA LYS E 223 -5.99 13.52 43.01
C LYS E 223 -7.10 14.47 42.57
N LEU E 224 -7.04 14.90 41.31
CA LEU E 224 -8.04 15.83 40.79
C LEU E 224 -9.42 15.21 40.70
N VAL E 225 -9.49 13.95 40.30
CA VAL E 225 -10.76 13.25 40.19
C VAL E 225 -11.28 12.89 41.59
N GLU E 226 -10.36 12.53 42.47
CA GLU E 226 -10.69 12.17 43.84
C GLU E 226 -11.35 13.34 44.55
N ARG E 227 -10.86 14.53 44.29
CA ARG E 227 -11.40 15.75 44.90
C ARG E 227 -12.80 16.08 44.38
N TRP E 228 -13.05 15.77 43.11
CA TRP E 228 -14.37 16.04 42.53
C TRP E 228 -15.38 15.08 43.13
N ILE E 229 -14.94 13.85 43.36
CA ILE E 229 -15.82 12.84 43.94
C ILE E 229 -16.15 13.21 45.38
N SER E 230 -15.16 13.70 46.10
CA SER E 230 -15.33 14.08 47.50
C SER E 230 -16.32 15.23 47.69
N VAL E 231 -16.29 16.18 46.78
CA VAL E 231 -17.14 17.37 46.86
C VAL E 231 -18.49 17.25 46.16
N SER E 232 -18.65 16.27 45.28
CA SER E 232 -19.91 16.13 44.57
C SER E 232 -20.79 15.04 45.15
N GLY E 233 -20.17 14.15 45.91
CA GLY E 233 -20.90 13.04 46.50
C GLY E 233 -21.53 12.16 45.45
N VAL E 234 -20.82 11.91 44.37
CA VAL E 234 -21.34 11.05 43.32
C VAL E 234 -21.19 9.62 43.78
N ALA E 235 -20.27 9.40 44.70
CA ALA E 235 -20.02 8.06 45.22
C ALA E 235 -21.20 7.52 46.03
N ASP E 236 -22.18 8.38 46.31
CA ASP E 236 -23.35 7.98 47.07
C ASP E 236 -24.07 6.79 46.45
N ASP E 237 -23.73 6.50 45.20
CA ASP E 237 -24.32 5.38 44.48
C ASP E 237 -23.35 5.01 43.38
N PRO E 238 -22.88 3.76 43.39
CA PRO E 238 -21.93 3.34 42.36
C PRO E 238 -22.48 3.44 40.94
N ASN E 239 -23.77 3.72 40.81
CA ASN E 239 -24.36 3.83 39.49
C ASN E 239 -24.46 5.24 38.96
N ASN E 240 -24.04 6.20 39.78
CA ASN E 240 -24.02 7.60 39.41
C ASN E 240 -22.94 7.77 38.37
N TYR E 241 -23.14 8.70 37.44
CA TYR E 241 -22.12 8.98 36.45
C TYR E 241 -21.07 9.85 37.14
N LEU E 242 -19.81 9.71 36.76
CA LEU E 242 -18.73 10.47 37.37
C LEU E 242 -18.98 11.97 37.29
N PHE E 243 -19.44 12.44 36.13
CA PHE E 243 -19.71 13.86 35.96
C PHE E 243 -21.18 14.16 35.84
N CYS E 244 -21.58 15.20 36.54
CA CYS E 244 -22.96 15.65 36.58
C CYS E 244 -22.97 17.17 36.60
N ARG E 245 -24.14 17.73 36.82
CA ARG E 245 -24.32 19.17 36.84
C ARG E 245 -23.92 19.80 38.16
N VAL E 246 -23.75 21.11 38.10
CA VAL E 246 -23.43 21.92 39.26
C VAL E 246 -24.10 23.23 38.96
N ARG E 247 -25.11 23.56 39.76
CA ARG E 247 -25.89 24.75 39.56
C ARG E 247 -25.38 26.06 40.13
N LYS E 248 -26.14 27.09 39.79
CA LYS E 248 -25.94 28.48 40.20
C LYS E 248 -25.39 28.59 41.62
N ASN E 249 -25.94 27.78 42.53
CA ASN E 249 -25.56 27.80 43.93
C ASN E 249 -24.32 26.97 44.27
N GLY E 250 -23.65 26.46 43.24
CA GLY E 250 -22.47 25.65 43.46
C GLY E 250 -22.73 24.27 44.01
N VAL E 251 -23.93 23.74 43.78
CA VAL E 251 -24.27 22.41 44.30
C VAL E 251 -24.36 21.37 43.19
N ALA E 252 -23.54 20.33 43.29
CA ALA E 252 -23.55 19.26 42.30
C ALA E 252 -24.86 18.49 42.39
N ALA E 253 -25.18 17.73 41.36
CA ALA E 253 -26.44 16.97 41.34
C ALA E 253 -26.28 15.59 40.73
N PRO E 254 -25.74 14.64 41.47
CA PRO E 254 -25.55 13.28 40.97
C PRO E 254 -26.82 12.68 40.41
N SER E 255 -26.65 11.72 39.50
CA SER E 255 -27.76 11.02 38.87
C SER E 255 -27.22 9.74 38.25
N ALA E 256 -28.08 8.74 38.10
CA ALA E 256 -27.64 7.50 37.51
C ALA E 256 -28.46 7.25 36.25
N THR E 257 -29.36 8.18 35.97
CA THR E 257 -30.21 8.07 34.80
C THR E 257 -29.86 9.11 33.76
N SER E 258 -29.27 10.20 34.22
CA SER E 258 -28.91 11.28 33.31
C SER E 258 -27.42 11.62 33.36
N GLN E 259 -26.76 11.60 32.21
CA GLN E 259 -25.35 11.96 32.16
C GLN E 259 -25.28 13.37 31.63
N LEU E 260 -24.11 14.00 31.75
CA LEU E 260 -23.93 15.35 31.24
C LEU E 260 -23.99 15.27 29.71
N SER E 261 -24.51 16.30 29.06
CA SER E 261 -24.59 16.27 27.62
C SER E 261 -23.24 16.65 27.02
N THR E 262 -22.82 15.94 25.98
CA THR E 262 -21.55 16.21 25.34
C THR E 262 -21.41 17.69 25.02
N ARG E 263 -22.54 18.34 24.80
CA ARG E 263 -22.55 19.76 24.51
C ARG E 263 -21.91 20.50 25.68
N ALA E 264 -22.33 20.14 26.89
CA ALA E 264 -21.85 20.74 28.12
C ALA E 264 -20.36 20.51 28.35
N LEU E 265 -19.88 19.30 28.04
CA LEU E 265 -18.46 19.00 28.18
C LEU E 265 -17.74 19.92 27.18
N GLU E 266 -18.21 19.95 25.94
CA GLU E 266 -17.62 20.84 24.94
C GLU E 266 -17.60 22.24 25.54
N GLY E 267 -18.62 22.58 26.30
CA GLY E 267 -18.66 23.88 26.92
C GLY E 267 -17.54 24.09 27.92
N ILE E 268 -17.12 23.03 28.61
CA ILE E 268 -16.04 23.15 29.58
C ILE E 268 -14.74 23.52 28.91
N PHE E 269 -14.49 22.94 27.74
CA PHE E 269 -13.28 23.27 27.00
C PHE E 269 -13.41 24.70 26.52
N GLU E 270 -14.58 25.06 26.01
CA GLU E 270 -14.77 26.41 25.50
C GLU E 270 -14.60 27.42 26.60
N ALA E 271 -15.16 27.12 27.75
CA ALA E 271 -15.10 28.00 28.91
C ALA E 271 -13.71 28.11 29.54
N THR E 272 -13.00 26.99 29.61
CA THR E 272 -11.69 27.01 30.20
C THR E 272 -10.72 27.81 29.33
N HIS E 273 -10.97 27.81 28.02
CA HIS E 273 -10.14 28.55 27.06
C HIS E 273 -10.50 30.01 27.16
N ARG E 274 -11.74 30.30 27.51
CA ARG E 274 -12.19 31.68 27.61
C ARG E 274 -11.62 32.34 28.85
N LEU E 275 -11.52 31.55 29.91
CA LEU E 275 -10.98 31.98 31.19
C LEU E 275 -9.57 32.53 31.05
N ILE E 276 -8.78 31.85 30.21
CA ILE E 276 -7.40 32.21 29.97
C ILE E 276 -7.13 33.18 28.82
N TYR E 277 -7.85 33.04 27.72
CA TYR E 277 -7.57 33.90 26.58
C TYR E 277 -8.61 34.95 26.24
N GLY E 278 -9.73 34.94 26.95
CA GLY E 278 -10.77 35.91 26.71
C GLY E 278 -11.81 35.47 25.71
N ALA E 279 -12.76 36.36 25.45
CA ALA E 279 -13.85 36.10 24.52
C ALA E 279 -13.32 35.68 23.17
N LYS E 280 -14.16 34.96 22.44
CA LYS E 280 -13.81 34.44 21.14
C LYS E 280 -13.82 35.52 20.06
N ASP E 281 -12.97 35.33 19.07
CA ASP E 281 -12.84 36.23 17.94
C ASP E 281 -14.22 36.62 17.38
N ASP E 282 -14.25 37.54 16.43
CA ASP E 282 -15.53 37.98 15.86
C ASP E 282 -16.03 37.16 14.68
N SER E 283 -15.10 36.67 13.86
CA SER E 283 -15.48 35.86 12.71
C SER E 283 -16.23 34.66 13.22
N GLY E 284 -16.90 33.95 12.32
CA GLY E 284 -17.63 32.78 12.77
C GLY E 284 -16.78 31.56 12.55
N GLN E 285 -15.47 31.72 12.71
CA GLN E 285 -14.55 30.62 12.52
C GLN E 285 -14.69 29.47 13.51
N ARG E 286 -14.43 28.28 13.01
CA ARG E 286 -14.50 27.06 13.78
C ARG E 286 -13.13 26.85 14.46
N TYR E 287 -13.14 26.31 15.67
CA TYR E 287 -11.92 26.05 16.42
C TYR E 287 -11.11 27.23 16.96
N LEU E 288 -11.76 28.30 17.38
CA LEU E 288 -11.04 29.44 17.92
C LEU E 288 -10.73 29.24 19.40
N ALA E 289 -11.23 28.13 19.96
CA ALA E 289 -11.02 27.78 21.35
C ALA E 289 -11.11 26.27 21.42
N TRP E 290 -10.65 25.70 22.53
CA TRP E 290 -10.68 24.27 22.67
C TRP E 290 -12.07 23.67 22.52
N SER E 291 -12.10 22.44 22.01
CA SER E 291 -13.36 21.73 21.84
C SER E 291 -13.14 20.32 22.38
N GLY E 292 -14.10 19.42 22.16
CA GLY E 292 -14.00 18.07 22.67
C GLY E 292 -12.97 17.14 22.08
N HIS E 293 -12.14 17.62 21.16
CA HIS E 293 -11.13 16.77 20.56
C HIS E 293 -9.76 17.36 20.78
N SER E 294 -9.74 18.55 21.37
CA SER E 294 -8.50 19.25 21.63
C SER E 294 -7.50 18.46 22.47
N ALA E 295 -7.96 17.66 23.43
CA ALA E 295 -7.02 16.89 24.24
C ALA E 295 -6.36 15.76 23.45
N ARG E 296 -7.19 15.05 22.68
CA ARG E 296 -6.69 13.93 21.88
C ARG E 296 -5.58 14.43 20.95
N VAL E 297 -5.84 15.56 20.28
CA VAL E 297 -4.87 16.14 19.37
C VAL E 297 -3.62 16.57 20.10
N GLY E 298 -3.79 17.26 21.22
CA GLY E 298 -2.66 17.71 22.00
C GLY E 298 -1.86 16.54 22.54
N ALA E 299 -2.54 15.51 23.05
CA ALA E 299 -1.84 14.36 23.60
C ALA E 299 -1.03 13.64 22.52
N ALA E 300 -1.60 13.54 21.33
CA ALA E 300 -0.88 12.87 20.27
C ALA E 300 0.41 13.63 20.02
N ARG E 301 0.31 14.95 20.01
CA ARG E 301 1.46 15.80 19.77
C ARG E 301 2.49 15.69 20.91
N ASP E 302 2.04 15.57 22.14
CA ASP E 302 3.01 15.47 23.23
C ASP E 302 3.78 14.16 23.16
N MET E 303 3.05 13.08 22.93
CA MET E 303 3.66 11.76 22.82
C MET E 303 4.66 11.71 21.67
N ALA E 304 4.31 12.37 20.56
CA ALA E 304 5.20 12.39 19.42
C ALA E 304 6.47 13.12 19.82
N ARG E 305 6.33 14.30 20.39
CA ARG E 305 7.49 15.09 20.80
C ARG E 305 8.34 14.32 21.78
N ALA E 306 7.70 13.48 22.59
CA ALA E 306 8.40 12.67 23.59
C ALA E 306 9.05 11.44 22.99
N GLY E 307 8.85 11.20 21.70
CA GLY E 307 9.46 10.04 21.09
C GLY E 307 8.70 8.72 21.15
N VAL E 308 7.46 8.73 21.62
CA VAL E 308 6.68 7.51 21.69
C VAL E 308 6.47 6.98 20.28
N SER E 309 6.41 5.66 20.12
CA SER E 309 6.24 5.09 18.78
C SER E 309 4.84 5.31 18.26
N ILE E 310 4.64 5.18 16.95
CA ILE E 310 3.31 5.37 16.40
C ILE E 310 2.33 4.34 16.93
N PRO E 311 2.69 3.04 16.90
CA PRO E 311 1.76 2.04 17.42
C PRO E 311 1.39 2.36 18.86
N GLU E 312 2.37 2.82 19.63
CA GLU E 312 2.11 3.12 21.01
C GLU E 312 1.23 4.37 21.20
N ILE E 313 1.30 5.30 20.26
CA ILE E 313 0.50 6.50 20.32
C ILE E 313 -0.92 6.12 19.94
N MET E 314 -1.06 5.44 18.80
CA MET E 314 -2.38 5.02 18.34
C MET E 314 -3.09 4.18 19.39
N GLN E 315 -2.34 3.38 20.14
CA GLN E 315 -2.95 2.55 21.16
C GLN E 315 -3.45 3.39 22.33
N ALA E 316 -2.69 4.41 22.64
CA ALA E 316 -3.02 5.29 23.75
C ALA E 316 -4.34 6.02 23.58
N GLY E 317 -4.67 6.37 22.35
CA GLY E 317 -5.91 7.07 22.11
C GLY E 317 -6.93 6.26 21.35
N GLY E 318 -6.67 4.96 21.17
CA GLY E 318 -7.60 4.10 20.46
C GLY E 318 -7.74 4.36 18.98
N TRP E 319 -6.71 4.92 18.37
CA TRP E 319 -6.73 5.22 16.95
C TRP E 319 -6.56 3.94 16.13
N THR E 320 -6.93 3.99 14.87
CA THR E 320 -6.84 2.83 14.00
C THR E 320 -6.43 3.27 12.62
N ASN E 321 -6.43 4.58 12.40
CA ASN E 321 -6.11 5.15 11.10
C ASN E 321 -4.86 6.01 11.21
N VAL E 322 -3.68 5.44 11.00
CA VAL E 322 -2.47 6.25 11.11
C VAL E 322 -2.60 7.61 10.44
N ASN E 323 -3.33 7.65 9.33
CA ASN E 323 -3.51 8.90 8.61
C ASN E 323 -3.95 10.05 9.50
N ILE E 324 -4.78 9.77 10.50
CA ILE E 324 -5.27 10.82 11.40
C ILE E 324 -4.21 11.28 12.41
N VAL E 325 -3.48 10.34 13.00
CA VAL E 325 -2.44 10.69 13.95
C VAL E 325 -1.30 11.44 13.21
N MET E 326 -1.05 11.08 11.95
CA MET E 326 -0.01 11.76 11.22
C MET E 326 -0.51 13.18 10.94
N ASN E 327 -1.82 13.32 10.81
CA ASN E 327 -2.39 14.63 10.56
C ASN E 327 -2.19 15.51 11.79
N TYR E 328 -2.32 14.91 12.96
CA TYR E 328 -2.17 15.63 14.20
C TYR E 328 -0.72 16.01 14.55
N ILE E 329 0.26 15.35 13.95
CA ILE E 329 1.64 15.67 14.26
C ILE E 329 2.46 16.09 13.05
N ARG E 330 1.80 16.47 11.95
CA ARG E 330 2.52 16.85 10.72
C ARG E 330 3.43 18.07 10.80
N ASN E 331 3.07 19.04 11.63
CA ASN E 331 3.87 20.25 11.74
C ASN E 331 5.00 20.15 12.76
N LEU E 332 5.21 18.97 13.32
CA LEU E 332 6.32 18.81 14.28
C LEU E 332 7.61 18.75 13.47
N ASP E 333 8.71 19.19 14.05
CA ASP E 333 10.00 19.18 13.37
C ASP E 333 10.46 17.74 13.17
N SER E 334 10.08 16.86 14.08
CA SER E 334 10.49 15.47 13.96
C SER E 334 9.86 14.81 12.75
N GLU E 335 9.02 15.55 12.04
CA GLU E 335 8.33 15.03 10.85
C GLU E 335 8.60 15.88 9.62
N THR E 336 9.70 16.62 9.61
CA THR E 336 10.02 17.49 8.48
C THR E 336 10.52 16.79 7.21
N GLY E 337 11.12 15.62 7.33
CA GLY E 337 11.56 14.91 6.13
C GLY E 337 13.02 14.64 5.83
N ALA E 338 13.25 13.96 4.71
CA ALA E 338 14.58 13.60 4.27
C ALA E 338 15.39 14.74 3.64
N MET E 339 14.73 15.66 2.92
CA MET E 339 15.47 16.75 2.30
C MET E 339 15.97 17.74 3.35
N VAL E 340 15.16 18.02 4.37
CA VAL E 340 15.56 18.96 5.40
C VAL E 340 16.80 18.40 6.07
N ARG E 341 16.75 17.12 6.39
CA ARG E 341 17.87 16.45 7.02
C ARG E 341 19.11 16.64 6.14
N LEU E 342 18.97 16.25 4.87
CA LEU E 342 20.01 16.33 3.85
C LEU E 342 20.59 17.73 3.68
N LEU E 343 19.74 18.75 3.76
CA LEU E 343 20.21 20.11 3.59
C LEU E 343 20.92 20.59 4.82
N GLU E 344 20.29 20.40 5.98
CA GLU E 344 20.89 20.83 7.22
C GLU E 344 21.89 19.79 7.69
N ASP E 345 21.99 18.70 6.94
CA ASP E 345 22.91 17.62 7.30
C ASP E 345 22.60 17.06 8.68
N SER F 24 -33.37 -24.05 -11.01
CA SER F 24 -33.03 -23.88 -12.46
C SER F 24 -32.06 -24.97 -12.92
N ASP F 25 -31.50 -24.78 -14.11
CA ASP F 25 -30.54 -25.72 -14.67
C ASP F 25 -29.13 -25.15 -14.62
N GLU F 26 -28.99 -23.90 -15.07
CA GLU F 26 -27.69 -23.24 -15.04
C GLU F 26 -27.24 -23.14 -13.60
N VAL F 27 -28.20 -23.00 -12.69
CA VAL F 27 -27.91 -22.92 -11.26
C VAL F 27 -27.32 -24.23 -10.75
N ARG F 28 -27.99 -25.33 -11.04
CA ARG F 28 -27.51 -26.64 -10.61
C ARG F 28 -26.13 -26.86 -11.20
N LYS F 29 -25.93 -26.42 -12.43
CA LYS F 29 -24.63 -26.58 -13.09
C LYS F 29 -23.53 -25.85 -12.34
N ASN F 30 -23.70 -24.53 -12.18
CA ASN F 30 -22.73 -23.71 -11.47
C ASN F 30 -22.39 -24.29 -10.11
N LEU F 31 -23.37 -24.94 -9.48
CA LEU F 31 -23.19 -25.55 -8.18
C LEU F 31 -22.23 -26.74 -8.23
N MET F 32 -22.50 -27.69 -9.12
CA MET F 32 -21.65 -28.87 -9.25
C MET F 32 -20.26 -28.47 -9.69
N ASP F 33 -20.17 -27.42 -10.50
CA ASP F 33 -18.88 -26.89 -10.97
C ASP F 33 -18.08 -26.38 -9.77
N MET F 34 -18.78 -25.84 -8.78
CA MET F 34 -18.14 -25.34 -7.56
C MET F 34 -17.74 -26.56 -6.77
N PHE F 35 -18.66 -27.52 -6.65
CA PHE F 35 -18.38 -28.74 -5.91
C PHE F 35 -17.29 -29.55 -6.59
N ARG F 36 -17.29 -29.56 -7.93
CA ARG F 36 -16.31 -30.30 -8.69
C ARG F 36 -14.90 -29.94 -8.25
N ASP F 37 -14.54 -28.68 -8.44
CA ASP F 37 -13.22 -28.19 -8.06
C ASP F 37 -13.27 -27.63 -6.65
N ARG F 38 -13.95 -28.32 -5.73
CA ARG F 38 -14.07 -27.82 -4.38
C ARG F 38 -12.74 -27.65 -3.69
N GLN F 39 -11.68 -28.12 -4.34
CA GLN F 39 -10.33 -28.01 -3.79
C GLN F 39 -9.80 -26.58 -3.95
N ALA F 40 -10.44 -25.81 -4.83
CA ALA F 40 -10.03 -24.44 -5.08
C ALA F 40 -10.26 -23.61 -3.82
N PHE F 41 -11.13 -24.11 -2.95
CA PHE F 41 -11.43 -23.43 -1.71
C PHE F 41 -10.83 -24.17 -0.53
N SER F 42 -10.98 -23.61 0.65
CA SER F 42 -10.43 -24.22 1.85
C SER F 42 -11.29 -25.35 2.39
N GLU F 43 -10.64 -26.27 3.08
CA GLU F 43 -11.32 -27.40 3.70
C GLU F 43 -12.34 -26.85 4.69
N HIS F 44 -11.91 -25.87 5.48
CA HIS F 44 -12.74 -25.24 6.48
C HIS F 44 -13.91 -24.48 5.85
N THR F 45 -13.71 -23.93 4.67
CA THR F 45 -14.78 -23.21 4.02
C THR F 45 -15.93 -24.18 3.77
N TRP F 46 -15.63 -25.35 3.22
CA TRP F 46 -16.66 -26.33 2.96
C TRP F 46 -17.24 -26.85 4.27
N LYS F 47 -16.38 -27.20 5.22
CA LYS F 47 -16.85 -27.69 6.50
C LYS F 47 -17.96 -26.76 7.00
N MET F 48 -17.76 -25.46 6.81
CA MET F 48 -18.72 -24.47 7.27
C MET F 48 -19.94 -24.25 6.38
N LEU F 49 -19.74 -24.23 5.07
CA LEU F 49 -20.87 -24.08 4.16
C LEU F 49 -21.90 -25.12 4.59
N LEU F 50 -21.43 -26.35 4.74
CA LEU F 50 -22.27 -27.46 5.15
C LEU F 50 -22.93 -27.22 6.49
N SER F 51 -22.11 -27.09 7.54
CA SER F 51 -22.60 -26.87 8.88
C SER F 51 -23.74 -25.87 8.86
N VAL F 52 -23.52 -24.73 8.23
CA VAL F 52 -24.55 -23.70 8.15
C VAL F 52 -25.77 -24.25 7.40
N CYS F 53 -25.54 -24.80 6.21
CA CYS F 53 -26.66 -25.34 5.44
C CYS F 53 -27.59 -26.31 6.18
N ARG F 54 -27.05 -27.13 7.07
CA ARG F 54 -27.89 -28.05 7.83
C ARG F 54 -28.74 -27.21 8.76
N SER F 55 -28.06 -26.37 9.53
CA SER F 55 -28.70 -25.49 10.50
C SER F 55 -29.86 -24.74 9.87
N TRP F 56 -29.61 -24.21 8.68
CA TRP F 56 -30.60 -23.46 7.94
C TRP F 56 -31.70 -24.43 7.51
N ALA F 57 -31.32 -25.51 6.83
CA ALA F 57 -32.28 -26.52 6.37
C ALA F 57 -33.20 -26.98 7.50
N ALA F 58 -32.59 -27.35 8.63
CA ALA F 58 -33.34 -27.77 9.80
C ALA F 58 -34.43 -26.73 10.11
N TRP F 59 -33.99 -25.52 10.43
CA TRP F 59 -34.87 -24.41 10.74
C TRP F 59 -35.95 -24.19 9.66
N CYS F 60 -35.55 -24.16 8.40
CA CYS F 60 -36.49 -23.97 7.31
C CYS F 60 -37.61 -25.00 7.36
N LYS F 61 -37.22 -26.26 7.60
CA LYS F 61 -38.16 -27.36 7.69
C LYS F 61 -39.08 -27.20 8.88
N LEU F 62 -38.51 -27.12 10.08
CA LEU F 62 -39.29 -26.96 11.31
C LEU F 62 -40.16 -25.70 11.30
N ASN F 63 -40.00 -24.87 10.28
CA ASN F 63 -40.75 -23.63 10.15
C ASN F 63 -41.46 -23.57 8.81
N ASN F 64 -41.22 -24.57 7.98
CA ASN F 64 -41.85 -24.67 6.68
C ASN F 64 -41.50 -23.57 5.70
N ARG F 65 -40.22 -23.45 5.38
CA ARG F 65 -39.75 -22.45 4.42
C ARG F 65 -38.84 -23.11 3.39
N LYS F 66 -38.96 -22.70 2.13
CA LYS F 66 -38.14 -23.26 1.07
C LYS F 66 -36.68 -22.83 1.27
N TRP F 67 -35.85 -23.70 1.84
CA TRP F 67 -34.45 -23.37 2.11
C TRP F 67 -33.60 -22.96 0.90
N PHE F 68 -34.12 -23.11 -0.31
CA PHE F 68 -33.35 -22.71 -1.48
C PHE F 68 -34.16 -22.60 -2.76
N PRO F 69 -34.11 -21.45 -3.43
CA PRO F 69 -33.34 -20.28 -3.02
C PRO F 69 -33.92 -19.72 -1.72
N ALA F 70 -33.07 -19.14 -0.88
CA ALA F 70 -33.52 -18.57 0.38
C ALA F 70 -34.19 -17.23 0.12
N GLU F 71 -35.37 -17.03 0.69
CA GLU F 71 -36.09 -15.78 0.49
C GLU F 71 -35.78 -14.80 1.62
N PRO F 72 -35.60 -13.53 1.26
CA PRO F 72 -35.29 -12.43 2.18
C PRO F 72 -35.88 -12.53 3.58
N GLU F 73 -37.21 -12.54 3.67
CA GLU F 73 -37.87 -12.61 4.97
C GLU F 73 -37.53 -13.85 5.75
N ASP F 74 -37.24 -14.96 5.07
CA ASP F 74 -36.91 -16.19 5.77
C ASP F 74 -35.50 -16.10 6.37
N VAL F 75 -34.55 -15.58 5.61
CA VAL F 75 -33.20 -15.42 6.10
C VAL F 75 -33.23 -14.36 7.22
N ARG F 76 -34.20 -13.45 7.15
CA ARG F 76 -34.32 -12.41 8.18
C ARG F 76 -34.81 -12.98 9.50
N ASP F 77 -35.84 -13.82 9.44
CA ASP F 77 -36.37 -14.43 10.65
C ASP F 77 -35.28 -15.33 11.18
N TYR F 78 -34.65 -16.05 10.27
CA TYR F 78 -33.58 -16.97 10.63
C TYR F 78 -32.44 -16.28 11.38
N LEU F 79 -31.97 -15.14 10.90
CA LEU F 79 -30.88 -14.46 11.61
C LEU F 79 -31.41 -13.98 12.96
N LEU F 80 -32.64 -13.48 12.98
CA LEU F 80 -33.20 -13.02 14.24
C LEU F 80 -33.27 -14.19 15.23
N TYR F 81 -33.52 -15.39 14.68
CA TYR F 81 -33.60 -16.62 15.47
C TYR F 81 -32.26 -16.98 16.10
N LEU F 82 -31.20 -16.88 15.30
CA LEU F 82 -29.85 -17.17 15.79
C LEU F 82 -29.52 -16.15 16.86
N GLN F 83 -29.91 -14.90 16.61
CA GLN F 83 -29.65 -13.85 17.59
C GLN F 83 -30.31 -14.28 18.90
N ALA F 84 -31.57 -14.70 18.79
CA ALA F 84 -32.35 -15.13 19.96
C ALA F 84 -31.68 -16.27 20.72
N ARG F 85 -31.06 -17.20 19.99
CA ARG F 85 -30.39 -18.32 20.62
C ARG F 85 -29.13 -17.86 21.37
N GLY F 86 -28.86 -16.56 21.33
CA GLY F 86 -27.70 -16.04 22.02
C GLY F 86 -26.35 -16.23 21.33
N LEU F 87 -26.36 -16.50 20.03
CA LEU F 87 -25.11 -16.69 19.30
C LEU F 87 -24.39 -15.37 19.11
N ALA F 88 -23.10 -15.44 18.79
CA ALA F 88 -22.31 -14.23 18.60
C ALA F 88 -22.60 -13.54 17.28
N VAL F 89 -22.13 -12.29 17.17
CA VAL F 89 -22.33 -11.52 15.97
C VAL F 89 -21.49 -12.14 14.85
N LYS F 90 -20.24 -12.48 15.19
CA LYS F 90 -19.36 -13.11 14.21
C LYS F 90 -20.04 -14.42 13.74
N THR F 91 -20.58 -15.18 14.69
CA THR F 91 -21.24 -16.44 14.37
C THR F 91 -22.41 -16.20 13.43
N ILE F 92 -23.21 -15.18 13.75
CA ILE F 92 -24.39 -14.86 12.94
C ILE F 92 -24.01 -14.36 11.57
N GLN F 93 -22.92 -13.62 11.49
CA GLN F 93 -22.47 -13.12 10.19
C GLN F 93 -21.99 -14.27 9.33
N GLN F 94 -21.47 -15.32 9.99
CA GLN F 94 -20.96 -16.51 9.30
C GLN F 94 -22.08 -17.25 8.55
N HIS F 95 -23.20 -17.49 9.22
CA HIS F 95 -24.28 -18.19 8.52
C HIS F 95 -24.72 -17.35 7.34
N LEU F 96 -25.06 -16.09 7.62
CA LEU F 96 -25.48 -15.18 6.57
C LEU F 96 -24.45 -15.18 5.46
N GLY F 97 -23.19 -15.08 5.87
CA GLY F 97 -22.10 -15.07 4.92
C GLY F 97 -22.08 -16.29 4.03
N GLN F 98 -22.16 -17.47 4.64
CA GLN F 98 -22.19 -18.72 3.89
C GLN F 98 -23.41 -18.79 2.98
N LEU F 99 -24.57 -18.39 3.47
CA LEU F 99 -25.75 -18.42 2.62
C LEU F 99 -25.44 -17.59 1.39
N ASN F 100 -24.75 -16.48 1.61
CA ASN F 100 -24.42 -15.62 0.48
C ASN F 100 -23.54 -16.33 -0.53
N MET F 101 -22.48 -16.97 -0.03
CA MET F 101 -21.56 -17.68 -0.91
C MET F 101 -22.34 -18.66 -1.78
N LEU F 102 -23.19 -19.46 -1.14
CA LEU F 102 -23.97 -20.45 -1.84
C LEU F 102 -24.79 -19.85 -2.98
N HIS F 103 -25.51 -18.77 -2.73
CA HIS F 103 -26.31 -18.15 -3.77
C HIS F 103 -25.51 -17.44 -4.87
N ARG F 104 -24.58 -16.58 -4.48
CA ARG F 104 -23.81 -15.85 -5.47
C ARG F 104 -23.03 -16.81 -6.36
N ARG F 105 -22.34 -17.73 -5.71
CA ARG F 105 -21.53 -18.70 -6.42
C ARG F 105 -22.38 -19.50 -7.39
N SER F 106 -23.68 -19.63 -7.09
CA SER F 106 -24.57 -20.39 -7.96
C SER F 106 -25.16 -19.55 -9.07
N GLY F 107 -24.99 -18.22 -9.00
CA GLY F 107 -25.52 -17.37 -10.05
C GLY F 107 -26.75 -16.57 -9.69
N LEU F 108 -27.34 -16.85 -8.54
CA LEU F 108 -28.53 -16.13 -8.08
C LEU F 108 -28.09 -14.92 -7.23
N PRO F 109 -29.03 -14.02 -6.94
CA PRO F 109 -28.70 -12.84 -6.12
C PRO F 109 -28.47 -13.27 -4.68
N ARG F 110 -27.79 -12.43 -3.90
CA ARG F 110 -27.49 -12.75 -2.50
C ARG F 110 -28.60 -12.33 -1.55
N PRO F 111 -28.86 -13.15 -0.51
CA PRO F 111 -29.92 -12.71 0.39
C PRO F 111 -29.56 -11.35 1.01
N SER F 112 -28.28 -11.00 0.97
CA SER F 112 -27.80 -9.72 1.50
C SER F 112 -28.04 -8.61 0.47
N ASP F 113 -28.42 -9.01 -0.74
CA ASP F 113 -28.71 -8.07 -1.79
C ASP F 113 -30.11 -7.50 -1.54
N SER F 114 -30.72 -7.92 -0.43
CA SER F 114 -32.05 -7.45 -0.06
C SER F 114 -32.08 -6.62 1.21
N ASN F 115 -32.74 -5.47 1.12
CA ASN F 115 -32.87 -4.57 2.24
C ASN F 115 -33.14 -5.23 3.60
N ALA F 116 -34.14 -6.11 3.65
CA ALA F 116 -34.49 -6.79 4.90
C ALA F 116 -33.34 -7.59 5.53
N VAL F 117 -32.59 -8.34 4.74
CA VAL F 117 -31.47 -9.11 5.28
C VAL F 117 -30.29 -8.21 5.67
N SER F 118 -29.85 -7.36 4.74
CA SER F 118 -28.72 -6.49 5.00
C SER F 118 -28.96 -5.56 6.19
N LEU F 119 -30.18 -5.07 6.33
CA LEU F 119 -30.49 -4.18 7.44
C LEU F 119 -30.62 -4.91 8.76
N VAL F 120 -31.15 -6.14 8.73
CA VAL F 120 -31.34 -6.89 9.95
C VAL F 120 -29.98 -7.26 10.52
N MET F 121 -29.07 -7.62 9.62
CA MET F 121 -27.73 -7.98 10.03
C MET F 121 -27.06 -6.82 10.77
N ARG F 122 -27.23 -5.61 10.24
CA ARG F 122 -26.67 -4.42 10.86
C ARG F 122 -27.30 -4.24 12.24
N ARG F 123 -28.62 -4.38 12.28
CA ARG F 123 -29.37 -4.22 13.51
C ARG F 123 -28.91 -5.14 14.62
N ILE F 124 -28.77 -6.42 14.30
CA ILE F 124 -28.34 -7.37 15.31
C ILE F 124 -26.98 -7.00 15.85
N ARG F 125 -26.04 -6.67 14.97
CA ARG F 125 -24.70 -6.27 15.43
C ARG F 125 -24.84 -5.15 16.45
N LYS F 126 -25.48 -4.06 16.02
CA LYS F 126 -25.67 -2.92 16.89
C LYS F 126 -26.39 -3.30 18.19
N GLU F 127 -27.49 -4.03 18.08
CA GLU F 127 -28.21 -4.43 19.28
C GLU F 127 -27.35 -5.23 20.26
N ASN F 128 -26.64 -6.24 19.76
CA ASN F 128 -25.79 -7.05 20.61
C ASN F 128 -24.62 -6.27 21.17
N VAL F 129 -23.99 -5.47 20.33
CA VAL F 129 -22.87 -4.68 20.79
C VAL F 129 -23.34 -3.81 21.94
N ASP F 130 -24.51 -3.20 21.77
CA ASP F 130 -25.06 -2.33 22.80
C ASP F 130 -25.38 -3.08 24.08
N ALA F 131 -26.02 -4.25 23.95
CA ALA F 131 -26.34 -5.03 25.13
C ALA F 131 -25.05 -5.44 25.83
N GLY F 132 -23.91 -5.11 25.23
CA GLY F 132 -22.63 -5.42 25.84
C GLY F 132 -21.76 -6.52 25.23
N GLU F 133 -22.23 -7.18 24.19
CA GLU F 133 -21.43 -8.25 23.58
C GLU F 133 -20.17 -7.70 22.96
N ARG F 134 -19.12 -8.50 22.92
CA ARG F 134 -17.86 -8.07 22.32
C ARG F 134 -16.99 -9.28 21.97
N ALA F 135 -16.39 -9.23 20.79
CA ALA F 135 -15.52 -10.31 20.32
C ALA F 135 -14.40 -10.51 21.31
N LYS F 136 -13.96 -11.77 21.44
CA LYS F 136 -12.89 -12.09 22.35
C LYS F 136 -11.62 -12.32 21.55
N GLN F 137 -10.55 -12.68 22.24
CA GLN F 137 -9.28 -12.96 21.58
C GLN F 137 -8.34 -13.76 22.48
N ALA F 138 -7.55 -14.63 21.88
CA ALA F 138 -6.63 -15.45 22.64
C ALA F 138 -5.95 -14.69 23.78
N LEU F 139 -5.74 -15.41 24.89
CA LEU F 139 -5.07 -14.87 26.06
C LEU F 139 -3.60 -14.75 25.66
N ALA F 140 -2.98 -13.63 26.01
CA ALA F 140 -1.59 -13.42 25.63
C ALA F 140 -0.56 -14.36 26.22
N PHE F 141 0.34 -14.80 25.37
CA PHE F 141 1.48 -15.64 25.75
C PHE F 141 2.63 -14.72 25.33
N GLU F 142 3.07 -13.87 26.26
CA GLU F 142 4.13 -12.91 25.97
C GLU F 142 5.54 -13.36 26.35
N ARG F 143 6.54 -12.59 25.96
CA ARG F 143 7.93 -12.89 26.28
C ARG F 143 8.08 -13.32 27.73
N THR F 144 7.50 -12.54 28.63
CA THR F 144 7.55 -12.83 30.04
C THR F 144 7.21 -14.28 30.30
N ASP F 145 6.14 -14.75 29.67
CA ASP F 145 5.67 -16.11 29.86
C ASP F 145 6.65 -17.13 29.28
N PHE F 146 7.16 -16.84 28.09
CA PHE F 146 8.10 -17.72 27.43
C PHE F 146 9.27 -18.04 28.35
N ASP F 147 9.95 -17.00 28.82
CA ASP F 147 11.08 -17.21 29.71
C ASP F 147 10.71 -18.16 30.84
N GLN F 148 9.64 -17.83 31.55
CA GLN F 148 9.18 -18.67 32.66
C GLN F 148 9.00 -20.12 32.20
N VAL F 149 8.27 -20.32 31.11
CA VAL F 149 8.05 -21.67 30.62
C VAL F 149 9.38 -22.34 30.25
N ARG F 150 10.28 -21.58 29.64
CA ARG F 150 11.57 -22.14 29.26
C ARG F 150 12.38 -22.51 30.51
N SER F 151 12.48 -21.59 31.47
CA SER F 151 13.21 -21.88 32.69
C SER F 151 12.26 -22.70 33.55
N LEU F 152 11.78 -23.80 33.00
CA LEU F 152 10.82 -24.62 33.71
C LEU F 152 10.69 -25.92 32.93
N MET F 153 11.36 -25.98 31.78
CA MET F 153 11.35 -27.16 30.93
C MET F 153 12.70 -27.26 30.23
N GLU F 154 13.47 -26.18 30.34
CA GLU F 154 14.79 -26.07 29.72
C GLU F 154 15.60 -27.35 29.86
N ASN F 155 15.49 -27.99 31.01
CA ASN F 155 16.25 -29.21 31.28
C ASN F 155 15.53 -30.50 30.92
N SER F 156 14.40 -30.75 31.59
CA SER F 156 13.61 -31.97 31.35
C SER F 156 14.07 -32.72 30.12
N ASP F 157 14.72 -33.86 30.35
CA ASP F 157 15.19 -34.67 29.23
C ASP F 157 14.00 -35.30 28.54
N ARG F 158 12.84 -35.22 29.18
CA ARG F 158 11.62 -35.78 28.63
C ARG F 158 11.46 -35.40 27.17
N CYS F 159 11.47 -36.40 26.29
CA CYS F 159 11.36 -36.15 24.87
C CYS F 159 10.16 -35.29 24.50
N GLN F 160 9.11 -35.31 25.30
CA GLN F 160 7.94 -34.49 24.97
C GLN F 160 8.10 -33.05 25.43
N ASP F 161 8.86 -32.83 26.49
CA ASP F 161 9.10 -31.48 27.00
C ASP F 161 10.01 -30.78 26.01
N ILE F 162 10.91 -31.56 25.40
CA ILE F 162 11.82 -31.03 24.40
C ILE F 162 10.97 -30.44 23.28
N ARG F 163 10.03 -31.24 22.79
CA ARG F 163 9.16 -30.81 21.71
C ARG F 163 8.36 -29.56 22.02
N ASN F 164 7.50 -29.66 23.01
CA ASN F 164 6.65 -28.54 23.40
C ASN F 164 7.40 -27.22 23.59
N LEU F 165 8.59 -27.28 24.19
CA LEU F 165 9.35 -26.05 24.41
C LEU F 165 9.88 -25.48 23.09
N ALA F 166 9.94 -26.31 22.05
CA ALA F 166 10.40 -25.85 20.75
C ALA F 166 9.22 -25.22 20.05
N PHE F 167 8.06 -25.85 20.16
CA PHE F 167 6.86 -25.33 19.53
C PHE F 167 6.65 -23.92 20.02
N LEU F 168 6.44 -23.78 21.32
CA LEU F 168 6.24 -22.46 21.89
C LEU F 168 7.32 -21.51 21.35
N GLY F 169 8.59 -21.86 21.50
CA GLY F 169 9.65 -20.99 20.99
C GLY F 169 9.45 -20.53 19.56
N ILE F 170 9.09 -21.47 18.68
CA ILE F 170 8.87 -21.12 17.29
C ILE F 170 7.59 -20.27 17.12
N ALA F 171 6.52 -20.67 17.81
CA ALA F 171 5.25 -19.95 17.73
C ALA F 171 5.38 -18.48 18.13
N TYR F 172 6.16 -18.22 19.17
CA TYR F 172 6.34 -16.85 19.63
C TYR F 172 7.34 -16.12 18.74
N ASN F 173 8.38 -16.82 18.32
CA ASN F 173 9.39 -16.18 17.50
C ASN F 173 8.85 -15.80 16.13
N THR F 174 8.04 -16.66 15.52
CA THR F 174 7.52 -16.38 14.18
C THR F 174 6.08 -15.87 14.05
N LEU F 175 5.30 -16.00 15.10
CA LEU F 175 3.89 -15.61 15.07
C LEU F 175 3.09 -16.41 14.06
N LEU F 176 3.64 -17.51 13.55
CA LEU F 176 2.88 -18.32 12.59
C LEU F 176 1.65 -18.88 13.29
N ARG F 177 0.63 -19.22 12.51
CA ARG F 177 -0.59 -19.81 13.06
C ARG F 177 -0.33 -21.31 13.24
N ILE F 178 -1.04 -21.95 14.16
CA ILE F 178 -0.82 -23.38 14.41
C ILE F 178 -0.91 -24.23 13.15
N ALA F 179 -1.99 -24.10 12.40
CA ALA F 179 -2.15 -24.89 11.18
C ALA F 179 -0.95 -24.74 10.26
N GLU F 180 -0.23 -23.63 10.43
CA GLU F 180 0.96 -23.36 9.63
C GLU F 180 2.17 -24.09 10.20
N ILE F 181 2.32 -24.06 11.51
CA ILE F 181 3.44 -24.72 12.18
C ILE F 181 3.32 -26.22 11.92
N ALA F 182 2.09 -26.71 12.00
CA ALA F 182 1.81 -28.11 11.78
C ALA F 182 2.28 -28.64 10.42
N ARG F 183 2.28 -27.78 9.41
CA ARG F 183 2.67 -28.20 8.07
C ARG F 183 4.16 -28.11 7.77
N ILE F 184 4.96 -27.72 8.75
CA ILE F 184 6.39 -27.61 8.50
C ILE F 184 7.07 -28.96 8.36
N ARG F 185 7.86 -29.12 7.30
CA ARG F 185 8.60 -30.36 7.07
C ARG F 185 10.06 -30.00 7.35
N VAL F 186 10.86 -31.01 7.68
CA VAL F 186 12.28 -30.81 7.97
C VAL F 186 13.02 -30.17 6.81
N LYS F 187 12.60 -30.47 5.59
CA LYS F 187 13.25 -29.92 4.41
C LYS F 187 13.06 -28.42 4.21
N ASP F 188 12.07 -27.85 4.90
CA ASP F 188 11.79 -26.42 4.79
C ASP F 188 12.67 -25.60 5.72
N ILE F 189 13.63 -26.26 6.36
CA ILE F 189 14.53 -25.57 7.27
C ILE F 189 15.88 -25.35 6.59
N SER F 190 16.48 -24.20 6.87
CA SER F 190 17.79 -23.85 6.33
C SER F 190 18.46 -22.95 7.35
N ARG F 191 19.55 -22.28 6.96
CA ARG F 191 20.22 -21.43 7.94
C ARG F 191 20.88 -20.19 7.36
N THR F 192 21.25 -19.28 8.25
CA THR F 192 21.90 -18.05 7.88
C THR F 192 23.38 -18.26 8.17
N ASP F 193 24.25 -17.52 7.50
CA ASP F 193 25.67 -17.66 7.75
C ASP F 193 25.91 -17.44 9.23
N GLY F 194 24.91 -16.86 9.90
CA GLY F 194 25.03 -16.59 11.31
C GLY F 194 24.64 -17.77 12.18
N GLY F 195 24.14 -18.84 11.56
CA GLY F 195 23.76 -20.01 12.31
C GLY F 195 22.31 -20.08 12.76
N ARG F 196 21.50 -19.11 12.34
CA ARG F 196 20.08 -19.07 12.69
C ARG F 196 19.23 -19.84 11.67
N MET F 197 18.16 -20.48 12.13
CA MET F 197 17.27 -21.24 11.25
C MET F 197 16.31 -20.38 10.44
N LEU F 198 16.00 -20.84 9.22
CA LEU F 198 15.07 -20.18 8.31
C LEU F 198 14.00 -21.21 7.99
N ILE F 199 12.77 -21.00 8.48
CA ILE F 199 11.69 -21.92 8.18
C ILE F 199 10.88 -21.37 7.02
N HIS F 200 10.88 -22.08 5.90
CA HIS F 200 10.14 -21.62 4.73
C HIS F 200 8.67 -21.97 4.87
N ILE F 201 7.82 -20.97 4.81
CA ILE F 201 6.41 -21.23 4.92
C ILE F 201 5.77 -21.02 3.55
N GLY F 202 5.07 -22.04 3.07
CA GLY F 202 4.45 -21.97 1.76
C GLY F 202 3.03 -21.45 1.76
N ARG F 203 2.20 -21.95 2.67
CA ARG F 203 0.82 -21.49 2.70
C ARG F 203 0.34 -21.03 4.07
N THR F 204 -0.19 -19.81 4.10
CA THR F 204 -0.74 -19.25 5.32
C THR F 204 -2.20 -18.93 5.02
N LYS F 205 -2.89 -18.33 5.97
CA LYS F 205 -4.30 -17.99 5.79
C LYS F 205 -4.52 -16.92 4.74
N THR F 206 -3.53 -16.05 4.55
CA THR F 206 -3.66 -14.96 3.59
C THR F 206 -2.85 -15.09 2.30
N LEU F 207 -2.01 -16.11 2.20
CA LEU F 207 -1.20 -16.29 1.01
C LEU F 207 -1.05 -17.73 0.59
N VAL F 208 -1.15 -17.97 -0.70
CA VAL F 208 -1.01 -19.30 -1.26
C VAL F 208 -0.17 -19.15 -2.54
N SER F 209 1.13 -19.09 -2.35
CA SER F 209 2.07 -18.90 -3.45
C SER F 209 3.25 -19.87 -3.46
N THR F 210 3.84 -20.05 -4.63
CA THR F 210 4.99 -20.93 -4.78
C THR F 210 6.25 -20.17 -4.41
N ALA F 211 6.07 -18.91 -3.99
CA ALA F 211 7.19 -18.08 -3.58
C ALA F 211 7.24 -18.06 -2.05
N GLY F 212 6.07 -18.21 -1.43
CA GLY F 212 5.97 -18.23 0.02
C GLY F 212 6.70 -17.12 0.76
N VAL F 213 7.23 -17.46 1.93
CA VAL F 213 7.95 -16.50 2.74
C VAL F 213 8.86 -17.27 3.70
N GLU F 214 9.90 -16.60 4.20
CA GLU F 214 10.86 -17.23 5.12
C GLU F 214 10.84 -16.59 6.51
N LYS F 215 10.55 -17.39 7.53
CA LYS F 215 10.53 -16.89 8.90
C LYS F 215 11.82 -17.34 9.61
N ALA F 216 12.57 -16.39 10.13
CA ALA F 216 13.84 -16.71 10.81
C ALA F 216 13.71 -16.83 12.33
N LEU F 217 14.44 -17.78 12.91
CA LEU F 217 14.39 -17.97 14.35
C LEU F 217 15.65 -17.35 14.93
N SER F 218 15.62 -17.04 16.23
CA SER F 218 16.79 -16.46 16.89
C SER F 218 17.78 -17.55 17.24
N LEU F 219 18.94 -17.17 17.78
CA LEU F 219 19.94 -18.14 18.17
C LEU F 219 19.40 -19.02 19.29
N GLY F 220 18.60 -18.44 20.18
CA GLY F 220 18.06 -19.20 21.27
C GLY F 220 17.02 -20.23 20.84
N VAL F 221 16.02 -19.79 20.10
CA VAL F 221 14.98 -20.71 19.66
C VAL F 221 15.51 -21.70 18.62
N THR F 222 16.41 -21.23 17.75
CA THR F 222 16.97 -22.13 16.74
C THR F 222 17.62 -23.29 17.49
N LYS F 223 18.13 -22.99 18.68
CA LYS F 223 18.76 -23.99 19.54
C LYS F 223 17.68 -24.93 20.05
N LEU F 224 16.63 -24.37 20.66
CA LEU F 224 15.53 -25.17 21.20
C LEU F 224 14.96 -26.13 20.15
N VAL F 225 15.08 -25.76 18.87
CA VAL F 225 14.57 -26.58 17.78
C VAL F 225 15.57 -27.66 17.39
N GLU F 226 16.86 -27.32 17.41
CA GLU F 226 17.88 -28.29 17.06
C GLU F 226 17.80 -29.49 18.01
N ARG F 227 17.73 -29.22 19.31
CA ARG F 227 17.65 -30.30 20.28
C ARG F 227 16.47 -31.22 20.01
N TRP F 228 15.33 -30.65 19.63
CA TRP F 228 14.18 -31.49 19.35
C TRP F 228 14.37 -32.31 18.07
N ILE F 229 15.02 -31.73 17.07
CA ILE F 229 15.26 -32.42 15.80
C ILE F 229 16.09 -33.70 15.99
N SER F 230 17.04 -33.66 16.93
CA SER F 230 17.86 -34.83 17.20
C SER F 230 17.00 -35.79 18.05
N VAL F 231 16.82 -35.45 19.31
CA VAL F 231 16.03 -36.26 20.21
C VAL F 231 14.85 -36.98 19.57
N SER F 232 14.17 -36.32 18.64
CA SER F 232 13.00 -36.91 17.99
C SER F 232 13.33 -37.73 16.75
N GLY F 233 14.49 -37.47 16.17
CA GLY F 233 14.89 -38.19 14.98
C GLY F 233 13.94 -37.96 13.83
N VAL F 234 13.47 -36.73 13.70
CA VAL F 234 12.55 -36.40 12.63
C VAL F 234 13.35 -36.11 11.39
N ALA F 235 14.60 -35.74 11.61
CA ALA F 235 15.51 -35.38 10.53
C ALA F 235 16.04 -36.51 9.66
N ASP F 236 15.65 -37.75 9.95
CA ASP F 236 16.13 -38.89 9.17
C ASP F 236 15.53 -38.93 7.76
N ASP F 237 14.49 -38.14 7.56
CA ASP F 237 13.84 -38.04 6.27
C ASP F 237 13.47 -36.57 6.12
N PRO F 238 14.04 -35.91 5.10
CA PRO F 238 13.73 -34.49 4.90
C PRO F 238 12.25 -34.19 4.72
N ASN F 239 11.48 -35.16 4.27
CA ASN F 239 10.04 -34.95 4.05
C ASN F 239 9.17 -35.10 5.30
N ASN F 240 9.80 -35.42 6.42
CA ASN F 240 9.10 -35.60 7.69
C ASN F 240 8.68 -34.25 8.28
N TYR F 241 7.45 -34.18 8.80
CA TYR F 241 7.02 -32.94 9.42
C TYR F 241 7.91 -32.69 10.63
N LEU F 242 8.21 -31.43 10.90
CA LEU F 242 9.08 -31.06 12.02
C LEU F 242 8.56 -31.53 13.39
N PHE F 243 7.26 -31.35 13.63
CA PHE F 243 6.68 -31.76 14.90
C PHE F 243 5.83 -33.01 14.73
N CYS F 244 6.04 -33.98 15.62
CA CYS F 244 5.28 -35.22 15.61
C CYS F 244 4.86 -35.56 17.02
N ARG F 245 3.99 -36.55 17.16
CA ARG F 245 3.48 -36.96 18.45
C ARG F 245 4.46 -37.84 19.21
N VAL F 246 4.40 -37.73 20.54
CA VAL F 246 5.25 -38.48 21.45
C VAL F 246 4.35 -39.34 22.35
N ARG F 247 4.55 -40.65 22.29
CA ARG F 247 3.75 -41.61 23.04
C ARG F 247 4.14 -41.71 24.52
N LYS F 248 3.23 -42.26 25.33
CA LYS F 248 3.46 -42.40 26.77
C LYS F 248 4.82 -42.92 27.22
N ASN F 249 5.57 -43.56 26.33
CA ASN F 249 6.89 -44.08 26.71
C ASN F 249 7.97 -43.03 26.49
N GLY F 250 7.62 -41.96 25.79
CA GLY F 250 8.58 -40.91 25.53
C GLY F 250 9.30 -41.15 24.22
N VAL F 251 8.56 -41.52 23.20
CA VAL F 251 9.18 -41.79 21.92
C VAL F 251 8.45 -41.12 20.76
N ALA F 252 9.19 -40.26 20.06
CA ALA F 252 8.66 -39.52 18.92
C ALA F 252 8.25 -40.50 17.83
N ALA F 253 7.28 -40.09 17.01
CA ALA F 253 6.80 -40.92 15.92
C ALA F 253 6.85 -40.11 14.63
N PRO F 254 8.06 -39.78 14.17
CA PRO F 254 8.22 -39.01 12.94
C PRO F 254 7.34 -39.53 11.82
N SER F 255 6.96 -38.64 10.92
CA SER F 255 6.12 -39.01 9.78
C SER F 255 6.14 -37.97 8.67
N ALA F 256 5.80 -38.42 7.46
CA ALA F 256 5.78 -37.53 6.30
C ALA F 256 4.42 -37.60 5.64
N THR F 257 3.50 -38.34 6.26
CA THR F 257 2.15 -38.47 5.72
C THR F 257 1.18 -37.80 6.66
N SER F 258 1.42 -37.98 7.95
CA SER F 258 0.55 -37.40 8.97
C SER F 258 1.26 -36.33 9.77
N GLN F 259 0.66 -35.14 9.83
CA GLN F 259 1.25 -34.05 10.59
C GLN F 259 0.52 -33.97 11.91
N LEU F 260 1.16 -33.39 12.91
CA LEU F 260 0.53 -33.28 14.21
C LEU F 260 -0.71 -32.40 14.02
N SER F 261 -1.80 -32.75 14.68
CA SER F 261 -3.03 -32.00 14.54
C SER F 261 -3.00 -30.66 15.28
N THR F 262 -3.73 -29.70 14.73
CA THR F 262 -3.81 -28.39 15.35
C THR F 262 -4.47 -28.53 16.72
N ARG F 263 -5.44 -29.43 16.82
CA ARG F 263 -6.10 -29.66 18.12
C ARG F 263 -5.02 -29.96 19.15
N ALA F 264 -3.98 -30.66 18.71
CA ALA F 264 -2.87 -31.03 19.57
C ALA F 264 -2.03 -29.82 19.91
N LEU F 265 -1.67 -29.04 18.90
CA LEU F 265 -0.87 -27.86 19.12
C LEU F 265 -1.58 -26.94 20.12
N GLU F 266 -2.91 -26.90 20.08
CA GLU F 266 -3.67 -26.07 21.02
C GLU F 266 -3.47 -26.67 22.41
N GLY F 267 -3.38 -27.99 22.42
CA GLY F 267 -3.18 -28.70 23.68
C GLY F 267 -1.89 -28.29 24.36
N ILE F 268 -0.81 -28.17 23.58
CA ILE F 268 0.45 -27.78 24.18
C ILE F 268 0.27 -26.48 24.95
N PHE F 269 -0.47 -25.54 24.37
CA PHE F 269 -0.70 -24.27 25.04
C PHE F 269 -1.49 -24.47 26.34
N GLU F 270 -2.55 -25.29 26.29
CA GLU F 270 -3.40 -25.51 27.47
C GLU F 270 -2.61 -26.20 28.57
N ALA F 271 -1.87 -27.21 28.17
CA ALA F 271 -1.07 -27.98 29.10
C ALA F 271 -0.02 -27.09 29.75
N THR F 272 0.73 -26.36 28.93
CA THR F 272 1.78 -25.49 29.45
C THR F 272 1.22 -24.44 30.39
N HIS F 273 -0.02 -24.01 30.11
CA HIS F 273 -0.66 -23.01 30.93
C HIS F 273 -1.07 -23.66 32.24
N ARG F 274 -1.63 -24.86 32.15
CA ARG F 274 -2.07 -25.60 33.34
C ARG F 274 -0.88 -25.94 34.23
N LEU F 275 0.25 -26.22 33.59
CA LEU F 275 1.47 -26.57 34.30
C LEU F 275 1.96 -25.42 35.19
N ILE F 276 1.42 -24.22 34.98
CA ILE F 276 1.85 -23.05 35.73
C ILE F 276 0.73 -22.37 36.53
N TYR F 277 -0.53 -22.57 36.12
CA TYR F 277 -1.66 -21.96 36.81
C TYR F 277 -2.70 -22.99 37.20
N GLY F 278 -2.47 -24.23 36.78
CA GLY F 278 -3.39 -25.30 37.11
C GLY F 278 -4.74 -25.27 36.42
N ALA F 279 -5.64 -26.11 36.91
CA ALA F 279 -7.00 -26.26 36.38
C ALA F 279 -7.67 -24.98 35.93
N LYS F 280 -8.21 -25.04 34.73
CA LYS F 280 -8.90 -23.93 34.12
C LYS F 280 -10.20 -23.71 34.87
N ASP F 281 -10.31 -22.55 35.52
CA ASP F 281 -11.51 -22.20 36.27
C ASP F 281 -12.79 -22.53 35.49
N ASP F 282 -13.33 -23.72 35.70
CA ASP F 282 -14.54 -24.12 34.98
C ASP F 282 -15.59 -23.02 35.03
N SER F 283 -15.66 -22.26 33.93
CA SER F 283 -16.61 -21.16 33.81
C SER F 283 -17.27 -21.21 32.43
N GLY F 284 -16.85 -22.17 31.62
CA GLY F 284 -17.42 -22.32 30.29
C GLY F 284 -16.93 -21.29 29.28
N GLN F 285 -16.23 -20.25 29.74
CA GLN F 285 -15.75 -19.21 28.86
C GLN F 285 -14.50 -19.63 28.09
N ARG F 286 -14.31 -19.07 26.90
CA ARG F 286 -13.13 -19.38 26.09
C ARG F 286 -11.96 -18.54 26.56
N TYR F 287 -10.79 -18.85 26.03
CA TYR F 287 -9.56 -18.14 26.34
C TYR F 287 -9.25 -17.99 27.82
N LEU F 288 -9.60 -19.02 28.60
CA LEU F 288 -9.30 -18.99 30.02
C LEU F 288 -7.84 -19.41 30.22
N ALA F 289 -7.27 -20.05 29.19
CA ALA F 289 -5.88 -20.48 29.21
C ALA F 289 -5.31 -20.19 27.83
N TRP F 290 -3.99 -20.32 27.66
CA TRP F 290 -3.40 -20.06 26.36
C TRP F 290 -4.00 -20.97 25.30
N SER F 291 -3.81 -20.60 24.03
CA SER F 291 -4.33 -21.38 22.91
C SER F 291 -3.60 -21.06 21.63
N GLY F 292 -4.08 -21.62 20.52
CA GLY F 292 -3.45 -21.41 19.23
C GLY F 292 -2.85 -20.03 18.95
N HIS F 293 -3.65 -18.99 19.10
CA HIS F 293 -3.21 -17.64 18.83
C HIS F 293 -2.48 -16.87 19.93
N SER F 294 -2.49 -17.42 21.13
CA SER F 294 -1.86 -16.76 22.27
C SER F 294 -0.48 -16.19 21.98
N ALA F 295 0.28 -16.85 21.11
CA ALA F 295 1.62 -16.36 20.82
C ALA F 295 1.59 -15.13 19.92
N ARG F 296 0.73 -15.12 18.90
CA ARG F 296 0.66 -13.96 18.02
C ARG F 296 0.26 -12.69 18.81
N VAL F 297 -0.84 -12.73 19.55
CA VAL F 297 -1.20 -11.53 20.24
C VAL F 297 -0.09 -11.16 21.20
N GLY F 298 0.43 -12.15 21.91
CA GLY F 298 1.51 -11.86 22.84
C GLY F 298 2.67 -11.19 22.13
N ALA F 299 3.15 -11.81 21.05
CA ALA F 299 4.28 -11.25 20.31
C ALA F 299 3.99 -9.84 19.84
N ALA F 300 2.79 -9.58 19.33
CA ALA F 300 2.46 -8.24 18.86
C ALA F 300 2.62 -7.29 20.02
N ARG F 301 1.96 -7.60 21.13
CA ARG F 301 2.04 -6.78 22.32
C ARG F 301 3.48 -6.52 22.76
N ASP F 302 4.36 -7.51 22.63
CA ASP F 302 5.74 -7.32 23.03
C ASP F 302 6.48 -6.38 22.10
N MET F 303 6.11 -6.36 20.83
CA MET F 303 6.76 -5.48 19.87
C MET F 303 6.29 -4.04 20.07
N ALA F 304 5.00 -3.87 20.29
CA ALA F 304 4.45 -2.54 20.50
C ALA F 304 5.20 -1.87 21.65
N ARG F 305 5.29 -2.56 22.78
CA ARG F 305 5.98 -2.01 23.94
C ARG F 305 7.45 -1.71 23.63
N ALA F 306 8.07 -2.54 22.80
CA ALA F 306 9.47 -2.35 22.47
C ALA F 306 9.68 -1.16 21.56
N GLY F 307 8.59 -0.62 21.02
CA GLY F 307 8.70 0.51 20.14
C GLY F 307 8.92 0.13 18.69
N VAL F 308 8.67 -1.14 18.34
CA VAL F 308 8.85 -1.57 16.96
C VAL F 308 7.93 -0.76 16.06
N SER F 309 8.36 -0.48 14.84
CA SER F 309 7.55 0.30 13.92
C SER F 309 6.38 -0.47 13.33
N ILE F 310 5.45 0.25 12.70
CA ILE F 310 4.31 -0.39 12.10
C ILE F 310 4.72 -1.32 10.96
N PRO F 311 5.63 -0.88 10.09
CA PRO F 311 5.98 -1.84 9.03
C PRO F 311 6.68 -3.10 9.54
N GLU F 312 7.50 -2.97 10.57
CA GLU F 312 8.18 -4.16 11.11
C GLU F 312 7.23 -5.08 11.87
N ILE F 313 6.18 -4.52 12.47
CA ILE F 313 5.23 -5.35 13.17
C ILE F 313 4.35 -6.10 12.18
N MET F 314 4.24 -5.59 10.95
CA MET F 314 3.44 -6.25 9.95
C MET F 314 4.22 -7.44 9.41
N GLN F 315 5.48 -7.21 9.06
CA GLN F 315 6.36 -8.25 8.54
C GLN F 315 6.34 -9.42 9.50
N ALA F 316 6.26 -9.10 10.78
CA ALA F 316 6.25 -10.08 11.84
C ALA F 316 5.10 -11.08 11.79
N GLY F 317 3.89 -10.58 11.59
CA GLY F 317 2.73 -11.47 11.56
C GLY F 317 2.06 -11.60 10.22
N GLY F 318 2.76 -11.19 9.16
CA GLY F 318 2.18 -11.29 7.84
C GLY F 318 0.93 -10.47 7.67
N TRP F 319 0.89 -9.31 8.29
CA TRP F 319 -0.24 -8.40 8.19
C TRP F 319 0.19 -7.29 7.22
N THR F 320 -0.77 -6.51 6.74
CA THR F 320 -0.46 -5.37 5.89
C THR F 320 -1.36 -4.20 6.27
N ASN F 321 -1.98 -4.28 7.44
CA ASN F 321 -2.85 -3.22 7.97
C ASN F 321 -2.69 -3.12 9.49
N VAL F 322 -2.52 -1.91 10.00
CA VAL F 322 -2.32 -1.71 11.44
C VAL F 322 -3.34 -2.38 12.34
N ASN F 323 -4.56 -2.52 11.85
CA ASN F 323 -5.64 -3.11 12.63
C ASN F 323 -5.31 -4.52 13.12
N ILE F 324 -6.08 -5.03 14.09
CA ILE F 324 -5.82 -6.35 14.66
C ILE F 324 -4.64 -6.21 15.62
N VAL F 325 -3.53 -5.66 15.12
CA VAL F 325 -2.38 -5.42 15.97
C VAL F 325 -2.92 -4.45 17.02
N MET F 326 -3.79 -3.55 16.56
CA MET F 326 -4.41 -2.56 17.42
C MET F 326 -5.43 -3.24 18.32
N ASN F 327 -6.18 -4.19 17.76
CA ASN F 327 -7.17 -4.91 18.54
C ASN F 327 -6.47 -5.68 19.65
N TYR F 328 -5.38 -6.38 19.30
CA TYR F 328 -4.59 -7.17 20.24
C TYR F 328 -3.94 -6.35 21.33
N ILE F 329 -4.21 -5.05 21.35
CA ILE F 329 -3.60 -4.22 22.37
C ILE F 329 -4.55 -3.48 23.31
N ARG F 330 -4.09 -3.42 24.55
CA ARG F 330 -4.73 -2.77 25.68
C ARG F 330 -3.66 -2.98 26.75
N ASN F 331 -2.41 -2.72 26.32
CA ASN F 331 -1.17 -2.87 27.09
C ASN F 331 -1.19 -2.79 28.61
N LEU F 332 -0.18 -2.13 29.15
CA LEU F 332 -0.02 -1.97 30.60
C LEU F 332 -1.31 -1.59 31.30
N ASP F 333 -1.76 -2.46 32.20
CA ASP F 333 -2.99 -2.25 32.95
C ASP F 333 -2.72 -1.32 34.12
N SER F 334 -2.28 -1.90 35.24
CA SER F 334 -1.98 -1.19 36.48
C SER F 334 -1.53 0.26 36.30
N GLU F 335 -0.25 0.51 36.55
CA GLU F 335 0.30 1.85 36.44
C GLU F 335 0.55 2.19 34.98
N THR F 336 -0.12 1.47 34.10
CA THR F 336 -0.02 1.65 32.65
C THR F 336 1.27 2.32 32.20
N GLY F 337 1.16 3.20 31.21
CA GLY F 337 2.31 3.91 30.68
C GLY F 337 1.92 5.00 29.69
N ALA F 338 2.88 5.39 28.86
CA ALA F 338 2.68 6.43 27.85
C ALA F 338 2.23 7.76 28.46
N MET F 339 0.92 7.98 28.54
CA MET F 339 0.44 9.24 29.10
C MET F 339 0.71 9.32 30.59
N VAL F 340 0.73 8.19 31.28
CA VAL F 340 1.01 8.21 32.71
C VAL F 340 2.49 8.53 32.90
N ARG F 341 3.31 7.92 32.05
CA ARG F 341 4.75 8.12 32.08
C ARG F 341 5.03 9.57 31.70
N LEU F 342 4.27 10.10 30.74
CA LEU F 342 4.46 11.48 30.30
C LEU F 342 4.01 12.44 31.38
N LEU F 343 2.84 12.22 31.94
CA LEU F 343 2.32 13.10 32.99
C LEU F 343 3.18 13.09 34.24
N GLU F 344 3.63 11.91 34.66
CA GLU F 344 4.48 11.79 35.84
C GLU F 344 5.90 11.82 35.33
N ASP F 345 6.70 12.74 35.84
CA ASP F 345 8.08 12.86 35.39
C ASP F 345 8.80 14.01 36.08
N ASP G 25 -15.60 -16.83 -38.03
CA ASP G 25 -15.61 -16.31 -39.42
C ASP G 25 -14.69 -15.11 -39.55
N GLU G 26 -15.02 -14.04 -38.85
CA GLU G 26 -14.21 -12.82 -38.87
C GLU G 26 -12.94 -13.02 -38.05
N VAL G 27 -12.85 -14.13 -37.34
CA VAL G 27 -11.65 -14.42 -36.54
C VAL G 27 -10.47 -14.49 -37.50
N ARG G 28 -10.74 -14.98 -38.71
CA ARG G 28 -9.72 -15.08 -39.74
C ARG G 28 -9.20 -13.67 -39.94
N LYS G 29 -10.12 -12.74 -40.13
CA LYS G 29 -9.78 -11.34 -40.29
C LYS G 29 -8.98 -10.88 -39.08
N ASN G 30 -9.47 -11.23 -37.89
CA ASN G 30 -8.78 -10.88 -36.66
C ASN G 30 -7.38 -11.46 -36.69
N LEU G 31 -7.29 -12.77 -36.88
CA LEU G 31 -6.01 -13.45 -36.94
C LEU G 31 -5.09 -12.81 -37.96
N MET G 32 -5.66 -12.35 -39.07
CA MET G 32 -4.86 -11.68 -40.09
C MET G 32 -4.20 -10.43 -39.54
N ASP G 33 -5.02 -9.58 -38.91
CA ASP G 33 -4.52 -8.35 -38.32
C ASP G 33 -3.44 -8.61 -37.27
N MET G 34 -3.56 -9.72 -36.57
CA MET G 34 -2.56 -10.06 -35.57
C MET G 34 -1.26 -10.39 -36.29
N PHE G 35 -1.37 -11.15 -37.36
CA PHE G 35 -0.18 -11.50 -38.13
C PHE G 35 0.32 -10.26 -38.86
N ARG G 36 -0.58 -9.34 -39.15
CA ARG G 36 -0.22 -8.10 -39.83
C ARG G 36 0.72 -7.30 -38.94
N ASP G 37 0.32 -7.12 -37.67
CA ASP G 37 1.13 -6.38 -36.72
C ASP G 37 1.76 -7.36 -35.75
N ARG G 38 2.50 -8.33 -36.27
CA ARG G 38 3.14 -9.32 -35.42
C ARG G 38 4.35 -8.71 -34.73
N GLN G 39 4.74 -7.52 -35.18
CA GLN G 39 5.87 -6.80 -34.60
C GLN G 39 5.48 -6.28 -33.23
N ALA G 40 4.20 -6.42 -32.89
CA ALA G 40 3.66 -5.96 -31.62
C ALA G 40 4.07 -6.84 -30.46
N PHE G 41 4.78 -7.93 -30.76
CA PHE G 41 5.25 -8.86 -29.74
C PHE G 41 6.70 -9.25 -29.98
N SER G 42 7.40 -9.63 -28.93
CA SER G 42 8.79 -10.03 -29.06
C SER G 42 8.92 -11.41 -29.72
N GLU G 43 10.12 -11.72 -30.18
CA GLU G 43 10.40 -13.01 -30.82
C GLU G 43 10.13 -14.14 -29.83
N HIS G 44 10.57 -13.95 -28.59
CA HIS G 44 10.38 -14.96 -27.55
C HIS G 44 8.91 -15.19 -27.21
N THR G 45 8.10 -14.17 -27.40
CA THR G 45 6.68 -14.29 -27.11
C THR G 45 6.01 -15.20 -28.13
N TRP G 46 6.24 -14.92 -29.41
CA TRP G 46 5.65 -15.74 -30.46
C TRP G 46 6.12 -17.17 -30.33
N LYS G 47 7.36 -17.34 -29.87
CA LYS G 47 7.92 -18.66 -29.70
C LYS G 47 7.04 -19.48 -28.75
N MET G 48 6.82 -18.99 -27.53
CA MET G 48 6.00 -19.72 -26.57
C MET G 48 4.57 -19.86 -27.10
N LEU G 49 4.05 -18.80 -27.74
CA LEU G 49 2.70 -18.87 -28.28
C LEU G 49 2.57 -20.11 -29.18
N LEU G 50 3.46 -20.19 -30.16
CA LEU G 50 3.49 -21.30 -31.11
C LEU G 50 3.73 -22.61 -30.37
N SER G 51 4.69 -22.59 -29.45
CA SER G 51 5.03 -23.78 -28.69
C SER G 51 3.85 -24.27 -27.87
N VAL G 52 3.28 -23.38 -27.07
CA VAL G 52 2.16 -23.78 -26.25
C VAL G 52 1.02 -24.25 -27.16
N CYS G 53 0.79 -23.52 -28.26
CA CYS G 53 -0.27 -23.86 -29.18
C CYS G 53 -0.11 -25.25 -29.73
N ARG G 54 1.13 -25.65 -29.97
CA ARG G 54 1.39 -27.00 -30.49
C ARG G 54 0.98 -28.02 -29.44
N SER G 55 1.41 -27.80 -28.20
CA SER G 55 1.07 -28.69 -27.11
C SER G 55 -0.44 -28.82 -27.00
N TRP G 56 -1.13 -27.69 -27.11
CA TRP G 56 -2.59 -27.69 -27.02
C TRP G 56 -3.18 -28.55 -28.13
N ALA G 57 -2.94 -28.16 -29.38
CA ALA G 57 -3.44 -28.89 -30.54
C ALA G 57 -3.11 -30.38 -30.48
N ALA G 58 -1.93 -30.72 -29.97
CA ALA G 58 -1.52 -32.11 -29.83
C ALA G 58 -2.51 -32.83 -28.91
N TRP G 59 -2.54 -32.39 -27.65
CA TRP G 59 -3.43 -32.96 -26.65
C TRP G 59 -4.84 -33.13 -27.19
N CYS G 60 -5.35 -32.11 -27.89
CA CYS G 60 -6.69 -32.15 -28.47
C CYS G 60 -6.82 -33.30 -29.47
N LYS G 61 -6.04 -33.26 -30.55
CA LYS G 61 -6.07 -34.32 -31.56
C LYS G 61 -5.41 -35.54 -30.91
N LEU G 62 -6.10 -36.13 -29.94
CA LEU G 62 -5.61 -37.29 -29.21
C LEU G 62 -6.59 -37.45 -28.07
N ASN G 63 -7.58 -36.58 -28.07
CA ASN G 63 -8.63 -36.56 -27.06
C ASN G 63 -9.91 -36.16 -27.78
N ASN G 64 -9.79 -35.87 -29.07
CA ASN G 64 -10.93 -35.47 -29.89
C ASN G 64 -11.59 -34.24 -29.33
N ARG G 65 -10.92 -33.11 -29.45
CA ARG G 65 -11.43 -31.85 -28.96
C ARG G 65 -11.03 -30.79 -29.99
N LYS G 66 -11.96 -29.91 -30.38
CA LYS G 66 -11.62 -28.87 -31.35
C LYS G 66 -10.59 -28.01 -30.62
N TRP G 67 -9.38 -27.90 -31.18
CA TRP G 67 -8.35 -27.12 -30.52
C TRP G 67 -8.58 -25.60 -30.62
N PHE G 68 -9.56 -25.16 -31.40
CA PHE G 68 -9.79 -23.73 -31.52
C PHE G 68 -11.01 -23.36 -32.34
N PRO G 69 -11.94 -22.57 -31.78
CA PRO G 69 -11.94 -22.00 -30.42
C PRO G 69 -12.00 -23.07 -29.35
N ALA G 70 -11.23 -22.86 -28.29
CA ALA G 70 -11.18 -23.83 -27.20
C ALA G 70 -12.32 -23.63 -26.23
N GLU G 71 -13.07 -24.71 -25.96
CA GLU G 71 -14.17 -24.64 -25.03
C GLU G 71 -13.60 -24.73 -23.62
N PRO G 72 -14.13 -23.91 -22.69
CA PRO G 72 -13.67 -23.90 -21.30
C PRO G 72 -13.56 -25.28 -20.66
N GLU G 73 -14.53 -26.14 -20.95
CA GLU G 73 -14.51 -27.49 -20.37
C GLU G 73 -13.28 -28.26 -20.81
N ASP G 74 -12.91 -28.11 -22.09
CA ASP G 74 -11.73 -28.78 -22.65
C ASP G 74 -10.44 -28.24 -22.03
N VAL G 75 -10.27 -26.91 -22.10
CA VAL G 75 -9.10 -26.25 -21.54
C VAL G 75 -8.88 -26.74 -20.13
N ARG G 76 -9.97 -26.80 -19.36
CA ARG G 76 -9.89 -27.26 -17.99
C ARG G 76 -9.21 -28.62 -17.91
N ASP G 77 -9.73 -29.59 -18.65
CA ASP G 77 -9.17 -30.94 -18.69
C ASP G 77 -7.68 -30.86 -19.00
N TYR G 78 -7.37 -30.07 -20.02
CA TYR G 78 -6.01 -29.84 -20.47
C TYR G 78 -5.12 -29.34 -19.34
N LEU G 79 -5.57 -28.28 -18.67
CA LEU G 79 -4.80 -27.73 -17.56
C LEU G 79 -4.56 -28.80 -16.50
N LEU G 80 -5.57 -29.62 -16.23
CA LEU G 80 -5.43 -30.69 -15.25
C LEU G 80 -4.37 -31.67 -15.73
N TYR G 81 -4.25 -31.79 -17.04
CA TYR G 81 -3.28 -32.69 -17.67
C TYR G 81 -1.86 -32.19 -17.44
N LEU G 82 -1.64 -30.89 -17.59
CA LEU G 82 -0.32 -30.29 -17.39
C LEU G 82 0.09 -30.51 -15.93
N GLN G 83 -0.90 -30.53 -15.04
CA GLN G 83 -0.63 -30.73 -13.62
C GLN G 83 -0.17 -32.17 -13.42
N ALA G 84 -0.88 -33.10 -14.07
CA ALA G 84 -0.54 -34.52 -13.97
C ALA G 84 0.81 -34.81 -14.62
N ARG G 85 1.18 -34.02 -15.62
CA ARG G 85 2.46 -34.20 -16.29
C ARG G 85 3.57 -33.75 -15.36
N GLY G 86 3.19 -33.04 -14.30
CA GLY G 86 4.15 -32.56 -13.31
C GLY G 86 4.71 -31.16 -13.47
N LEU G 87 4.20 -30.39 -14.42
CA LEU G 87 4.67 -29.03 -14.63
C LEU G 87 4.38 -28.10 -13.46
N ALA G 88 5.06 -26.96 -13.44
CA ALA G 88 4.91 -25.97 -12.37
C ALA G 88 3.68 -25.08 -12.57
N VAL G 89 3.17 -24.54 -11.47
CA VAL G 89 2.01 -23.66 -11.54
C VAL G 89 2.32 -22.55 -12.53
N LYS G 90 3.57 -22.09 -12.51
CA LYS G 90 4.02 -21.00 -13.39
C LYS G 90 3.95 -21.41 -14.86
N THR G 91 4.37 -22.64 -15.14
CA THR G 91 4.36 -23.13 -16.50
C THR G 91 2.92 -23.30 -16.95
N ILE G 92 2.09 -23.81 -16.05
CA ILE G 92 0.70 -24.01 -16.38
C ILE G 92 0.05 -22.66 -16.67
N GLN G 93 0.49 -21.65 -15.92
CA GLN G 93 -0.02 -20.30 -16.09
C GLN G 93 0.35 -19.76 -17.47
N GLN G 94 1.52 -20.17 -17.97
CA GLN G 94 2.00 -19.73 -19.27
C GLN G 94 1.12 -20.32 -20.36
N HIS G 95 0.72 -21.58 -20.19
CA HIS G 95 -0.11 -22.19 -21.21
C HIS G 95 -1.46 -21.49 -21.27
N LEU G 96 -2.12 -21.40 -20.12
CA LEU G 96 -3.40 -20.74 -20.02
C LEU G 96 -3.26 -19.33 -20.60
N GLY G 97 -2.15 -18.70 -20.25
CA GLY G 97 -1.88 -17.36 -20.71
C GLY G 97 -1.83 -17.21 -22.22
N GLN G 98 -0.95 -17.96 -22.88
CA GLN G 98 -0.82 -17.89 -24.34
C GLN G 98 -2.14 -18.24 -25.00
N LEU G 99 -2.84 -19.21 -24.41
CA LEU G 99 -4.12 -19.62 -24.91
C LEU G 99 -5.03 -18.39 -24.90
N ASN G 100 -5.02 -17.65 -23.79
CA ASN G 100 -5.83 -16.45 -23.68
C ASN G 100 -5.47 -15.44 -24.74
N MET G 101 -4.17 -15.16 -24.88
CA MET G 101 -3.71 -14.19 -25.86
C MET G 101 -4.21 -14.48 -27.25
N LEU G 102 -4.25 -15.77 -27.59
CA LEU G 102 -4.70 -16.19 -28.92
C LEU G 102 -6.13 -15.74 -29.15
N HIS G 103 -7.01 -16.15 -28.24
CA HIS G 103 -8.42 -15.80 -28.35
C HIS G 103 -8.69 -14.30 -28.31
N ARG G 104 -8.13 -13.62 -27.31
CA ARG G 104 -8.32 -12.19 -27.21
C ARG G 104 -7.92 -11.52 -28.51
N ARG G 105 -6.76 -11.89 -29.05
CA ARG G 105 -6.31 -11.28 -30.29
C ARG G 105 -7.02 -11.81 -31.53
N SER G 106 -7.99 -12.69 -31.33
CA SER G 106 -8.74 -13.22 -32.46
C SER G 106 -10.19 -12.78 -32.36
N GLY G 107 -10.47 -11.93 -31.38
CA GLY G 107 -11.81 -11.42 -31.18
C GLY G 107 -12.69 -12.33 -30.36
N LEU G 108 -12.15 -13.48 -29.97
CA LEU G 108 -12.93 -14.43 -29.17
C LEU G 108 -12.73 -14.21 -27.67
N PRO G 109 -13.60 -14.81 -26.85
CA PRO G 109 -13.48 -14.66 -25.40
C PRO G 109 -12.40 -15.58 -24.84
N ARG G 110 -11.54 -15.03 -23.97
CA ARG G 110 -10.45 -15.79 -23.37
C ARG G 110 -10.96 -16.84 -22.37
N PRO G 111 -10.36 -18.05 -22.38
CA PRO G 111 -10.76 -19.14 -21.47
C PRO G 111 -10.67 -18.85 -19.98
N SER G 112 -9.90 -17.84 -19.59
CA SER G 112 -9.76 -17.49 -18.18
C SER G 112 -11.01 -16.83 -17.64
N ASP G 113 -11.83 -16.32 -18.55
CA ASP G 113 -13.05 -15.66 -18.16
C ASP G 113 -14.13 -16.66 -17.78
N SER G 114 -13.92 -17.93 -18.12
CA SER G 114 -14.90 -18.95 -17.78
C SER G 114 -14.67 -19.49 -16.38
N ASN G 115 -15.77 -19.63 -15.63
CA ASN G 115 -15.76 -20.12 -14.26
C ASN G 115 -15.02 -21.44 -14.10
N ALA G 116 -15.23 -22.34 -15.05
CA ALA G 116 -14.60 -23.65 -14.99
C ALA G 116 -13.10 -23.50 -14.90
N VAL G 117 -12.53 -22.78 -15.87
CA VAL G 117 -11.09 -22.58 -15.89
C VAL G 117 -10.57 -21.83 -14.66
N SER G 118 -11.17 -20.68 -14.34
CA SER G 118 -10.72 -19.91 -13.20
C SER G 118 -10.81 -20.74 -11.91
N LEU G 119 -11.73 -21.70 -11.87
CA LEU G 119 -11.87 -22.54 -10.70
C LEU G 119 -10.76 -23.59 -10.62
N VAL G 120 -10.42 -24.22 -11.76
CA VAL G 120 -9.37 -25.23 -11.74
C VAL G 120 -8.03 -24.62 -11.43
N MET G 121 -7.74 -23.46 -12.04
CA MET G 121 -6.46 -22.79 -11.81
C MET G 121 -6.25 -22.49 -10.34
N ARG G 122 -7.34 -22.20 -9.64
CA ARG G 122 -7.29 -21.90 -8.23
C ARG G 122 -6.97 -23.20 -7.49
N ARG G 123 -7.59 -24.29 -7.97
CA ARG G 123 -7.41 -25.61 -7.40
C ARG G 123 -5.98 -26.09 -7.62
N ILE G 124 -5.54 -26.05 -8.88
CA ILE G 124 -4.20 -26.48 -9.23
C ILE G 124 -3.14 -25.76 -8.38
N ARG G 125 -3.18 -24.42 -8.38
CA ARG G 125 -2.22 -23.67 -7.59
C ARG G 125 -2.24 -24.11 -6.13
N LYS G 126 -3.40 -24.13 -5.52
CA LYS G 126 -3.49 -24.52 -4.12
C LYS G 126 -2.98 -25.94 -3.94
N GLU G 127 -3.38 -26.83 -4.82
CA GLU G 127 -2.93 -28.20 -4.71
C GLU G 127 -1.41 -28.33 -4.84
N ASN G 128 -0.82 -27.58 -5.77
CA ASN G 128 0.62 -27.64 -5.99
C ASN G 128 1.44 -26.98 -4.90
N VAL G 129 1.05 -25.77 -4.49
CA VAL G 129 1.79 -25.11 -3.44
C VAL G 129 1.74 -26.01 -2.22
N ASP G 130 0.58 -26.65 -2.03
CA ASP G 130 0.38 -27.55 -0.91
C ASP G 130 1.23 -28.80 -1.04
N ALA G 131 1.53 -29.18 -2.28
CA ALA G 131 2.33 -30.35 -2.54
C ALA G 131 3.80 -30.04 -2.30
N GLY G 132 4.11 -28.78 -2.04
CA GLY G 132 5.49 -28.40 -1.78
C GLY G 132 6.22 -27.75 -2.93
N GLU G 133 5.50 -27.40 -3.98
CA GLU G 133 6.12 -26.76 -5.14
C GLU G 133 6.69 -25.39 -4.76
N ARG G 134 7.97 -25.17 -5.01
CA ARG G 134 8.59 -23.89 -4.69
C ARG G 134 9.22 -23.24 -5.91
N ALA G 135 9.17 -21.92 -5.96
CA ALA G 135 9.76 -21.18 -7.06
C ALA G 135 11.25 -21.06 -6.77
N LYS G 136 12.08 -21.27 -7.79
CA LYS G 136 13.52 -21.19 -7.59
C LYS G 136 14.15 -20.01 -8.29
N GLN G 137 15.39 -19.73 -7.92
CA GLN G 137 16.15 -18.63 -8.51
C GLN G 137 17.58 -19.08 -8.74
N ALA G 138 18.31 -18.30 -9.51
CA ALA G 138 19.69 -18.62 -9.82
C ALA G 138 20.51 -18.91 -8.56
N LEU G 139 21.65 -19.56 -8.75
CA LEU G 139 22.57 -19.88 -7.67
C LEU G 139 23.49 -18.68 -7.57
N ALA G 140 23.62 -18.14 -6.37
CA ALA G 140 24.44 -16.96 -6.16
C ALA G 140 25.91 -17.08 -6.59
N PHE G 141 26.35 -16.12 -7.41
CA PHE G 141 27.74 -16.05 -7.85
C PHE G 141 28.26 -14.79 -7.18
N GLU G 142 28.59 -14.92 -5.91
CA GLU G 142 29.04 -13.79 -5.12
C GLU G 142 30.52 -13.42 -5.29
N ARG G 143 30.95 -12.43 -4.52
CA ARG G 143 32.34 -11.97 -4.57
C ARG G 143 33.33 -13.12 -4.35
N THR G 144 33.23 -13.77 -3.18
CA THR G 144 34.13 -14.88 -2.88
C THR G 144 34.38 -15.74 -4.10
N ASP G 145 33.30 -16.07 -4.81
CA ASP G 145 33.38 -16.90 -6.01
C ASP G 145 34.17 -16.21 -7.10
N PHE G 146 33.93 -14.91 -7.29
CA PHE G 146 34.63 -14.17 -8.32
C PHE G 146 36.11 -14.09 -8.02
N ASP G 147 36.47 -14.20 -6.75
CA ASP G 147 37.88 -14.17 -6.38
C ASP G 147 38.50 -15.53 -6.70
N GLN G 148 37.93 -16.57 -6.09
CA GLN G 148 38.39 -17.92 -6.32
C GLN G 148 38.58 -18.13 -7.82
N VAL G 149 37.48 -18.03 -8.56
CA VAL G 149 37.51 -18.20 -10.01
C VAL G 149 38.69 -17.47 -10.64
N ARG G 150 38.96 -16.25 -10.17
CA ARG G 150 40.05 -15.46 -10.73
C ARG G 150 41.43 -15.96 -10.32
N SER G 151 41.66 -16.14 -9.03
CA SER G 151 42.97 -16.60 -8.58
C SER G 151 43.31 -17.98 -9.18
N LEU G 152 42.38 -18.55 -9.95
CA LEU G 152 42.63 -19.86 -10.55
C LEU G 152 42.67 -19.76 -12.06
N MET G 153 42.55 -18.55 -12.59
CA MET G 153 42.58 -18.35 -14.04
C MET G 153 43.39 -17.07 -14.29
N GLU G 154 43.46 -16.25 -13.25
CA GLU G 154 44.18 -14.99 -13.25
C GLU G 154 45.49 -15.18 -14.00
N ASN G 155 46.21 -16.23 -13.64
CA ASN G 155 47.48 -16.55 -14.27
C ASN G 155 47.27 -17.68 -15.25
N SER G 156 47.02 -17.30 -16.50
CA SER G 156 46.79 -18.26 -17.56
C SER G 156 46.82 -17.48 -18.87
N ASP G 157 47.35 -18.11 -19.90
CA ASP G 157 47.46 -17.47 -21.18
C ASP G 157 46.51 -18.11 -22.16
N ARG G 158 45.67 -19.00 -21.64
CA ARG G 158 44.68 -19.69 -22.46
C ARG G 158 43.73 -18.64 -23.01
N CYS G 159 43.84 -18.36 -24.32
CA CYS G 159 43.01 -17.38 -24.97
C CYS G 159 41.57 -17.47 -24.48
N GLN G 160 41.05 -18.69 -24.37
CA GLN G 160 39.68 -18.87 -23.90
C GLN G 160 39.53 -18.33 -22.48
N ASP G 161 40.27 -18.92 -21.55
CA ASP G 161 40.22 -18.48 -20.17
C ASP G 161 40.14 -16.95 -20.07
N ILE G 162 41.10 -16.25 -20.65
CA ILE G 162 41.11 -14.79 -20.62
C ILE G 162 39.73 -14.20 -20.93
N ARG G 163 39.04 -14.78 -21.91
CA ARG G 163 37.71 -14.31 -22.29
C ARG G 163 36.70 -14.59 -21.19
N ASN G 164 36.65 -15.85 -20.77
CA ASN G 164 35.73 -16.27 -19.74
C ASN G 164 35.99 -15.61 -18.40
N LEU G 165 37.23 -15.23 -18.12
CA LEU G 165 37.51 -14.59 -16.85
C LEU G 165 37.03 -13.16 -16.89
N ALA G 166 36.98 -12.59 -18.09
CA ALA G 166 36.53 -11.21 -18.23
C ALA G 166 35.01 -11.17 -18.22
N PHE G 167 34.38 -12.10 -18.92
CA PHE G 167 32.92 -12.15 -18.95
C PHE G 167 32.39 -12.23 -17.54
N LEU G 168 33.09 -12.96 -16.69
CA LEU G 168 32.63 -13.05 -15.31
C LEU G 168 32.84 -11.70 -14.63
N GLY G 169 34.03 -11.12 -14.83
CA GLY G 169 34.32 -9.83 -14.22
C GLY G 169 33.25 -8.81 -14.57
N ILE G 170 32.87 -8.77 -15.84
CA ILE G 170 31.85 -7.82 -16.24
C ILE G 170 30.52 -8.19 -15.63
N ALA G 171 30.04 -9.40 -15.91
CA ALA G 171 28.76 -9.85 -15.39
C ALA G 171 28.52 -9.52 -13.92
N TYR G 172 29.55 -9.68 -13.10
CA TYR G 172 29.45 -9.41 -11.67
C TYR G 172 29.52 -7.92 -11.38
N ASN G 173 30.46 -7.28 -12.05
CA ASN G 173 30.70 -5.85 -11.87
C ASN G 173 29.58 -4.98 -12.38
N THR G 174 28.89 -5.40 -13.44
CA THR G 174 27.83 -4.60 -14.04
C THR G 174 26.39 -5.04 -13.80
N LEU G 175 26.20 -6.22 -13.22
CA LEU G 175 24.85 -6.75 -12.96
C LEU G 175 24.06 -6.88 -14.25
N LEU G 176 24.73 -6.69 -15.40
CA LEU G 176 24.06 -6.78 -16.70
C LEU G 176 23.55 -8.19 -16.99
N ARG G 177 22.50 -8.27 -17.80
CA ARG G 177 21.92 -9.55 -18.17
C ARG G 177 22.61 -10.04 -19.42
N ILE G 178 22.82 -11.34 -19.53
CA ILE G 178 23.53 -11.90 -20.67
C ILE G 178 23.15 -11.35 -22.05
N ALA G 179 21.85 -11.29 -22.38
CA ALA G 179 21.49 -10.78 -23.70
C ALA G 179 22.17 -9.44 -23.93
N GLU G 180 22.28 -8.66 -22.87
CA GLU G 180 22.91 -7.36 -22.92
C GLU G 180 24.41 -7.54 -23.15
N ILE G 181 25.03 -8.40 -22.35
CA ILE G 181 26.45 -8.67 -22.47
C ILE G 181 26.80 -9.02 -23.91
N ALA G 182 26.06 -9.99 -24.45
CA ALA G 182 26.22 -10.43 -25.82
C ALA G 182 26.14 -9.31 -26.86
N ARG G 183 25.49 -8.20 -26.52
CA ARG G 183 25.34 -7.10 -27.47
C ARG G 183 26.38 -5.99 -27.38
N ILE G 184 27.22 -6.02 -26.36
CA ILE G 184 28.24 -4.99 -26.22
C ILE G 184 29.25 -5.09 -27.36
N ARG G 185 29.74 -3.95 -27.84
CA ARG G 185 30.78 -3.93 -28.88
C ARG G 185 31.84 -2.91 -28.48
N VAL G 186 33.07 -3.11 -28.96
CA VAL G 186 34.18 -2.22 -28.61
C VAL G 186 33.76 -0.77 -28.80
N LYS G 187 32.99 -0.52 -29.85
CA LYS G 187 32.46 0.80 -30.17
C LYS G 187 31.85 1.44 -28.93
N ASP G 188 31.28 0.60 -28.08
CA ASP G 188 30.59 1.03 -26.87
C ASP G 188 31.44 1.15 -25.62
N ILE G 189 32.76 1.08 -25.75
CA ILE G 189 33.59 1.21 -24.56
C ILE G 189 34.40 2.51 -24.58
N SER G 190 34.57 3.13 -23.40
CA SER G 190 35.32 4.39 -23.31
C SER G 190 36.18 4.40 -22.05
N ARG G 191 36.77 5.56 -21.72
CA ARG G 191 37.63 5.64 -20.55
C ARG G 191 37.32 6.79 -19.57
N THR G 192 37.36 6.45 -18.29
CA THR G 192 37.10 7.38 -17.20
C THR G 192 38.36 8.19 -16.93
N ASP G 193 38.22 9.25 -16.16
CA ASP G 193 39.35 10.08 -15.80
C ASP G 193 40.30 9.18 -15.02
N GLY G 194 39.71 8.34 -14.16
CA GLY G 194 40.49 7.42 -13.36
C GLY G 194 41.08 6.29 -14.18
N GLY G 195 40.74 6.26 -15.46
CA GLY G 195 41.26 5.24 -16.35
C GLY G 195 40.49 3.93 -16.33
N ARG G 196 39.30 3.93 -15.75
CA ARG G 196 38.46 2.73 -15.68
C ARG G 196 37.64 2.64 -16.95
N MET G 197 37.21 1.43 -17.32
CA MET G 197 36.39 1.26 -18.51
C MET G 197 34.93 1.59 -18.21
N LEU G 198 34.25 2.14 -19.20
CA LEU G 198 32.86 2.51 -19.06
C LEU G 198 32.05 1.98 -20.23
N ILE G 199 31.34 0.87 -20.02
CA ILE G 199 30.54 0.28 -21.09
C ILE G 199 29.23 1.04 -21.26
N HIS G 200 28.97 1.49 -22.48
CA HIS G 200 27.75 2.22 -22.77
C HIS G 200 26.79 1.19 -23.38
N ILE G 201 25.64 1.01 -22.76
CA ILE G 201 24.68 0.04 -23.28
C ILE G 201 23.50 0.75 -23.96
N GLY G 202 23.39 0.58 -25.28
CA GLY G 202 22.31 1.22 -26.00
C GLY G 202 21.25 0.25 -26.46
N ARG G 203 20.27 0.75 -27.20
CA ARG G 203 19.17 -0.06 -27.73
C ARG G 203 18.56 -1.10 -26.79
N THR G 204 18.63 -0.88 -25.48
CA THR G 204 18.05 -1.84 -24.54
C THR G 204 16.53 -1.88 -24.77
N LYS G 205 16.02 -3.08 -25.03
CA LYS G 205 14.60 -3.29 -25.29
C LYS G 205 13.66 -2.77 -24.20
N THR G 206 13.48 -1.44 -24.18
CA THR G 206 12.60 -0.76 -23.23
C THR G 206 12.65 0.74 -23.52
N LEU G 207 11.49 1.39 -23.52
CA LEU G 207 11.43 2.83 -23.77
C LEU G 207 11.82 3.57 -22.49
N VAL G 208 11.48 2.94 -21.36
CA VAL G 208 11.78 3.47 -20.03
C VAL G 208 12.71 2.47 -19.34
N SER G 209 13.94 2.36 -19.84
CA SER G 209 14.93 1.43 -19.29
C SER G 209 15.52 1.94 -17.97
N THR G 210 14.67 1.99 -16.95
CA THR G 210 15.09 2.45 -15.63
C THR G 210 16.14 1.50 -15.05
N ALA G 211 17.25 1.38 -15.78
CA ALA G 211 18.33 0.49 -15.38
C ALA G 211 19.68 1.16 -15.58
N GLY G 212 19.76 2.03 -16.58
CA GLY G 212 21.01 2.72 -16.85
C GLY G 212 21.43 2.70 -18.32
N VAL G 213 22.26 3.65 -18.70
CA VAL G 213 22.76 3.75 -20.07
C VAL G 213 24.26 3.50 -20.04
N GLU G 214 24.86 3.63 -18.86
CA GLU G 214 26.29 3.40 -18.70
C GLU G 214 26.63 2.64 -17.43
N LYS G 215 27.63 1.76 -17.53
CA LYS G 215 28.09 0.94 -16.42
C LYS G 215 29.61 1.08 -16.34
N ALA G 216 30.14 1.26 -15.14
CA ALA G 216 31.58 1.43 -14.99
C ALA G 216 32.31 0.23 -14.41
N LEU G 217 33.30 -0.26 -15.14
CA LEU G 217 34.09 -1.39 -14.67
C LEU G 217 35.11 -0.89 -13.65
N SER G 218 35.48 -1.75 -12.71
CA SER G 218 36.46 -1.37 -11.70
C SER G 218 37.86 -1.48 -12.29
N LEU G 219 38.85 -0.93 -11.60
CA LEU G 219 40.23 -0.99 -12.07
C LEU G 219 40.59 -2.44 -12.33
N GLY G 220 40.25 -3.30 -11.37
CA GLY G 220 40.55 -4.72 -11.50
C GLY G 220 39.95 -5.33 -12.75
N VAL G 221 38.63 -5.24 -12.88
CA VAL G 221 37.95 -5.80 -14.04
C VAL G 221 38.40 -5.14 -15.33
N THR G 222 38.75 -3.86 -15.27
CA THR G 222 39.20 -3.17 -16.47
C THR G 222 40.42 -3.91 -17.02
N LYS G 223 41.39 -4.18 -16.14
CA LYS G 223 42.58 -4.90 -16.54
C LYS G 223 42.16 -6.16 -17.31
N LEU G 224 41.44 -7.05 -16.64
CA LEU G 224 40.97 -8.30 -17.23
C LEU G 224 40.32 -8.13 -18.61
N VAL G 225 39.44 -7.15 -18.75
CA VAL G 225 38.77 -6.93 -20.03
C VAL G 225 39.76 -6.51 -21.10
N GLU G 226 40.77 -5.75 -20.69
CA GLU G 226 41.81 -5.28 -21.61
C GLU G 226 42.60 -6.49 -22.13
N ARG G 227 43.13 -7.27 -21.19
CA ARG G 227 43.89 -8.45 -21.51
C ARG G 227 43.17 -9.29 -22.57
N TRP G 228 41.84 -9.31 -22.54
CA TRP G 228 41.10 -10.07 -23.52
C TRP G 228 40.96 -9.32 -24.83
N ILE G 229 40.90 -7.99 -24.76
CA ILE G 229 40.75 -7.20 -25.97
C ILE G 229 41.97 -7.30 -26.90
N SER G 230 43.15 -7.49 -26.33
CA SER G 230 44.36 -7.62 -27.13
C SER G 230 44.50 -9.06 -27.66
N VAL G 231 44.54 -10.02 -26.74
CA VAL G 231 44.65 -11.43 -27.11
C VAL G 231 43.56 -11.90 -28.09
N SER G 232 42.42 -11.22 -28.11
CA SER G 232 41.33 -11.62 -29.00
C SER G 232 41.37 -10.78 -30.25
N GLY G 233 41.91 -9.58 -30.12
CA GLY G 233 41.98 -8.67 -31.26
C GLY G 233 40.62 -8.34 -31.82
N VAL G 234 39.61 -8.32 -30.95
CA VAL G 234 38.26 -7.98 -31.40
C VAL G 234 38.24 -6.49 -31.67
N ALA G 235 39.24 -5.80 -31.12
CA ALA G 235 39.39 -4.36 -31.25
C ALA G 235 39.83 -3.95 -32.66
N ASP G 236 39.96 -4.93 -33.55
CA ASP G 236 40.37 -4.65 -34.93
C ASP G 236 39.32 -3.82 -35.64
N ASP G 237 38.05 -4.08 -35.33
CA ASP G 237 36.92 -3.36 -35.91
C ASP G 237 36.08 -2.90 -34.73
N PRO G 238 35.52 -1.69 -34.80
CA PRO G 238 34.67 -1.16 -33.71
C PRO G 238 33.35 -1.90 -33.51
N ASN G 239 32.66 -2.21 -34.61
CA ASN G 239 31.37 -2.91 -34.54
C ASN G 239 31.52 -4.34 -34.02
N ASN G 240 32.77 -4.73 -33.80
CA ASN G 240 33.07 -6.06 -33.31
C ASN G 240 32.55 -6.27 -31.88
N TYR G 241 31.63 -7.21 -31.73
CA TYR G 241 31.08 -7.53 -30.42
C TYR G 241 32.20 -7.87 -29.45
N LEU G 242 32.27 -7.16 -28.33
CA LEU G 242 33.31 -7.39 -27.34
C LEU G 242 33.60 -8.87 -27.18
N PHE G 243 32.56 -9.68 -27.03
CA PHE G 243 32.74 -11.12 -26.87
C PHE G 243 32.41 -11.91 -28.13
N CYS G 244 33.28 -12.85 -28.44
CA CYS G 244 33.13 -13.71 -29.62
C CYS G 244 33.46 -15.18 -29.35
N ARG G 245 33.32 -15.98 -30.41
CA ARG G 245 33.57 -17.41 -30.39
C ARG G 245 35.08 -17.71 -30.31
N VAL G 246 35.44 -18.89 -29.80
CA VAL G 246 36.85 -19.30 -29.71
C VAL G 246 37.03 -20.80 -30.00
N ARG G 247 37.46 -21.11 -31.23
CA ARG G 247 37.67 -22.48 -31.69
C ARG G 247 38.50 -23.38 -30.77
N LYS G 248 38.39 -24.69 -31.01
CA LYS G 248 39.09 -25.71 -30.23
C LYS G 248 40.60 -25.67 -30.31
N ASN G 249 41.17 -24.51 -30.62
CA ASN G 249 42.62 -24.38 -30.74
C ASN G 249 43.17 -23.25 -29.88
N GLY G 250 42.37 -22.21 -29.69
CA GLY G 250 42.81 -21.08 -28.89
C GLY G 250 42.84 -19.81 -29.71
N VAL G 251 41.99 -19.74 -30.71
CA VAL G 251 41.93 -18.58 -31.58
C VAL G 251 40.58 -17.90 -31.52
N ALA G 252 40.59 -16.64 -31.09
CA ALA G 252 39.36 -15.86 -31.00
C ALA G 252 38.93 -15.54 -32.41
N ALA G 253 37.65 -15.72 -32.69
CA ALA G 253 37.11 -15.45 -34.02
C ALA G 253 36.17 -14.24 -33.98
N PRO G 254 36.73 -13.03 -33.84
CA PRO G 254 35.90 -11.83 -33.80
C PRO G 254 34.92 -11.72 -34.95
N SER G 255 33.92 -10.87 -34.77
CA SER G 255 32.87 -10.63 -35.77
C SER G 255 32.03 -9.43 -35.34
N ALA G 256 31.19 -8.96 -36.25
CA ALA G 256 30.32 -7.85 -35.97
C ALA G 256 29.02 -8.08 -36.70
N THR G 257 28.80 -9.34 -37.09
CA THR G 257 27.59 -9.72 -37.79
C THR G 257 26.91 -10.78 -36.95
N SER G 258 27.67 -11.34 -36.01
CA SER G 258 27.15 -12.36 -35.13
C SER G 258 27.77 -12.22 -33.76
N GLN G 259 26.97 -12.47 -32.73
CA GLN G 259 27.45 -12.36 -31.37
C GLN G 259 27.43 -13.71 -30.66
N LEU G 260 28.27 -13.82 -29.63
CA LEU G 260 28.35 -15.03 -28.84
C LEU G 260 26.91 -15.27 -28.39
N SER G 261 26.43 -16.50 -28.47
CA SER G 261 25.04 -16.75 -28.07
C SER G 261 24.87 -16.71 -26.55
N THR G 262 23.64 -16.46 -26.12
CA THR G 262 23.32 -16.40 -24.70
C THR G 262 23.56 -17.78 -24.10
N ARG G 263 23.26 -18.82 -24.89
CA ARG G 263 23.46 -20.20 -24.42
C ARG G 263 24.91 -20.37 -24.04
N ALA G 264 25.80 -19.91 -24.92
CA ALA G 264 27.24 -19.98 -24.70
C ALA G 264 27.62 -19.27 -23.41
N LEU G 265 27.19 -18.01 -23.29
CA LEU G 265 27.51 -17.26 -22.08
C LEU G 265 27.03 -18.06 -20.88
N GLU G 266 25.82 -18.62 -20.96
CA GLU G 266 25.31 -19.42 -19.85
C GLU G 266 26.37 -20.48 -19.55
N GLY G 267 26.75 -21.23 -20.58
CA GLY G 267 27.76 -22.26 -20.41
C GLY G 267 28.99 -21.79 -19.67
N ILE G 268 29.54 -20.66 -20.08
CA ILE G 268 30.71 -20.11 -19.43
C ILE G 268 30.50 -20.16 -17.90
N PHE G 269 29.27 -19.91 -17.47
CA PHE G 269 28.93 -19.97 -16.04
C PHE G 269 29.01 -21.41 -15.59
N GLU G 270 28.33 -22.29 -16.32
CA GLU G 270 28.30 -23.72 -15.99
C GLU G 270 29.73 -24.25 -15.93
N ALA G 271 30.48 -24.00 -17.00
CA ALA G 271 31.85 -24.45 -17.11
C ALA G 271 32.69 -24.00 -15.93
N THR G 272 32.64 -22.71 -15.61
CA THR G 272 33.45 -22.24 -14.50
C THR G 272 33.02 -22.89 -13.19
N HIS G 273 31.76 -23.32 -13.11
CA HIS G 273 31.31 -23.94 -11.88
C HIS G 273 31.80 -25.38 -11.84
N ARG G 274 31.75 -26.07 -12.97
CA ARG G 274 32.20 -27.46 -13.02
C ARG G 274 33.69 -27.47 -12.67
N LEU G 275 34.43 -26.51 -13.23
CA LEU G 275 35.85 -26.40 -12.99
C LEU G 275 36.18 -26.40 -11.50
N ILE G 276 35.24 -25.97 -10.67
CA ILE G 276 35.51 -25.93 -9.24
C ILE G 276 34.76 -26.96 -8.41
N TYR G 277 33.62 -27.46 -8.89
CA TYR G 277 32.88 -28.42 -8.10
C TYR G 277 32.60 -29.77 -8.76
N GLY G 278 33.04 -29.91 -10.01
CA GLY G 278 32.81 -31.16 -10.69
C GLY G 278 31.56 -31.11 -11.53
N ALA G 279 30.85 -32.22 -11.62
CA ALA G 279 29.63 -32.26 -12.41
C ALA G 279 28.42 -32.14 -11.50
N LYS G 280 27.25 -31.99 -12.12
CA LYS G 280 25.99 -31.85 -11.40
C LYS G 280 25.46 -33.20 -10.93
N ASP G 281 24.26 -33.19 -10.36
CA ASP G 281 23.61 -34.39 -9.86
C ASP G 281 22.71 -35.03 -10.90
N ASP G 282 22.33 -36.28 -10.66
CA ASP G 282 21.44 -37.01 -11.55
C ASP G 282 20.12 -36.25 -11.55
N SER G 283 19.69 -35.87 -10.36
CA SER G 283 18.46 -35.12 -10.19
C SER G 283 18.45 -34.00 -11.20
N GLY G 284 17.49 -34.04 -12.12
CA GLY G 284 17.42 -33.00 -13.14
C GLY G 284 17.08 -31.66 -12.54
N GLN G 285 17.43 -31.46 -11.27
CA GLN G 285 17.15 -30.20 -10.60
C GLN G 285 17.74 -29.03 -11.38
N ARG G 286 17.09 -27.88 -11.22
CA ARG G 286 17.50 -26.65 -11.88
C ARG G 286 18.41 -25.86 -10.92
N TYR G 287 19.24 -24.99 -11.48
CA TYR G 287 20.15 -24.15 -10.69
C TYR G 287 21.12 -24.90 -9.79
N LEU G 288 21.77 -25.93 -10.32
CA LEU G 288 22.75 -26.68 -9.54
C LEU G 288 24.14 -26.08 -9.76
N ALA G 289 24.30 -25.41 -10.89
CA ALA G 289 25.55 -24.76 -11.25
C ALA G 289 25.23 -23.32 -11.69
N TRP G 290 26.17 -22.41 -11.52
CA TRP G 290 25.94 -21.02 -11.91
C TRP G 290 25.27 -20.87 -13.29
N SER G 291 24.56 -19.76 -13.46
CA SER G 291 23.85 -19.46 -14.72
C SER G 291 23.72 -17.97 -14.93
N GLY G 292 23.04 -17.60 -16.02
CA GLY G 292 22.84 -16.20 -16.38
C GLY G 292 22.67 -15.17 -15.27
N HIS G 293 21.67 -15.37 -14.39
CA HIS G 293 21.40 -14.45 -13.28
C HIS G 293 22.24 -14.68 -12.03
N SER G 294 23.05 -15.72 -12.03
CA SER G 294 23.87 -16.00 -10.86
C SER G 294 24.65 -14.78 -10.42
N ALA G 295 25.02 -13.91 -11.36
CA ALA G 295 25.79 -12.72 -11.01
C ALA G 295 24.97 -11.70 -10.24
N ARG G 296 23.82 -11.33 -10.82
CA ARG G 296 22.92 -10.36 -10.22
C ARG G 296 22.58 -10.74 -8.78
N VAL G 297 22.14 -11.99 -8.60
CA VAL G 297 21.77 -12.49 -7.28
C VAL G 297 22.87 -12.21 -6.27
N GLY G 298 24.06 -12.72 -6.57
CA GLY G 298 25.20 -12.53 -5.69
C GLY G 298 25.57 -11.08 -5.60
N ALA G 299 25.56 -10.38 -6.72
CA ALA G 299 25.91 -8.96 -6.71
C ALA G 299 24.99 -8.29 -5.69
N ALA G 300 23.69 -8.53 -5.85
CA ALA G 300 22.69 -7.97 -4.96
C ALA G 300 23.02 -8.32 -3.50
N ARG G 301 23.32 -9.59 -3.29
CA ARG G 301 23.62 -10.08 -1.94
C ARG G 301 24.84 -9.41 -1.30
N ASP G 302 25.89 -9.16 -2.08
CA ASP G 302 27.07 -8.53 -1.51
C ASP G 302 26.78 -7.09 -1.14
N MET G 303 26.20 -6.32 -2.05
CA MET G 303 25.88 -4.94 -1.77
C MET G 303 25.07 -4.85 -0.47
N ALA G 304 24.19 -5.83 -0.27
CA ALA G 304 23.37 -5.86 0.92
C ALA G 304 24.21 -6.02 2.19
N ARG G 305 25.19 -6.92 2.18
CA ARG G 305 26.02 -7.12 3.37
C ARG G 305 26.83 -5.87 3.63
N ALA G 306 27.04 -5.08 2.57
CA ALA G 306 27.81 -3.86 2.67
C ALA G 306 26.98 -2.79 3.35
N GLY G 307 25.67 -2.84 3.11
CA GLY G 307 24.77 -1.87 3.70
C GLY G 307 24.30 -0.86 2.67
N VAL G 308 24.30 -1.26 1.39
CA VAL G 308 23.86 -0.39 0.32
C VAL G 308 22.34 -0.32 0.35
N SER G 309 21.78 0.89 0.41
CA SER G 309 20.32 1.04 0.46
C SER G 309 19.66 0.27 -0.67
N ILE G 310 18.39 -0.08 -0.47
CA ILE G 310 17.65 -0.81 -1.50
C ILE G 310 17.63 -0.02 -2.80
N PRO G 311 17.30 1.28 -2.74
CA PRO G 311 17.30 2.00 -4.01
C PRO G 311 18.67 2.00 -4.68
N GLU G 312 19.73 2.11 -3.89
CA GLU G 312 21.06 2.11 -4.48
C GLU G 312 21.40 0.72 -5.06
N ILE G 313 20.86 -0.33 -4.44
CA ILE G 313 21.06 -1.70 -4.91
C ILE G 313 20.19 -1.90 -6.14
N MET G 314 18.99 -1.36 -6.11
CA MET G 314 18.07 -1.51 -7.23
C MET G 314 18.58 -0.87 -8.50
N GLN G 315 19.09 0.35 -8.38
CA GLN G 315 19.59 1.06 -9.55
C GLN G 315 20.89 0.44 -10.06
N ALA G 316 21.71 -0.05 -9.16
CA ALA G 316 22.97 -0.69 -9.54
C ALA G 316 22.73 -1.81 -10.56
N GLY G 317 21.63 -2.55 -10.40
CA GLY G 317 21.35 -3.63 -11.32
C GLY G 317 20.15 -3.42 -12.23
N GLY G 318 19.62 -2.20 -12.27
CA GLY G 318 18.47 -1.92 -13.10
C GLY G 318 17.15 -2.52 -12.63
N TRP G 319 17.06 -2.85 -11.35
CA TRP G 319 15.85 -3.42 -10.78
C TRP G 319 14.80 -2.35 -10.57
N THR G 320 13.52 -2.73 -10.63
CA THR G 320 12.42 -1.81 -10.42
C THR G 320 11.30 -2.51 -9.65
N ASN G 321 11.58 -3.74 -9.23
CA ASN G 321 10.64 -4.54 -8.47
C ASN G 321 11.34 -4.90 -7.16
N VAL G 322 11.07 -4.16 -6.09
CA VAL G 322 11.72 -4.44 -4.82
C VAL G 322 11.53 -5.83 -4.24
N ASN G 323 10.47 -6.53 -4.64
CA ASN G 323 10.28 -7.86 -4.10
C ASN G 323 11.37 -8.80 -4.61
N ILE G 324 11.75 -8.65 -5.88
CA ILE G 324 12.79 -9.50 -6.45
C ILE G 324 14.10 -9.38 -5.67
N VAL G 325 14.60 -8.17 -5.51
CA VAL G 325 15.84 -7.98 -4.76
C VAL G 325 15.67 -8.49 -3.35
N MET G 326 14.46 -8.37 -2.80
CA MET G 326 14.24 -8.84 -1.44
C MET G 326 14.32 -10.36 -1.40
N ASN G 327 14.02 -11.01 -2.52
CA ASN G 327 14.08 -12.47 -2.58
C ASN G 327 15.53 -12.92 -2.57
N TYR G 328 16.36 -12.19 -3.28
CA TYR G 328 17.77 -12.50 -3.38
C TYR G 328 18.54 -12.35 -2.07
N ILE G 329 18.08 -11.48 -1.18
CA ILE G 329 18.78 -11.28 0.08
C ILE G 329 18.01 -11.72 1.31
N ARG G 330 16.89 -12.42 1.11
CA ARG G 330 16.04 -12.88 2.23
C ARG G 330 16.76 -13.69 3.30
N ASN G 331 17.66 -14.58 2.88
CA ASN G 331 18.35 -15.42 3.82
C ASN G 331 19.52 -14.75 4.53
N LEU G 332 19.73 -13.46 4.31
CA LEU G 332 20.83 -12.79 4.97
C LEU G 332 20.40 -12.55 6.41
N ASP G 333 21.36 -12.53 7.33
CA ASP G 333 21.03 -12.31 8.73
C ASP G 333 20.47 -10.92 8.96
N SER G 334 20.95 -9.96 8.18
CA SER G 334 20.49 -8.59 8.33
C SER G 334 19.03 -8.40 7.91
N GLU G 335 18.35 -9.50 7.61
CA GLU G 335 16.94 -9.45 7.20
C GLU G 335 16.08 -10.37 8.06
N THR G 336 16.63 -10.82 9.18
CA THR G 336 15.89 -11.74 10.04
C THR G 336 14.65 -11.20 10.75
N GLY G 337 14.51 -9.89 10.84
CA GLY G 337 13.32 -9.32 11.45
C GLY G 337 13.36 -8.86 12.90
N ALA G 338 12.32 -8.12 13.27
CA ALA G 338 12.18 -7.56 14.61
C ALA G 338 12.09 -8.52 15.77
N MET G 339 11.43 -9.66 15.61
CA MET G 339 11.35 -10.59 16.73
C MET G 339 12.72 -11.19 17.07
N VAL G 340 13.49 -11.55 16.04
CA VAL G 340 14.81 -12.11 16.30
C VAL G 340 15.55 -11.10 17.16
N ARG G 341 15.60 -9.86 16.67
CA ARG G 341 16.28 -8.80 17.38
C ARG G 341 15.81 -8.70 18.82
N LEU G 342 14.50 -8.67 19.00
CA LEU G 342 13.86 -8.56 20.31
C LEU G 342 14.21 -9.71 21.26
N LEU G 343 14.31 -10.92 20.74
CA LEU G 343 14.62 -12.09 21.55
C LEU G 343 16.08 -12.14 21.95
N GLU G 344 16.94 -11.51 21.16
CA GLU G 344 18.35 -11.50 21.44
C GLU G 344 18.73 -10.25 22.20
N ASP G 345 17.99 -9.17 21.96
CA ASP G 345 18.23 -7.88 22.61
C ASP G 345 19.46 -7.17 22.03
N SER H 24 -26.97 8.56 -31.79
CA SER H 24 -27.62 8.05 -30.56
C SER H 24 -27.87 9.22 -29.61
N ASP H 25 -29.07 9.28 -29.02
CA ASP H 25 -29.38 10.35 -28.09
C ASP H 25 -28.41 10.26 -26.93
N GLU H 26 -28.16 9.04 -26.47
CA GLU H 26 -27.26 8.77 -25.36
C GLU H 26 -25.83 9.28 -25.58
N VAL H 27 -25.31 9.12 -26.78
CA VAL H 27 -23.96 9.60 -27.06
C VAL H 27 -23.90 11.12 -26.96
N ARG H 28 -24.80 11.83 -27.64
CA ARG H 28 -24.73 13.28 -27.57
C ARG H 28 -25.06 13.78 -26.18
N LYS H 29 -25.83 13.02 -25.42
CA LYS H 29 -26.14 13.47 -24.08
C LYS H 29 -24.94 13.25 -23.19
N ASN H 30 -24.20 12.17 -23.43
CA ASN H 30 -23.01 11.94 -22.64
C ASN H 30 -21.98 13.04 -22.94
N LEU H 31 -21.82 13.37 -24.21
CA LEU H 31 -20.88 14.41 -24.60
C LEU H 31 -21.28 15.76 -24.01
N MET H 32 -22.56 16.08 -24.02
CA MET H 32 -22.99 17.36 -23.50
C MET H 32 -22.77 17.44 -21.99
N ASP H 33 -22.90 16.30 -21.32
CA ASP H 33 -22.67 16.26 -19.87
C ASP H 33 -21.21 16.67 -19.59
N MET H 34 -20.30 16.02 -20.32
CA MET H 34 -18.87 16.25 -20.18
C MET H 34 -18.45 17.68 -20.50
N PHE H 35 -18.93 18.22 -21.61
CA PHE H 35 -18.56 19.58 -21.98
C PHE H 35 -19.13 20.63 -21.04
N ARG H 36 -20.26 20.32 -20.43
CA ARG H 36 -20.89 21.24 -19.49
C ARG H 36 -20.05 21.32 -18.24
N ASP H 37 -19.56 20.17 -17.78
CA ASP H 37 -18.73 20.13 -16.60
C ASP H 37 -17.28 19.84 -16.98
N ARG H 38 -16.82 20.47 -18.05
CA ARG H 38 -15.45 20.29 -18.51
C ARG H 38 -14.48 20.58 -17.38
N GLN H 39 -14.85 21.53 -16.52
CA GLN H 39 -14.03 21.92 -15.38
C GLN H 39 -13.87 20.78 -14.37
N ALA H 40 -14.39 19.60 -14.69
CA ALA H 40 -14.23 18.46 -13.79
C ALA H 40 -12.90 17.83 -14.12
N PHE H 41 -12.30 18.31 -15.20
CA PHE H 41 -11.01 17.78 -15.64
C PHE H 41 -9.97 18.89 -15.63
N SER H 42 -8.70 18.53 -15.84
CA SER H 42 -7.66 19.53 -15.86
C SER H 42 -7.79 20.40 -17.10
N GLU H 43 -7.41 21.67 -16.97
CA GLU H 43 -7.48 22.59 -18.09
C GLU H 43 -6.55 22.02 -19.16
N HIS H 44 -5.48 21.38 -18.72
CA HIS H 44 -4.53 20.77 -19.63
C HIS H 44 -5.15 19.56 -20.33
N THR H 45 -5.95 18.80 -19.60
CA THR H 45 -6.59 17.66 -20.21
C THR H 45 -7.46 18.19 -21.32
N TRP H 46 -8.18 19.28 -21.07
CA TRP H 46 -9.00 19.82 -22.13
C TRP H 46 -8.15 20.37 -23.25
N LYS H 47 -7.09 21.09 -22.90
CA LYS H 47 -6.18 21.66 -23.90
C LYS H 47 -5.72 20.58 -24.89
N MET H 48 -5.26 19.44 -24.39
CA MET H 48 -4.78 18.34 -25.24
C MET H 48 -5.87 17.60 -26.00
N LEU H 49 -7.04 17.49 -25.40
CA LEU H 49 -8.14 16.81 -26.06
C LEU H 49 -8.38 17.58 -27.36
N LEU H 50 -8.48 18.89 -27.23
CA LEU H 50 -8.76 19.73 -28.39
C LEU H 50 -7.66 19.70 -29.43
N SER H 51 -6.41 19.66 -28.98
CA SER H 51 -5.29 19.64 -29.90
C SER H 51 -5.33 18.35 -30.74
N VAL H 52 -5.38 17.22 -30.05
CA VAL H 52 -5.44 15.93 -30.72
C VAL H 52 -6.62 15.86 -31.67
N CYS H 53 -7.79 16.28 -31.21
CA CYS H 53 -8.97 16.22 -32.06
C CYS H 53 -8.79 16.99 -33.35
N ARG H 54 -8.32 18.24 -33.27
CA ARG H 54 -8.17 19.00 -34.50
C ARG H 54 -7.19 18.27 -35.41
N SER H 55 -6.09 17.82 -34.84
CA SER H 55 -5.09 17.08 -35.61
C SER H 55 -5.75 15.87 -36.27
N TRP H 56 -6.60 15.20 -35.50
CA TRP H 56 -7.33 14.02 -35.95
C TRP H 56 -8.43 14.40 -36.92
N ALA H 57 -8.88 15.64 -36.84
CA ALA H 57 -9.92 16.14 -37.73
C ALA H 57 -9.31 16.50 -39.07
N ALA H 58 -8.15 17.14 -39.01
CA ALA H 58 -7.45 17.56 -40.22
C ALA H 58 -7.13 16.36 -41.09
N TRP H 59 -6.44 15.38 -40.51
CA TRP H 59 -6.09 14.18 -41.23
C TRP H 59 -7.32 13.51 -41.83
N CYS H 60 -8.36 13.32 -41.01
CA CYS H 60 -9.58 12.69 -41.49
C CYS H 60 -10.17 13.39 -42.70
N LYS H 61 -10.06 14.72 -42.74
CA LYS H 61 -10.62 15.48 -43.85
C LYS H 61 -9.75 15.35 -45.09
N LEU H 62 -8.44 15.47 -44.88
CA LEU H 62 -7.47 15.35 -45.97
C LEU H 62 -7.37 13.94 -46.52
N ASN H 63 -8.15 13.02 -45.95
CA ASN H 63 -8.15 11.63 -46.37
C ASN H 63 -9.55 11.06 -46.50
N ASN H 64 -10.55 11.92 -46.41
CA ASN H 64 -11.94 11.47 -46.50
C ASN H 64 -12.22 10.33 -45.55
N ARG H 65 -12.20 10.65 -44.26
CA ARG H 65 -12.45 9.67 -43.20
C ARG H 65 -13.43 10.27 -42.22
N LYS H 66 -14.34 9.45 -41.68
CA LYS H 66 -15.29 9.92 -40.68
C LYS H 66 -14.44 10.12 -39.43
N TRP H 67 -14.47 11.31 -38.84
CA TRP H 67 -13.65 11.56 -37.66
C TRP H 67 -14.31 11.18 -36.34
N PHE H 68 -15.60 10.81 -36.37
CA PHE H 68 -16.30 10.42 -35.16
C PHE H 68 -17.69 9.90 -35.46
N PRO H 69 -18.03 8.71 -34.94
CA PRO H 69 -17.11 7.94 -34.12
C PRO H 69 -16.01 7.37 -34.99
N ALA H 70 -14.77 7.47 -34.51
CA ALA H 70 -13.60 6.97 -35.21
C ALA H 70 -13.64 5.49 -35.51
N GLU H 71 -13.25 5.14 -36.75
CA GLU H 71 -13.22 3.76 -37.20
C GLU H 71 -11.86 3.18 -36.79
N PRO H 72 -11.85 1.94 -36.25
CA PRO H 72 -10.58 1.32 -35.84
C PRO H 72 -9.51 1.24 -36.90
N GLU H 73 -9.89 1.00 -38.15
CA GLU H 73 -8.88 0.92 -39.20
C GLU H 73 -8.28 2.27 -39.51
N ASP H 74 -9.06 3.33 -39.33
CA ASP H 74 -8.55 4.69 -39.59
C ASP H 74 -7.59 5.12 -38.47
N VAL H 75 -7.96 4.88 -37.22
CA VAL H 75 -7.09 5.25 -36.11
C VAL H 75 -5.74 4.57 -36.31
N ARG H 76 -5.76 3.37 -36.86
CA ARG H 76 -4.51 2.64 -37.10
C ARG H 76 -3.69 3.44 -38.10
N ASP H 77 -4.32 3.83 -39.19
CA ASP H 77 -3.62 4.60 -40.19
C ASP H 77 -3.06 5.87 -39.60
N TYR H 78 -3.91 6.59 -38.87
CA TYR H 78 -3.52 7.84 -38.25
C TYR H 78 -2.33 7.70 -37.30
N LEU H 79 -2.32 6.61 -36.53
CA LEU H 79 -1.23 6.39 -35.59
C LEU H 79 0.05 6.10 -36.35
N LEU H 80 -0.07 5.49 -37.53
CA LEU H 80 1.11 5.20 -38.34
C LEU H 80 1.57 6.51 -39.00
N TYR H 81 0.61 7.34 -39.38
CA TYR H 81 0.93 8.61 -39.99
C TYR H 81 1.77 9.42 -39.02
N LEU H 82 1.41 9.36 -37.72
CA LEU H 82 2.13 10.08 -36.69
C LEU H 82 3.52 9.49 -36.50
N GLN H 83 3.63 8.16 -36.56
CA GLN H 83 4.93 7.52 -36.42
C GLN H 83 5.79 8.06 -37.54
N ALA H 84 5.23 8.03 -38.75
CA ALA H 84 5.92 8.51 -39.94
C ALA H 84 6.36 9.95 -39.75
N ARG H 85 5.51 10.77 -39.16
CA ARG H 85 5.84 12.17 -38.92
C ARG H 85 7.06 12.26 -38.00
N GLY H 86 7.51 11.10 -37.51
CA GLY H 86 8.67 11.06 -36.63
C GLY H 86 8.43 11.53 -35.21
N LEU H 87 7.20 11.42 -34.74
CA LEU H 87 6.86 11.86 -33.39
C LEU H 87 7.20 10.78 -32.36
N ALA H 88 7.37 11.22 -31.12
CA ALA H 88 7.72 10.34 -29.99
C ALA H 88 6.64 9.32 -29.66
N VAL H 89 7.08 8.19 -29.12
CA VAL H 89 6.15 7.12 -28.74
C VAL H 89 5.07 7.66 -27.83
N LYS H 90 5.49 8.43 -26.82
CA LYS H 90 4.54 8.99 -25.90
C LYS H 90 3.61 9.96 -26.63
N THR H 91 4.15 10.79 -27.52
CA THR H 91 3.32 11.74 -28.26
C THR H 91 2.20 11.04 -29.01
N ILE H 92 2.50 9.86 -29.57
CA ILE H 92 1.51 9.08 -30.30
C ILE H 92 0.54 8.44 -29.33
N GLN H 93 1.03 8.05 -28.15
CA GLN H 93 0.17 7.45 -27.12
C GLN H 93 -0.86 8.46 -26.62
N GLN H 94 -0.43 9.72 -26.53
CA GLN H 94 -1.29 10.82 -26.10
C GLN H 94 -2.44 11.03 -27.08
N HIS H 95 -2.11 10.98 -28.38
CA HIS H 95 -3.14 11.15 -29.40
C HIS H 95 -4.16 10.03 -29.26
N LEU H 96 -3.69 8.80 -29.34
CA LEU H 96 -4.57 7.67 -29.20
C LEU H 96 -5.34 7.80 -27.89
N GLY H 97 -4.62 8.19 -26.84
CA GLY H 97 -5.20 8.36 -25.52
C GLY H 97 -6.40 9.27 -25.46
N GLN H 98 -6.33 10.42 -26.11
CA GLN H 98 -7.45 11.34 -26.11
C GLN H 98 -8.59 10.74 -26.93
N LEU H 99 -8.29 10.23 -28.13
CA LEU H 99 -9.34 9.61 -28.95
C LEU H 99 -10.01 8.52 -28.11
N ASN H 100 -9.27 7.90 -27.20
CA ASN H 100 -9.86 6.86 -26.37
C ASN H 100 -10.85 7.49 -25.42
N MET H 101 -10.40 8.52 -24.72
CA MET H 101 -11.23 9.21 -23.74
C MET H 101 -12.51 9.73 -24.36
N LEU H 102 -12.36 10.45 -25.47
CA LEU H 102 -13.49 11.04 -26.17
C LEU H 102 -14.58 10.01 -26.37
N HIS H 103 -14.19 8.83 -26.86
CA HIS H 103 -15.15 7.78 -27.09
C HIS H 103 -15.72 7.12 -25.83
N ARG H 104 -14.85 6.67 -24.92
CA ARG H 104 -15.34 6.01 -23.72
C ARG H 104 -16.31 6.88 -22.98
N ARG H 105 -15.91 8.13 -22.79
CA ARG H 105 -16.70 9.12 -22.08
C ARG H 105 -18.00 9.41 -22.86
N SER H 106 -18.08 8.89 -24.09
CA SER H 106 -19.25 9.07 -24.96
C SER H 106 -20.22 7.93 -24.73
N GLY H 107 -19.67 6.80 -24.32
CA GLY H 107 -20.46 5.61 -24.10
C GLY H 107 -20.22 4.67 -25.26
N LEU H 108 -19.27 5.00 -26.11
CA LEU H 108 -18.93 4.17 -27.25
C LEU H 108 -17.66 3.42 -26.93
N PRO H 109 -17.39 2.32 -27.64
CA PRO H 109 -16.15 1.58 -27.38
C PRO H 109 -14.97 2.41 -27.84
N ARG H 110 -13.79 2.12 -27.29
CA ARG H 110 -12.59 2.87 -27.64
C ARG H 110 -11.81 2.25 -28.79
N PRO H 111 -11.11 3.09 -29.58
CA PRO H 111 -10.32 2.59 -30.69
C PRO H 111 -9.36 1.51 -30.17
N SER H 112 -8.90 1.67 -28.94
CA SER H 112 -8.00 0.71 -28.33
C SER H 112 -8.71 -0.60 -28.01
N ASP H 113 -10.02 -0.62 -28.20
CA ASP H 113 -10.77 -1.84 -27.95
C ASP H 113 -10.70 -2.71 -29.19
N SER H 114 -10.04 -2.22 -30.23
CA SER H 114 -9.91 -3.00 -31.45
C SER H 114 -8.47 -3.50 -31.63
N ASN H 115 -8.33 -4.76 -32.06
CA ASN H 115 -7.01 -5.32 -32.29
C ASN H 115 -6.17 -4.43 -33.19
N ALA H 116 -6.80 -3.92 -34.23
CA ALA H 116 -6.11 -3.06 -35.16
C ALA H 116 -5.32 -1.97 -34.43
N VAL H 117 -6.03 -1.10 -33.71
CA VAL H 117 -5.39 -0.02 -32.98
C VAL H 117 -4.56 -0.51 -31.80
N SER H 118 -5.07 -1.53 -31.12
CA SER H 118 -4.39 -2.09 -29.96
C SER H 118 -2.97 -2.55 -30.30
N LEU H 119 -2.84 -3.43 -31.29
CA LEU H 119 -1.56 -3.97 -31.73
C LEU H 119 -0.62 -2.99 -32.41
N VAL H 120 -1.16 -2.11 -33.24
CA VAL H 120 -0.31 -1.15 -33.94
C VAL H 120 0.35 -0.20 -32.96
N MET H 121 -0.30 0.06 -31.84
CA MET H 121 0.26 0.97 -30.84
C MET H 121 1.41 0.29 -30.12
N ARG H 122 1.34 -1.03 -29.96
CA ARG H 122 2.41 -1.76 -29.30
C ARG H 122 3.56 -1.82 -30.27
N ARG H 123 3.22 -2.03 -31.54
CA ARG H 123 4.21 -2.13 -32.60
C ARG H 123 4.99 -0.82 -32.76
N ILE H 124 4.28 0.29 -32.90
CA ILE H 124 4.94 1.59 -33.06
C ILE H 124 5.96 1.81 -31.96
N ARG H 125 5.56 1.54 -30.72
CA ARG H 125 6.48 1.69 -29.59
C ARG H 125 7.65 0.75 -29.82
N LYS H 126 7.35 -0.55 -29.90
CA LYS H 126 8.37 -1.56 -30.13
C LYS H 126 9.37 -1.15 -31.20
N GLU H 127 8.88 -0.76 -32.37
CA GLU H 127 9.75 -0.35 -33.45
C GLU H 127 10.61 0.85 -33.04
N ASN H 128 9.96 1.97 -32.78
CA ASN H 128 10.68 3.18 -32.38
C ASN H 128 11.69 2.93 -31.28
N VAL H 129 11.36 2.07 -30.33
CA VAL H 129 12.30 1.80 -29.25
C VAL H 129 13.59 1.20 -29.82
N ASP H 130 13.43 0.22 -30.70
CA ASP H 130 14.59 -0.41 -31.31
C ASP H 130 15.33 0.58 -32.20
N ALA H 131 14.57 1.36 -32.96
CA ALA H 131 15.16 2.36 -33.85
C ALA H 131 16.04 3.33 -33.08
N GLY H 132 16.03 3.25 -31.75
CA GLY H 132 16.86 4.12 -30.95
C GLY H 132 16.17 5.28 -30.24
N GLU H 133 14.84 5.32 -30.24
CA GLU H 133 14.12 6.39 -29.57
C GLU H 133 14.01 6.08 -28.07
N ARG H 134 14.37 7.05 -27.23
CA ARG H 134 14.30 6.85 -25.78
C ARG H 134 13.63 8.05 -25.11
N ALA H 135 12.89 7.79 -24.04
CA ALA H 135 12.21 8.87 -23.31
C ALA H 135 13.26 9.65 -22.55
N LYS H 136 13.22 10.97 -22.69
CA LYS H 136 14.20 11.80 -22.03
C LYS H 136 13.67 12.29 -20.69
N GLN H 137 14.46 13.12 -20.00
CA GLN H 137 14.04 13.68 -18.73
C GLN H 137 14.93 14.86 -18.36
N ALA H 138 14.36 15.81 -17.63
CA ALA H 138 15.07 17.00 -17.20
C ALA H 138 16.50 16.80 -16.72
N LEU H 139 17.31 17.80 -17.02
CA LEU H 139 18.71 17.84 -16.62
C LEU H 139 18.73 18.14 -15.14
N ALA H 140 19.34 17.26 -14.36
CA ALA H 140 19.38 17.44 -12.91
C ALA H 140 19.95 18.75 -12.42
N PHE H 141 19.40 19.21 -11.29
CA PHE H 141 19.82 20.42 -10.59
C PHE H 141 19.98 19.83 -9.21
N GLU H 142 21.17 19.32 -8.92
CA GLU H 142 21.43 18.67 -7.63
C GLU H 142 22.00 19.62 -6.58
N ARG H 143 22.23 19.10 -5.38
CA ARG H 143 22.76 19.90 -4.28
C ARG H 143 24.02 20.66 -4.70
N THR H 144 24.81 20.02 -5.56
CA THR H 144 26.04 20.56 -6.07
C THR H 144 25.87 21.90 -6.74
N ASP H 145 24.80 22.01 -7.52
CA ASP H 145 24.49 23.21 -8.25
C ASP H 145 23.80 24.24 -7.36
N PHE H 146 22.90 23.76 -6.52
CA PHE H 146 22.20 24.67 -5.63
C PHE H 146 23.24 25.38 -4.78
N ASP H 147 24.22 24.62 -4.28
CA ASP H 147 25.28 25.21 -3.47
C ASP H 147 26.10 26.25 -4.24
N GLN H 148 26.31 26.01 -5.53
CA GLN H 148 27.04 26.94 -6.36
C GLN H 148 26.15 28.15 -6.63
N VAL H 149 25.02 27.90 -7.28
CA VAL H 149 24.09 28.96 -7.60
C VAL H 149 23.78 29.84 -6.40
N ARG H 150 23.88 29.27 -5.20
CA ARG H 150 23.59 30.05 -4.00
C ARG H 150 24.75 30.94 -3.61
N SER H 151 25.91 30.34 -3.34
CA SER H 151 27.08 31.11 -2.94
C SER H 151 27.35 32.22 -3.95
N LEU H 152 26.94 31.94 -5.19
CA LEU H 152 27.13 32.87 -6.30
C LEU H 152 26.10 34.02 -6.39
N MET H 153 24.89 33.80 -5.89
CA MET H 153 23.85 34.83 -5.94
C MET H 153 23.49 35.31 -4.53
N GLU H 154 23.87 34.51 -3.56
CA GLU H 154 23.61 34.72 -2.14
C GLU H 154 23.81 36.13 -1.62
N ASN H 155 24.69 36.91 -2.27
CA ASN H 155 24.97 38.26 -1.80
C ASN H 155 24.26 39.38 -2.52
N SER H 156 23.75 39.10 -3.72
CA SER H 156 23.03 40.09 -4.49
C SER H 156 21.92 40.74 -3.67
N ASP H 157 21.57 41.98 -4.02
CA ASP H 157 20.51 42.68 -3.31
C ASP H 157 19.39 42.98 -4.27
N ARG H 158 19.54 42.48 -5.49
CA ARG H 158 18.55 42.67 -6.54
C ARG H 158 17.33 41.78 -6.29
N CYS H 159 16.14 42.39 -6.34
CA CYS H 159 14.90 41.64 -6.12
C CYS H 159 14.90 40.40 -6.99
N GLN H 160 15.22 40.58 -8.26
CA GLN H 160 15.25 39.47 -9.17
C GLN H 160 16.10 38.32 -8.60
N ASP H 161 17.33 38.63 -8.23
CA ASP H 161 18.22 37.61 -7.68
C ASP H 161 17.67 36.95 -6.42
N ILE H 162 17.18 37.78 -5.50
CA ILE H 162 16.61 37.29 -4.25
C ILE H 162 15.42 36.35 -4.45
N ARG H 163 14.52 36.73 -5.35
CA ARG H 163 13.36 35.90 -5.65
C ARG H 163 13.80 34.58 -6.23
N ASN H 164 14.59 34.64 -7.28
CA ASN H 164 15.05 33.45 -7.95
C ASN H 164 15.82 32.46 -7.09
N LEU H 165 16.53 32.95 -6.09
CA LEU H 165 17.26 32.02 -5.24
C LEU H 165 16.26 31.28 -4.36
N ALA H 166 15.26 32.00 -3.86
CA ALA H 166 14.23 31.40 -3.00
C ALA H 166 13.45 30.34 -3.78
N PHE H 167 13.13 30.64 -5.03
CA PHE H 167 12.40 29.68 -5.85
C PHE H 167 13.26 28.43 -6.05
N LEU H 168 14.51 28.61 -6.46
CA LEU H 168 15.38 27.45 -6.65
C LEU H 168 15.46 26.65 -5.36
N GLY H 169 15.53 27.35 -4.23
CA GLY H 169 15.58 26.69 -2.93
C GLY H 169 14.37 25.84 -2.62
N ILE H 170 13.17 26.37 -2.83
CA ILE H 170 11.94 25.62 -2.60
C ILE H 170 11.84 24.46 -3.58
N ALA H 171 12.17 24.74 -4.84
CA ALA H 171 12.11 23.73 -5.89
C ALA H 171 12.96 22.51 -5.56
N TYR H 172 14.15 22.75 -5.05
CA TYR H 172 15.04 21.66 -4.72
C TYR H 172 14.66 21.02 -3.38
N ASN H 173 14.38 21.85 -2.40
CA ASN H 173 14.02 21.36 -1.07
C ASN H 173 12.70 20.56 -1.03
N THR H 174 11.64 21.07 -1.67
CA THR H 174 10.33 20.38 -1.65
C THR H 174 10.06 19.40 -2.78
N LEU H 175 10.70 19.61 -3.93
CA LEU H 175 10.48 18.77 -5.10
C LEU H 175 9.10 19.08 -5.70
N LEU H 176 8.44 20.13 -5.21
CA LEU H 176 7.13 20.49 -5.76
C LEU H 176 7.30 20.79 -7.26
N ARG H 177 6.25 20.54 -8.05
CA ARG H 177 6.27 20.83 -9.48
C ARG H 177 6.01 22.33 -9.67
N ILE H 178 6.57 22.94 -10.72
CA ILE H 178 6.38 24.38 -10.90
C ILE H 178 4.93 24.84 -10.76
N ALA H 179 3.99 24.13 -11.36
CA ALA H 179 2.57 24.50 -11.26
C ALA H 179 2.17 24.67 -9.81
N GLU H 180 2.61 23.76 -8.96
CA GLU H 180 2.31 23.82 -7.55
C GLU H 180 2.95 25.03 -6.90
N ILE H 181 4.25 25.22 -7.13
CA ILE H 181 4.97 26.36 -6.53
C ILE H 181 4.33 27.69 -6.92
N ALA H 182 3.93 27.81 -8.19
CA ALA H 182 3.30 29.02 -8.68
C ALA H 182 1.98 29.36 -7.98
N ARG H 183 1.41 28.40 -7.27
CA ARG H 183 0.14 28.60 -6.58
C ARG H 183 0.23 28.92 -5.10
N ILE H 184 1.41 28.80 -4.52
CA ILE H 184 1.54 29.08 -3.10
C ILE H 184 1.15 30.51 -2.75
N ARG H 185 0.15 30.67 -1.90
CA ARG H 185 -0.23 32.02 -1.46
C ARG H 185 0.43 32.19 -0.09
N VAL H 186 0.74 33.42 0.27
CA VAL H 186 1.40 33.71 1.52
C VAL H 186 0.69 33.14 2.73
N LYS H 187 -0.63 32.98 2.62
CA LYS H 187 -1.42 32.43 3.71
C LYS H 187 -1.13 30.95 3.91
N ASP H 188 -0.59 30.30 2.90
CA ASP H 188 -0.30 28.87 2.99
C ASP H 188 0.99 28.59 3.73
N ILE H 189 1.62 29.62 4.28
CA ILE H 189 2.88 29.46 4.99
C ILE H 189 2.75 29.55 6.50
N SER H 190 3.35 28.60 7.21
CA SER H 190 3.33 28.59 8.67
C SER H 190 4.73 28.18 9.14
N ARG H 191 4.88 27.90 10.42
CA ARG H 191 6.19 27.50 10.94
C ARG H 191 6.12 26.39 11.96
N THR H 192 7.17 25.57 12.01
CA THR H 192 7.25 24.49 12.98
C THR H 192 7.73 25.13 14.28
N ASP H 193 7.54 24.45 15.40
CA ASP H 193 7.98 25.02 16.68
C ASP H 193 9.46 25.33 16.65
N GLY H 194 10.18 24.64 15.77
CA GLY H 194 11.61 24.85 15.65
C GLY H 194 11.99 26.07 14.83
N GLY H 195 11.09 26.54 13.99
CA GLY H 195 11.40 27.72 13.21
C GLY H 195 11.45 27.53 11.70
N ARG H 196 11.37 26.28 11.24
CA ARG H 196 11.39 25.98 9.81
C ARG H 196 10.03 26.28 9.17
N MET H 197 10.04 26.81 7.96
CA MET H 197 8.79 27.11 7.26
C MET H 197 8.07 25.85 6.80
N LEU H 198 6.75 25.97 6.72
CA LEU H 198 5.90 24.88 6.28
C LEU H 198 4.93 25.45 5.24
N ILE H 199 5.00 24.91 4.03
CA ILE H 199 4.11 25.36 2.99
C ILE H 199 3.01 24.33 2.82
N HIS H 200 1.76 24.77 2.84
CA HIS H 200 0.63 23.87 2.66
C HIS H 200 0.34 23.78 1.16
N ILE H 201 0.19 22.56 0.66
CA ILE H 201 -0.12 22.38 -0.75
C ILE H 201 -1.48 21.70 -0.86
N GLY H 202 -2.39 22.33 -1.59
CA GLY H 202 -3.70 21.74 -1.73
C GLY H 202 -3.79 20.78 -2.88
N ARG H 203 -3.44 21.27 -4.07
CA ARG H 203 -3.51 20.44 -5.26
C ARG H 203 -2.18 20.18 -5.94
N THR H 204 -2.03 18.95 -6.42
CA THR H 204 -0.84 18.52 -7.14
C THR H 204 -1.28 17.64 -8.30
N LYS H 205 -0.36 17.23 -9.14
CA LYS H 205 -0.69 16.40 -10.29
C LYS H 205 -1.52 15.18 -9.92
N THR H 206 -1.31 14.66 -8.71
CA THR H 206 -2.00 13.46 -8.27
C THR H 206 -2.77 13.51 -6.97
N LEU H 207 -3.22 14.70 -6.58
CA LEU H 207 -3.99 14.85 -5.34
C LEU H 207 -4.80 16.13 -5.42
N VAL H 208 -6.10 16.00 -5.21
CA VAL H 208 -6.99 17.15 -5.24
C VAL H 208 -7.92 17.02 -4.03
N SER H 209 -7.38 17.32 -2.85
CA SER H 209 -8.16 17.22 -1.61
C SER H 209 -8.09 18.46 -0.73
N THR H 210 -8.97 18.50 0.27
CA THR H 210 -9.01 19.61 1.19
C THR H 210 -8.10 19.31 2.37
N ALA H 211 -7.42 18.18 2.33
CA ALA H 211 -6.50 17.80 3.37
C ALA H 211 -5.12 18.31 2.98
N GLY H 212 -4.75 18.06 1.74
CA GLY H 212 -3.46 18.50 1.26
C GLY H 212 -2.32 17.93 2.08
N VAL H 213 -1.12 18.40 1.80
CA VAL H 213 0.06 17.94 2.50
C VAL H 213 0.91 19.15 2.86
N GLU H 214 1.83 18.97 3.82
CA GLU H 214 2.71 20.07 4.22
C GLU H 214 4.13 19.76 3.75
N LYS H 215 4.76 20.75 3.11
CA LYS H 215 6.12 20.63 2.63
C LYS H 215 7.00 21.56 3.46
N ALA H 216 7.88 20.99 4.27
CA ALA H 216 8.76 21.78 5.13
C ALA H 216 10.07 22.18 4.50
N LEU H 217 10.59 23.32 4.92
CA LEU H 217 11.85 23.82 4.42
C LEU H 217 12.94 23.76 5.50
N SER H 218 14.19 23.69 5.05
CA SER H 218 15.35 23.65 5.94
C SER H 218 15.54 25.04 6.53
N LEU H 219 16.22 25.12 7.67
CA LEU H 219 16.47 26.41 8.32
C LEU H 219 17.11 27.39 7.33
N GLY H 220 17.96 26.85 6.47
CA GLY H 220 18.62 27.68 5.48
C GLY H 220 17.70 28.17 4.39
N VAL H 221 16.89 27.28 3.82
CA VAL H 221 15.99 27.70 2.75
C VAL H 221 14.90 28.63 3.28
N THR H 222 14.42 28.37 4.48
CA THR H 222 13.38 29.24 5.00
C THR H 222 13.96 30.66 5.09
N LYS H 223 15.27 30.75 5.22
CA LYS H 223 15.95 32.06 5.27
C LYS H 223 15.78 32.73 3.90
N LEU H 224 16.21 32.02 2.86
CA LEU H 224 16.11 32.53 1.49
C LEU H 224 14.70 33.00 1.17
N VAL H 225 13.68 32.32 1.68
CA VAL H 225 12.32 32.72 1.40
C VAL H 225 11.90 33.90 2.27
N GLU H 226 12.45 34.00 3.47
CA GLU H 226 12.13 35.12 4.36
C GLU H 226 12.68 36.41 3.78
N ARG H 227 13.90 36.34 3.26
CA ARG H 227 14.53 37.52 2.67
C ARG H 227 13.70 37.98 1.49
N TRP H 228 13.22 37.05 0.67
CA TRP H 228 12.39 37.42 -0.48
C TRP H 228 11.04 38.00 -0.07
N ILE H 229 10.42 37.44 0.97
CA ILE H 229 9.13 37.93 1.42
C ILE H 229 9.22 39.39 1.87
N SER H 230 10.24 39.70 2.66
CA SER H 230 10.42 41.05 3.16
C SER H 230 10.79 42.04 2.06
N VAL H 231 11.59 41.60 1.11
CA VAL H 231 11.99 42.49 0.03
C VAL H 231 10.94 42.67 -1.08
N SER H 232 10.00 41.74 -1.19
CA SER H 232 8.99 41.84 -2.24
C SER H 232 7.72 42.50 -1.78
N GLY H 233 7.41 42.36 -0.51
CA GLY H 233 6.19 42.96 0.02
C GLY H 233 4.96 42.15 -0.32
N VAL H 234 5.11 40.85 -0.48
CA VAL H 234 3.98 40.00 -0.80
C VAL H 234 3.14 39.77 0.45
N ALA H 235 3.76 39.97 1.60
CA ALA H 235 3.09 39.76 2.88
C ALA H 235 2.05 40.83 3.22
N ASP H 236 1.86 41.80 2.34
CA ASP H 236 0.89 42.85 2.60
C ASP H 236 -0.51 42.26 2.60
N ASP H 237 -0.71 41.25 1.76
CA ASP H 237 -1.99 40.57 1.66
C ASP H 237 -1.71 39.10 1.76
N PRO H 238 -2.27 38.43 2.77
CA PRO H 238 -2.05 37.00 2.92
C PRO H 238 -2.52 36.18 1.73
N ASN H 239 -3.29 36.82 0.85
CA ASN H 239 -3.81 36.16 -0.34
C ASN H 239 -2.86 36.30 -1.51
N ASN H 240 -1.81 37.10 -1.35
CA ASN H 240 -0.84 37.27 -2.41
C ASN H 240 -0.07 35.99 -2.66
N TYR H 241 0.21 35.71 -3.92
CA TYR H 241 0.99 34.54 -4.23
C TYR H 241 2.41 34.88 -3.75
N LEU H 242 3.11 33.90 -3.18
CA LEU H 242 4.47 34.10 -2.70
C LEU H 242 5.41 34.66 -3.79
N PHE H 243 5.37 34.13 -5.00
CA PHE H 243 6.24 34.65 -6.08
C PHE H 243 5.43 35.48 -7.06
N CYS H 244 6.10 36.44 -7.68
CA CYS H 244 5.46 37.33 -8.63
C CYS H 244 6.50 37.90 -9.57
N ARG H 245 6.08 38.87 -10.38
CA ARG H 245 6.96 39.51 -11.34
C ARG H 245 7.87 40.49 -10.65
N VAL H 246 8.96 40.81 -11.33
CA VAL H 246 9.93 41.79 -10.86
C VAL H 246 10.39 42.49 -12.14
N ARG H 247 9.85 43.69 -12.34
CA ARG H 247 10.13 44.53 -13.50
C ARG H 247 11.57 45.02 -13.61
N LYS H 248 11.94 45.54 -14.78
CA LYS H 248 13.30 46.02 -15.02
C LYS H 248 13.78 47.05 -14.01
N ASN H 249 12.87 47.71 -13.32
CA ASN H 249 13.27 48.71 -12.34
C ASN H 249 13.61 48.05 -11.01
N GLY H 250 13.69 46.74 -11.00
CA GLY H 250 14.01 46.02 -9.78
C GLY H 250 12.90 45.92 -8.75
N VAL H 251 11.71 46.44 -9.07
CA VAL H 251 10.60 46.39 -8.13
C VAL H 251 9.64 45.23 -8.36
N ALA H 252 9.29 44.56 -7.26
CA ALA H 252 8.38 43.43 -7.27
C ALA H 252 6.93 43.92 -7.31
N ALA H 253 6.08 43.18 -8.03
CA ALA H 253 4.68 43.54 -8.16
C ALA H 253 3.78 42.44 -7.63
N PRO H 254 3.70 42.28 -6.30
CA PRO H 254 2.85 41.23 -5.73
C PRO H 254 1.44 41.27 -6.28
N SER H 255 0.75 40.15 -6.15
CA SER H 255 -0.61 40.02 -6.64
C SER H 255 -1.33 38.89 -5.94
N ALA H 256 -2.65 38.87 -6.05
CA ALA H 256 -3.44 37.84 -5.42
C ALA H 256 -4.42 37.34 -6.48
N THR H 257 -4.26 37.82 -7.69
CA THR H 257 -5.13 37.46 -8.79
C THR H 257 -4.34 36.72 -9.85
N SER H 258 -3.17 37.27 -10.16
CA SER H 258 -2.29 36.69 -11.15
C SER H 258 -1.09 36.08 -10.47
N GLN H 259 -0.74 34.86 -10.87
CA GLN H 259 0.43 34.23 -10.31
C GLN H 259 1.47 34.22 -11.41
N LEU H 260 2.73 34.03 -11.02
CA LEU H 260 3.82 34.01 -11.96
C LEU H 260 3.61 32.78 -12.87
N SER H 261 3.86 32.97 -14.15
CA SER H 261 3.70 31.93 -15.14
C SER H 261 4.60 30.75 -14.86
N THR H 262 4.15 29.53 -15.18
CA THR H 262 5.03 28.38 -14.96
C THR H 262 6.13 28.49 -15.99
N ARG H 263 5.85 29.23 -17.06
CA ARG H 263 6.84 29.46 -18.11
C ARG H 263 7.95 30.28 -17.48
N ALA H 264 7.55 31.29 -16.70
CA ALA H 264 8.50 32.15 -16.02
C ALA H 264 9.40 31.30 -15.13
N LEU H 265 8.77 30.46 -14.31
CA LEU H 265 9.51 29.58 -13.43
C LEU H 265 10.51 28.76 -14.25
N GLU H 266 10.06 28.24 -15.39
CA GLU H 266 10.96 27.46 -16.24
C GLU H 266 12.12 28.38 -16.64
N GLY H 267 11.78 29.60 -17.06
CA GLY H 267 12.80 30.55 -17.45
C GLY H 267 13.81 30.76 -16.34
N ILE H 268 13.35 30.80 -15.11
CA ILE H 268 14.27 31.00 -14.01
C ILE H 268 15.34 29.90 -14.04
N PHE H 269 14.95 28.68 -14.37
CA PHE H 269 15.92 27.58 -14.45
C PHE H 269 16.85 27.76 -15.62
N GLU H 270 16.29 28.15 -16.76
CA GLU H 270 17.09 28.36 -17.96
C GLU H 270 18.08 29.48 -17.71
N ALA H 271 17.59 30.57 -17.16
CA ALA H 271 18.42 31.73 -16.87
C ALA H 271 19.55 31.41 -15.88
N THR H 272 19.23 30.71 -14.81
CA THR H 272 20.25 30.36 -13.83
C THR H 272 21.33 29.49 -14.46
N HIS H 273 20.93 28.68 -15.44
CA HIS H 273 21.84 27.78 -16.12
C HIS H 273 22.69 28.46 -17.18
N ARG H 274 22.23 29.60 -17.68
CA ARG H 274 23.01 30.33 -18.68
C ARG H 274 24.08 31.12 -17.92
N LEU H 275 23.70 31.62 -16.75
CA LEU H 275 24.59 32.39 -15.87
C LEU H 275 25.84 31.62 -15.49
N ILE H 276 25.81 30.30 -15.70
CA ILE H 276 26.94 29.46 -15.34
C ILE H 276 27.42 28.61 -16.51
N TYR H 277 26.75 28.69 -17.65
CA TYR H 277 27.18 27.88 -18.78
C TYR H 277 26.94 28.55 -20.11
N GLY H 278 26.63 29.84 -20.08
CA GLY H 278 26.39 30.57 -21.30
C GLY H 278 25.27 29.97 -22.13
N ALA H 279 25.09 30.48 -23.35
CA ALA H 279 24.06 30.00 -24.26
C ALA H 279 24.16 28.49 -24.42
N LYS H 280 23.05 27.87 -24.81
CA LYS H 280 23.03 26.43 -24.99
C LYS H 280 23.30 26.04 -26.44
N ASP H 281 23.64 24.77 -26.61
CA ASP H 281 23.92 24.19 -27.91
C ASP H 281 22.90 24.59 -28.96
N ASP H 282 23.24 24.40 -30.23
CA ASP H 282 22.34 24.73 -31.33
C ASP H 282 21.59 23.46 -31.73
N SER H 283 21.73 22.44 -30.89
CA SER H 283 21.12 21.14 -31.11
C SER H 283 19.60 21.16 -31.33
N GLY H 284 18.90 22.04 -30.63
CA GLY H 284 17.47 22.09 -30.76
C GLY H 284 16.86 21.02 -29.89
N GLN H 285 17.74 20.29 -29.21
CA GLN H 285 17.32 19.21 -28.31
C GLN H 285 16.77 19.78 -27.02
N ARG H 286 15.86 19.05 -26.38
CA ARG H 286 15.28 19.49 -25.11
C ARG H 286 16.23 19.16 -23.99
N TYR H 287 16.08 19.84 -22.86
CA TYR H 287 16.91 19.58 -21.70
C TYR H 287 18.39 19.93 -21.81
N LEU H 288 18.74 20.90 -22.65
CA LEU H 288 20.13 21.32 -22.78
C LEU H 288 20.45 22.21 -21.59
N ALA H 289 19.41 22.65 -20.89
CA ALA H 289 19.56 23.50 -19.71
C ALA H 289 18.55 23.05 -18.68
N TRP H 290 18.69 23.56 -17.46
CA TRP H 290 17.76 23.21 -16.41
C TRP H 290 16.35 23.64 -16.78
N SER H 291 15.36 22.87 -16.33
CA SER H 291 13.96 23.20 -16.58
C SER H 291 13.13 22.95 -15.33
N GLY H 292 11.81 23.04 -15.46
CA GLY H 292 10.92 22.87 -14.32
C GLY H 292 11.19 21.68 -13.44
N HIS H 293 11.28 20.50 -14.04
CA HIS H 293 11.51 19.27 -13.30
C HIS H 293 12.92 19.00 -12.87
N SER H 294 13.86 19.81 -13.35
CA SER H 294 15.27 19.65 -13.02
C SER H 294 15.57 19.38 -11.55
N ALA H 295 14.93 20.13 -10.65
CA ALA H 295 15.18 19.92 -9.23
C ALA H 295 14.56 18.63 -8.72
N ARG H 296 13.43 18.23 -9.28
CA ARG H 296 12.77 16.99 -8.87
C ARG H 296 13.71 15.80 -9.10
N VAL H 297 14.30 15.70 -10.30
CA VAL H 297 15.17 14.55 -10.54
C VAL H 297 16.49 14.71 -9.79
N GLY H 298 16.93 15.95 -9.64
CA GLY H 298 18.18 16.18 -8.93
C GLY H 298 18.12 15.73 -7.49
N ALA H 299 17.10 16.19 -6.78
CA ALA H 299 16.96 15.85 -5.37
C ALA H 299 16.73 14.37 -5.23
N ALA H 300 16.03 13.79 -6.19
CA ALA H 300 15.77 12.36 -6.14
C ALA H 300 17.12 11.68 -6.04
N ARG H 301 18.00 12.03 -6.98
CA ARG H 301 19.36 11.49 -7.05
C ARG H 301 20.16 11.73 -5.77
N ASP H 302 20.13 12.94 -5.23
CA ASP H 302 20.89 13.19 -4.02
C ASP H 302 20.40 12.28 -2.90
N MET H 303 19.10 12.18 -2.71
CA MET H 303 18.59 11.33 -1.65
C MET H 303 19.09 9.91 -1.88
N ALA H 304 19.00 9.46 -3.12
CA ALA H 304 19.46 8.14 -3.48
C ALA H 304 20.91 7.93 -2.99
N ARG H 305 21.82 8.81 -3.40
CA ARG H 305 23.21 8.72 -3.01
C ARG H 305 23.42 8.87 -1.51
N ALA H 306 22.45 9.41 -0.80
CA ALA H 306 22.59 9.60 0.63
C ALA H 306 22.10 8.37 1.38
N GLY H 307 21.47 7.45 0.64
CA GLY H 307 20.98 6.24 1.26
C GLY H 307 19.61 6.35 1.91
N VAL H 308 18.79 7.29 1.44
CA VAL H 308 17.46 7.47 2.00
C VAL H 308 16.60 6.27 1.60
N SER H 309 15.71 5.84 2.50
CA SER H 309 14.85 4.67 2.25
C SER H 309 13.78 4.87 1.20
N ILE H 310 13.24 3.78 0.68
CA ILE H 310 12.22 3.90 -0.34
C ILE H 310 11.02 4.72 0.16
N PRO H 311 10.54 4.43 1.37
CA PRO H 311 9.39 5.23 1.81
C PRO H 311 9.69 6.70 2.02
N GLU H 312 10.91 7.06 2.36
CA GLU H 312 11.20 8.47 2.55
C GLU H 312 11.40 9.20 1.22
N ILE H 313 12.06 8.56 0.26
CA ILE H 313 12.28 9.17 -1.04
C ILE H 313 10.91 9.41 -1.67
N MET H 314 9.96 8.54 -1.38
CA MET H 314 8.64 8.72 -1.94
C MET H 314 7.86 9.82 -1.25
N GLN H 315 7.96 9.87 0.07
CA GLN H 315 7.28 10.87 0.86
C GLN H 315 7.76 12.25 0.42
N ALA H 316 9.02 12.29 -0.01
CA ALA H 316 9.65 13.52 -0.46
C ALA H 316 9.12 14.09 -1.75
N GLY H 317 8.90 13.23 -2.74
CA GLY H 317 8.42 13.69 -4.03
C GLY H 317 6.98 13.35 -4.34
N GLY H 318 6.23 12.96 -3.32
CA GLY H 318 4.83 12.62 -3.51
C GLY H 318 4.58 11.37 -4.34
N TRP H 319 5.54 10.45 -4.33
CA TRP H 319 5.38 9.23 -5.09
C TRP H 319 4.80 8.14 -4.20
N THR H 320 4.36 7.05 -4.82
CA THR H 320 3.82 5.91 -4.08
C THR H 320 4.46 4.61 -4.55
N ASN H 321 4.95 4.61 -5.79
CA ASN H 321 5.63 3.46 -6.37
C ASN H 321 7.08 3.88 -6.45
N VAL H 322 7.95 3.02 -6.95
CA VAL H 322 9.38 3.35 -7.02
C VAL H 322 9.90 3.69 -8.42
N ASN H 323 9.14 3.29 -9.43
CA ASN H 323 9.48 3.50 -10.84
C ASN H 323 10.15 4.78 -11.33
N ILE H 324 9.57 5.94 -11.04
CA ILE H 324 10.17 7.19 -11.51
C ILE H 324 11.46 7.52 -10.76
N VAL H 325 11.52 7.09 -9.50
CA VAL H 325 12.70 7.31 -8.67
C VAL H 325 13.83 6.56 -9.35
N MET H 326 13.56 5.28 -9.65
CA MET H 326 14.52 4.43 -10.31
C MET H 326 14.80 5.01 -11.69
N ASN H 327 13.80 5.68 -12.24
CA ASN H 327 13.95 6.28 -13.55
C ASN H 327 14.98 7.41 -13.46
N TYR H 328 14.70 8.40 -12.60
CA TYR H 328 15.57 9.54 -12.39
C TYR H 328 16.99 9.17 -11.95
N ILE H 329 17.24 7.89 -11.71
CA ILE H 329 18.58 7.48 -11.27
C ILE H 329 19.54 6.99 -12.37
N ARG H 330 20.81 7.30 -12.15
CA ARG H 330 21.91 6.96 -13.05
C ARG H 330 23.20 7.35 -12.33
N ASN H 331 23.02 8.01 -11.19
CA ASN H 331 24.11 8.48 -10.33
C ASN H 331 25.49 8.58 -10.95
N LEU H 332 26.50 8.20 -10.16
CA LEU H 332 27.92 8.25 -10.54
C LEU H 332 28.30 7.48 -11.80
N ASP H 333 29.32 8.01 -12.50
CA ASP H 333 29.81 7.38 -13.72
C ASP H 333 31.34 7.35 -13.79
N SER H 334 31.99 8.35 -13.22
CA SER H 334 33.46 8.39 -13.22
C SER H 334 33.94 7.23 -12.36
N GLU H 335 34.49 7.54 -11.19
CA GLU H 335 34.96 6.48 -10.28
C GLU H 335 33.72 5.65 -10.01
N THR H 336 32.58 6.34 -10.00
CA THR H 336 31.30 5.72 -9.74
C THR H 336 31.37 5.05 -8.37
N GLY H 337 30.24 4.54 -7.91
CA GLY H 337 30.20 3.87 -6.62
C GLY H 337 29.60 2.49 -6.79
N ALA H 338 28.52 2.24 -6.06
CA ALA H 338 27.82 0.96 -6.14
C ALA H 338 28.81 -0.20 -6.09
N MET H 339 28.87 -0.94 -7.20
CA MET H 339 29.74 -2.10 -7.30
C MET H 339 31.22 -1.77 -7.36
N VAL H 340 31.60 -0.68 -8.01
CA VAL H 340 33.00 -0.32 -8.07
C VAL H 340 33.58 -0.13 -6.67
N ARG H 341 33.01 0.79 -5.90
CA ARG H 341 33.50 1.02 -4.54
C ARG H 341 33.63 -0.33 -3.84
N LEU H 342 32.57 -1.13 -3.97
CA LEU H 342 32.51 -2.44 -3.36
C LEU H 342 33.69 -3.32 -3.81
N LEU H 343 33.86 -3.43 -5.13
CA LEU H 343 34.94 -4.25 -5.68
C LEU H 343 36.33 -3.74 -5.31
N GLU H 344 36.55 -2.44 -5.51
CA GLU H 344 37.84 -1.84 -5.21
C GLU H 344 38.13 -1.78 -3.72
N ASP H 345 37.65 -2.81 -3.02
CA ASP H 345 37.81 -2.98 -1.57
C ASP H 345 38.32 -1.76 -0.83
I IOD I . -4.38 -33.24 22.30
MG MG J . -11.14 -9.21 2.72
MG MG K . -26.75 14.95 15.20
MG MG L . -27.14 31.79 29.13
MG MG M . -2.46 5.68 -13.23
MG MG N . -3.51 4.14 -23.85
MG MG O . -4.82 29.58 21.98
MG MG P . 0.55 25.76 22.92
MG MG Q . -19.32 24.96 32.15
MG MG R . -14.60 27.55 34.37
I IOD S . 9.99 34.17 -18.98
MG MG T . -20.60 6.98 -19.28
#